data_2P4D
# 
_entry.id   2P4D 
# 
_audit_conform.dict_name       mmcif_pdbx.dic 
_audit_conform.dict_version    5.398 
_audit_conform.dict_location   http://mmcif.pdb.org/dictionaries/ascii/mmcif_pdbx.dic 
# 
loop_
_database_2.database_id 
_database_2.database_code 
_database_2.pdbx_database_accession 
_database_2.pdbx_DOI 
PDB   2P4D         pdb_00002p4d 10.2210/pdb2p4d/pdb 
RCSB  RCSB041950   ?            ?                   
WWPDB D_1000041950 ?            ?                   
# 
loop_
_pdbx_audit_revision_history.ordinal 
_pdbx_audit_revision_history.data_content_type 
_pdbx_audit_revision_history.major_revision 
_pdbx_audit_revision_history.minor_revision 
_pdbx_audit_revision_history.revision_date 
1 'Structure model' 1 0 2007-05-29 
2 'Structure model' 1 1 2008-05-01 
3 'Structure model' 1 2 2011-07-13 
4 'Structure model' 1 3 2017-10-11 
5 'Structure model' 1 4 2024-11-13 
# 
_pdbx_audit_revision_details.ordinal             1 
_pdbx_audit_revision_details.revision_ordinal    1 
_pdbx_audit_revision_details.data_content_type   'Structure model' 
_pdbx_audit_revision_details.provider            repository 
_pdbx_audit_revision_details.type                'Initial release' 
_pdbx_audit_revision_details.description         ? 
_pdbx_audit_revision_details.details             ? 
# 
loop_
_pdbx_audit_revision_group.ordinal 
_pdbx_audit_revision_group.revision_ordinal 
_pdbx_audit_revision_group.data_content_type 
_pdbx_audit_revision_group.group 
1 2 'Structure model' 'Version format compliance' 
2 3 'Structure model' 'Version format compliance' 
3 4 'Structure model' 'Data collection'           
4 4 'Structure model' 'Refinement description'    
5 5 'Structure model' 'Data collection'           
6 5 'Structure model' 'Database references'       
7 5 'Structure model' 'Derived calculations'      
8 5 'Structure model' 'Structure summary'         
# 
loop_
_pdbx_audit_revision_category.ordinal 
_pdbx_audit_revision_category.revision_ordinal 
_pdbx_audit_revision_category.data_content_type 
_pdbx_audit_revision_category.category 
1 4 'Structure model' reflns_shell              
2 4 'Structure model' software                  
3 5 'Structure model' chem_comp_atom            
4 5 'Structure model' chem_comp_bond            
5 5 'Structure model' database_2                
6 5 'Structure model' pdbx_entry_details        
7 5 'Structure model' pdbx_modification_feature 
8 5 'Structure model' struct_conn               
9 5 'Structure model' struct_ref_seq_dif        
# 
loop_
_pdbx_audit_revision_item.ordinal 
_pdbx_audit_revision_item.revision_ordinal 
_pdbx_audit_revision_item.data_content_type 
_pdbx_audit_revision_item.item 
1 4 'Structure model' '_reflns_shell.percent_possible_all'  
2 4 'Structure model' '_software.name'                      
3 5 'Structure model' '_database_2.pdbx_DOI'                
4 5 'Structure model' '_database_2.pdbx_database_accession' 
5 5 'Structure model' '_struct_conn.pdbx_leaving_atom_flag' 
6 5 'Structure model' '_struct_ref_seq_dif.details'         
# 
_pdbx_database_status.entry_id                        2P4D 
_pdbx_database_status.deposit_site                    RCSB 
_pdbx_database_status.process_site                    RCSB 
_pdbx_database_status.recvd_initial_deposition_date   2007-03-12 
_pdbx_database_status.status_code                     REL 
_pdbx_database_status.status_code_sf                  REL 
_pdbx_database_status.status_code_mr                  ? 
_pdbx_database_status.SG_entry                        ? 
_pdbx_database_status.pdb_format_compatible           Y 
_pdbx_database_status.status_code_cs                  ? 
_pdbx_database_status.methods_development_category    ? 
_pdbx_database_status.status_code_nmr_data            ? 
# 
loop_
_audit_author.name 
_audit_author.pdbx_ordinal 
'Phan, J.'     1 
'Tropea, J.E.' 2 
'Waugh, D.S.'  3 
# 
_citation.id                        primary 
_citation.title                     'Structure-assisted discovery of variola major H1 phosphatase inhibitors' 
_citation.journal_abbrev            'Acta Crystallogr.,Sect.D' 
_citation.journal_volume            D63 
_citation.page_first                698 
_citation.page_last                 704 
_citation.year                      2007 
_citation.journal_id_ASTM           ABCRE6 
_citation.country                   DK 
_citation.journal_id_ISSN           0907-4449 
_citation.journal_id_CSD            0766 
_citation.book_publisher            ? 
_citation.pdbx_database_id_PubMed   17505108 
_citation.pdbx_database_id_DOI      10.1107/S0907444907014904 
# 
loop_
_citation_author.citation_id 
_citation_author.name 
_citation_author.ordinal 
_citation_author.identifier_ORCID 
primary 'Phan, J.'     1 ? 
primary 'Tropea, J.E.' 2 ? 
primary 'Waugh, D.S.'  3 ? 
# 
loop_
_entity.id 
_entity.type 
_entity.src_method 
_entity.pdbx_description 
_entity.formula_weight 
_entity.pdbx_number_of_molecules 
_entity.pdbx_ec 
_entity.pdbx_mutation 
_entity.pdbx_fragment 
_entity.details 
1 polymer man 'Dual specificity protein phosphatase' 20235.174 1   '3.1.3.48, 3.1.3.16' ? Enzyme ? 
2 water   nat water                                  18.015    190 ?                    ? ?      ? 
# 
_entity_name_com.entity_id   1 
_entity_name_com.name        'Late protein H1' 
# 
_entity_poly.entity_id                      1 
_entity_poly.type                           'polypeptide(L)' 
_entity_poly.nstd_linkage                   no 
_entity_poly.nstd_monomer                   yes 
_entity_poly.pdbx_seq_one_letter_code       
;SMDKKSLYKYLLLRSTGD(MSE)RRAKSPTI(MSE)TRVTNNVYLGNYKNA(MSE)NAPSSEVKFKYVLNLT(MSE)DKY
TLPNSNINIIHIPLVDDTTTDISKYFDDVTAFLSKCDQRNEPVLVHCVAGVNRSGA(MSE)ILAYL(MSE)SKNKESSP
(MSE)LYFLYVYHS(MSE)RDLRGAFVENPSFKRQIIEKYVIDKN
;
_entity_poly.pdbx_seq_one_letter_code_can   
;SMDKKSLYKYLLLRSTGDMRRAKSPTIMTRVTNNVYLGNYKNAMNAPSSEVKFKYVLNLTMDKYTLPNSNINIIHIPLVD
DTTTDISKYFDDVTAFLSKCDQRNEPVLVHCVAGVNRSGAMILAYLMSKNKESSPMLYFLYVYHSMRDLRGAFVENPSFK
RQIIEKYVIDKN
;
_entity_poly.pdbx_strand_id                 A 
_entity_poly.pdbx_target_identifier         ? 
# 
_pdbx_entity_nonpoly.entity_id   2 
_pdbx_entity_nonpoly.name        water 
_pdbx_entity_nonpoly.comp_id     HOH 
# 
loop_
_entity_poly_seq.entity_id 
_entity_poly_seq.num 
_entity_poly_seq.mon_id 
_entity_poly_seq.hetero 
1 1   SER n 
1 2   MET n 
1 3   ASP n 
1 4   LYS n 
1 5   LYS n 
1 6   SER n 
1 7   LEU n 
1 8   TYR n 
1 9   LYS n 
1 10  TYR n 
1 11  LEU n 
1 12  LEU n 
1 13  LEU n 
1 14  ARG n 
1 15  SER n 
1 16  THR n 
1 17  GLY n 
1 18  ASP n 
1 19  MSE n 
1 20  ARG n 
1 21  ARG n 
1 22  ALA n 
1 23  LYS n 
1 24  SER n 
1 25  PRO n 
1 26  THR n 
1 27  ILE n 
1 28  MSE n 
1 29  THR n 
1 30  ARG n 
1 31  VAL n 
1 32  THR n 
1 33  ASN n 
1 34  ASN n 
1 35  VAL n 
1 36  TYR n 
1 37  LEU n 
1 38  GLY n 
1 39  ASN n 
1 40  TYR n 
1 41  LYS n 
1 42  ASN n 
1 43  ALA n 
1 44  MSE n 
1 45  ASN n 
1 46  ALA n 
1 47  PRO n 
1 48  SER n 
1 49  SER n 
1 50  GLU n 
1 51  VAL n 
1 52  LYS n 
1 53  PHE n 
1 54  LYS n 
1 55  TYR n 
1 56  VAL n 
1 57  LEU n 
1 58  ASN n 
1 59  LEU n 
1 60  THR n 
1 61  MSE n 
1 62  ASP n 
1 63  LYS n 
1 64  TYR n 
1 65  THR n 
1 66  LEU n 
1 67  PRO n 
1 68  ASN n 
1 69  SER n 
1 70  ASN n 
1 71  ILE n 
1 72  ASN n 
1 73  ILE n 
1 74  ILE n 
1 75  HIS n 
1 76  ILE n 
1 77  PRO n 
1 78  LEU n 
1 79  VAL n 
1 80  ASP n 
1 81  ASP n 
1 82  THR n 
1 83  THR n 
1 84  THR n 
1 85  ASP n 
1 86  ILE n 
1 87  SER n 
1 88  LYS n 
1 89  TYR n 
1 90  PHE n 
1 91  ASP n 
1 92  ASP n 
1 93  VAL n 
1 94  THR n 
1 95  ALA n 
1 96  PHE n 
1 97  LEU n 
1 98  SER n 
1 99  LYS n 
1 100 CYS n 
1 101 ASP n 
1 102 GLN n 
1 103 ARG n 
1 104 ASN n 
1 105 GLU n 
1 106 PRO n 
1 107 VAL n 
1 108 LEU n 
1 109 VAL n 
1 110 HIS n 
1 111 CYS n 
1 112 VAL n 
1 113 ALA n 
1 114 GLY n 
1 115 VAL n 
1 116 ASN n 
1 117 ARG n 
1 118 SER n 
1 119 GLY n 
1 120 ALA n 
1 121 MSE n 
1 122 ILE n 
1 123 LEU n 
1 124 ALA n 
1 125 TYR n 
1 126 LEU n 
1 127 MSE n 
1 128 SER n 
1 129 LYS n 
1 130 ASN n 
1 131 LYS n 
1 132 GLU n 
1 133 SER n 
1 134 SER n 
1 135 PRO n 
1 136 MSE n 
1 137 LEU n 
1 138 TYR n 
1 139 PHE n 
1 140 LEU n 
1 141 TYR n 
1 142 VAL n 
1 143 TYR n 
1 144 HIS n 
1 145 SER n 
1 146 MSE n 
1 147 ARG n 
1 148 ASP n 
1 149 LEU n 
1 150 ARG n 
1 151 GLY n 
1 152 ALA n 
1 153 PHE n 
1 154 VAL n 
1 155 GLU n 
1 156 ASN n 
1 157 PRO n 
1 158 SER n 
1 159 PHE n 
1 160 LYS n 
1 161 ARG n 
1 162 GLN n 
1 163 ILE n 
1 164 ILE n 
1 165 GLU n 
1 166 LYS n 
1 167 TYR n 
1 168 VAL n 
1 169 ILE n 
1 170 ASP n 
1 171 LYS n 
1 172 ASN n 
# 
_entity_src_gen.entity_id                          1 
_entity_src_gen.pdbx_src_id                        1 
_entity_src_gen.pdbx_alt_source_flag               sample 
_entity_src_gen.pdbx_seq_type                      ? 
_entity_src_gen.pdbx_beg_seq_num                   ? 
_entity_src_gen.pdbx_end_seq_num                   ? 
_entity_src_gen.gene_src_common_name               ? 
_entity_src_gen.gene_src_genus                     Orthopoxvirus 
_entity_src_gen.pdbx_gene_src_gene                 ? 
_entity_src_gen.gene_src_species                   ? 
_entity_src_gen.gene_src_strain                    ? 
_entity_src_gen.gene_src_tissue                    ? 
_entity_src_gen.gene_src_tissue_fraction           ? 
_entity_src_gen.gene_src_details                   ? 
_entity_src_gen.pdbx_gene_src_fragment             ? 
_entity_src_gen.pdbx_gene_src_scientific_name      'Variola virus' 
_entity_src_gen.pdbx_gene_src_ncbi_taxonomy_id     10255 
_entity_src_gen.pdbx_gene_src_variant              ? 
_entity_src_gen.pdbx_gene_src_cell_line            ? 
_entity_src_gen.pdbx_gene_src_atcc                 ? 
_entity_src_gen.pdbx_gene_src_organ                ? 
_entity_src_gen.pdbx_gene_src_organelle            ? 
_entity_src_gen.pdbx_gene_src_cell                 ? 
_entity_src_gen.pdbx_gene_src_cellular_location    ? 
_entity_src_gen.host_org_common_name               ? 
_entity_src_gen.pdbx_host_org_scientific_name      'Escherichia coli BL21(DE3)' 
_entity_src_gen.pdbx_host_org_ncbi_taxonomy_id     469008 
_entity_src_gen.host_org_genus                     Escherichia 
_entity_src_gen.pdbx_host_org_gene                 ? 
_entity_src_gen.pdbx_host_org_organ                ? 
_entity_src_gen.host_org_species                   'Escherichia coli' 
_entity_src_gen.pdbx_host_org_tissue               ? 
_entity_src_gen.pdbx_host_org_tissue_fraction      ? 
_entity_src_gen.pdbx_host_org_strain               'BL21(DE3)' 
_entity_src_gen.pdbx_host_org_variant              ? 
_entity_src_gen.pdbx_host_org_cell_line            ? 
_entity_src_gen.pdbx_host_org_atcc                 ? 
_entity_src_gen.pdbx_host_org_culture_collection   ? 
_entity_src_gen.pdbx_host_org_cell                 ? 
_entity_src_gen.pdbx_host_org_organelle            ? 
_entity_src_gen.pdbx_host_org_cellular_location    ? 
_entity_src_gen.pdbx_host_org_vector_type          Plasmid 
_entity_src_gen.pdbx_host_org_vector               ? 
_entity_src_gen.host_org_details                   ? 
_entity_src_gen.expression_system_id               ? 
_entity_src_gen.plasmid_name                       pVPPase2 
_entity_src_gen.plasmid_details                    ? 
_entity_src_gen.pdbx_description                   ? 
# 
loop_
_chem_comp.id 
_chem_comp.type 
_chem_comp.mon_nstd_flag 
_chem_comp.name 
_chem_comp.pdbx_synonyms 
_chem_comp.formula 
_chem_comp.formula_weight 
ALA 'L-peptide linking' y ALANINE          ? 'C3 H7 N O2'     89.093  
ARG 'L-peptide linking' y ARGININE         ? 'C6 H15 N4 O2 1' 175.209 
ASN 'L-peptide linking' y ASPARAGINE       ? 'C4 H8 N2 O3'    132.118 
ASP 'L-peptide linking' y 'ASPARTIC ACID'  ? 'C4 H7 N O4'     133.103 
CYS 'L-peptide linking' y CYSTEINE         ? 'C3 H7 N O2 S'   121.158 
GLN 'L-peptide linking' y GLUTAMINE        ? 'C5 H10 N2 O3'   146.144 
GLU 'L-peptide linking' y 'GLUTAMIC ACID'  ? 'C5 H9 N O4'     147.129 
GLY 'peptide linking'   y GLYCINE          ? 'C2 H5 N O2'     75.067  
HIS 'L-peptide linking' y HISTIDINE        ? 'C6 H10 N3 O2 1' 156.162 
HOH non-polymer         . WATER            ? 'H2 O'           18.015  
ILE 'L-peptide linking' y ISOLEUCINE       ? 'C6 H13 N O2'    131.173 
LEU 'L-peptide linking' y LEUCINE          ? 'C6 H13 N O2'    131.173 
LYS 'L-peptide linking' y LYSINE           ? 'C6 H15 N2 O2 1' 147.195 
MET 'L-peptide linking' y METHIONINE       ? 'C5 H11 N O2 S'  149.211 
MSE 'L-peptide linking' n SELENOMETHIONINE ? 'C5 H11 N O2 Se' 196.106 
PHE 'L-peptide linking' y PHENYLALANINE    ? 'C9 H11 N O2'    165.189 
PRO 'L-peptide linking' y PROLINE          ? 'C5 H9 N O2'     115.130 
SER 'L-peptide linking' y SERINE           ? 'C3 H7 N O3'     105.093 
THR 'L-peptide linking' y THREONINE        ? 'C4 H9 N O3'     119.119 
TYR 'L-peptide linking' y TYROSINE         ? 'C9 H11 N O3'    181.189 
VAL 'L-peptide linking' y VALINE           ? 'C5 H11 N O2'    117.146 
# 
loop_
_pdbx_poly_seq_scheme.asym_id 
_pdbx_poly_seq_scheme.entity_id 
_pdbx_poly_seq_scheme.seq_id 
_pdbx_poly_seq_scheme.mon_id 
_pdbx_poly_seq_scheme.ndb_seq_num 
_pdbx_poly_seq_scheme.pdb_seq_num 
_pdbx_poly_seq_scheme.auth_seq_num 
_pdbx_poly_seq_scheme.pdb_mon_id 
_pdbx_poly_seq_scheme.auth_mon_id 
_pdbx_poly_seq_scheme.pdb_strand_id 
_pdbx_poly_seq_scheme.pdb_ins_code 
_pdbx_poly_seq_scheme.hetero 
A 1 1   SER 1   0   ?   ?   ?   A . n 
A 1 2   MET 2   1   ?   ?   ?   A . n 
A 1 3   ASP 3   2   ?   ?   ?   A . n 
A 1 4   LYS 4   3   ?   ?   ?   A . n 
A 1 5   LYS 5   4   ?   ?   ?   A . n 
A 1 6   SER 6   5   5   SER SER A . n 
A 1 7   LEU 7   6   6   LEU LEU A . n 
A 1 8   TYR 8   7   7   TYR TYR A . n 
A 1 9   LYS 9   8   8   LYS LYS A . n 
A 1 10  TYR 10  9   9   TYR TYR A . n 
A 1 11  LEU 11  10  10  LEU LEU A . n 
A 1 12  LEU 12  11  11  LEU LEU A . n 
A 1 13  LEU 13  12  12  LEU LEU A . n 
A 1 14  ARG 14  13  13  ARG ARG A . n 
A 1 15  SER 15  14  14  SER SER A . n 
A 1 16  THR 16  15  15  THR THR A . n 
A 1 17  GLY 17  16  16  GLY GLY A . n 
A 1 18  ASP 18  17  17  ASP ASP A . n 
A 1 19  MSE 19  18  18  MSE MSE A . n 
A 1 20  ARG 20  19  19  ARG ARG A . n 
A 1 21  ARG 21  20  20  ARG ARG A . n 
A 1 22  ALA 22  21  21  ALA ALA A . n 
A 1 23  LYS 23  22  22  LYS LYS A . n 
A 1 24  SER 24  23  23  SER SER A . n 
A 1 25  PRO 25  24  24  PRO PRO A . n 
A 1 26  THR 26  25  25  THR THR A . n 
A 1 27  ILE 27  26  26  ILE ILE A . n 
A 1 28  MSE 28  27  27  MSE MSE A . n 
A 1 29  THR 29  28  28  THR THR A . n 
A 1 30  ARG 30  29  29  ARG ARG A . n 
A 1 31  VAL 31  30  30  VAL VAL A . n 
A 1 32  THR 32  31  31  THR THR A . n 
A 1 33  ASN 33  32  32  ASN ASN A . n 
A 1 34  ASN 34  33  33  ASN ASN A . n 
A 1 35  VAL 35  34  34  VAL VAL A . n 
A 1 36  TYR 36  35  35  TYR TYR A . n 
A 1 37  LEU 37  36  36  LEU LEU A . n 
A 1 38  GLY 38  37  37  GLY GLY A . n 
A 1 39  ASN 39  38  38  ASN ASN A . n 
A 1 40  TYR 40  39  39  TYR TYR A . n 
A 1 41  LYS 41  40  40  LYS LYS A . n 
A 1 42  ASN 42  41  41  ASN ASN A . n 
A 1 43  ALA 43  42  42  ALA ALA A . n 
A 1 44  MSE 44  43  43  MSE MSE A . n 
A 1 45  ASN 45  44  44  ASN ASN A . n 
A 1 46  ALA 46  45  45  ALA ALA A . n 
A 1 47  PRO 47  46  46  PRO PRO A . n 
A 1 48  SER 48  47  47  SER SER A . n 
A 1 49  SER 49  48  48  SER SER A . n 
A 1 50  GLU 50  49  49  GLU GLU A . n 
A 1 51  VAL 51  50  50  VAL VAL A . n 
A 1 52  LYS 52  51  51  LYS LYS A . n 
A 1 53  PHE 53  52  52  PHE PHE A . n 
A 1 54  LYS 54  53  53  LYS LYS A . n 
A 1 55  TYR 55  54  54  TYR TYR A . n 
A 1 56  VAL 56  55  55  VAL VAL A . n 
A 1 57  LEU 57  56  56  LEU LEU A . n 
A 1 58  ASN 58  57  57  ASN ASN A . n 
A 1 59  LEU 59  58  58  LEU LEU A . n 
A 1 60  THR 60  59  59  THR THR A . n 
A 1 61  MSE 61  60  60  MSE MSE A . n 
A 1 62  ASP 62  61  61  ASP ASP A . n 
A 1 63  LYS 63  62  62  LYS LYS A . n 
A 1 64  TYR 64  63  63  TYR TYR A . n 
A 1 65  THR 65  64  64  THR THR A . n 
A 1 66  LEU 66  65  65  LEU LEU A . n 
A 1 67  PRO 67  66  66  PRO PRO A . n 
A 1 68  ASN 68  67  67  ASN ASN A . n 
A 1 69  SER 69  68  68  SER SER A . n 
A 1 70  ASN 70  69  69  ASN ASN A . n 
A 1 71  ILE 71  70  70  ILE ILE A . n 
A 1 72  ASN 72  71  71  ASN ASN A . n 
A 1 73  ILE 73  72  72  ILE ILE A . n 
A 1 74  ILE 74  73  73  ILE ILE A . n 
A 1 75  HIS 75  74  74  HIS HIS A . n 
A 1 76  ILE 76  75  75  ILE ILE A . n 
A 1 77  PRO 77  76  76  PRO PRO A . n 
A 1 78  LEU 78  77  77  LEU LEU A . n 
A 1 79  VAL 79  78  78  VAL VAL A . n 
A 1 80  ASP 80  79  79  ASP ASP A . n 
A 1 81  ASP 81  80  80  ASP ASP A . n 
A 1 82  THR 82  81  81  THR THR A . n 
A 1 83  THR 83  82  82  THR THR A . n 
A 1 84  THR 84  83  83  THR THR A . n 
A 1 85  ASP 85  84  84  ASP ASP A . n 
A 1 86  ILE 86  85  85  ILE ILE A . n 
A 1 87  SER 87  86  86  SER SER A . n 
A 1 88  LYS 88  87  87  LYS LYS A . n 
A 1 89  TYR 89  88  88  TYR TYR A . n 
A 1 90  PHE 90  89  89  PHE PHE A . n 
A 1 91  ASP 91  90  90  ASP ASP A . n 
A 1 92  ASP 92  91  91  ASP ASP A . n 
A 1 93  VAL 93  92  92  VAL VAL A . n 
A 1 94  THR 94  93  93  THR THR A . n 
A 1 95  ALA 95  94  94  ALA ALA A . n 
A 1 96  PHE 96  95  95  PHE PHE A . n 
A 1 97  LEU 97  96  96  LEU LEU A . n 
A 1 98  SER 98  97  97  SER SER A . n 
A 1 99  LYS 99  98  98  LYS LYS A . n 
A 1 100 CYS 100 99  99  CYS CYS A . n 
A 1 101 ASP 101 100 100 ASP ASP A . n 
A 1 102 GLN 102 101 101 GLN GLN A . n 
A 1 103 ARG 103 102 102 ARG ARG A . n 
A 1 104 ASN 104 103 103 ASN ASN A . n 
A 1 105 GLU 105 104 104 GLU GLU A . n 
A 1 106 PRO 106 105 105 PRO PRO A . n 
A 1 107 VAL 107 106 106 VAL VAL A . n 
A 1 108 LEU 108 107 107 LEU LEU A . n 
A 1 109 VAL 109 108 108 VAL VAL A . n 
A 1 110 HIS 110 109 109 HIS HIS A . n 
A 1 111 CYS 111 110 110 CYS CYS A . n 
A 1 112 VAL 112 111 111 VAL VAL A . n 
A 1 113 ALA 113 112 112 ALA ALA A . n 
A 1 114 GLY 114 113 113 GLY GLY A . n 
A 1 115 VAL 115 114 114 VAL VAL A . n 
A 1 116 ASN 116 115 115 ASN ASN A . n 
A 1 117 ARG 117 116 116 ARG ARG A . n 
A 1 118 SER 118 117 117 SER SER A . n 
A 1 119 GLY 119 118 118 GLY GLY A . n 
A 1 120 ALA 120 119 119 ALA ALA A . n 
A 1 121 MSE 121 120 120 MSE MSE A . n 
A 1 122 ILE 122 121 121 ILE ILE A . n 
A 1 123 LEU 123 122 122 LEU LEU A . n 
A 1 124 ALA 124 123 123 ALA ALA A . n 
A 1 125 TYR 125 124 124 TYR TYR A . n 
A 1 126 LEU 126 125 125 LEU LEU A . n 
A 1 127 MSE 127 126 126 MSE MSE A . n 
A 1 128 SER 128 127 127 SER SER A . n 
A 1 129 LYS 129 128 128 LYS LYS A . n 
A 1 130 ASN 130 129 129 ASN ASN A . n 
A 1 131 LYS 131 130 130 LYS LYS A . n 
A 1 132 GLU 132 131 131 GLU GLU A . n 
A 1 133 SER 133 132 132 SER SER A . n 
A 1 134 SER 134 133 133 SER SER A . n 
A 1 135 PRO 135 134 134 PRO PRO A . n 
A 1 136 MSE 136 135 135 MSE MSE A . n 
A 1 137 LEU 137 136 136 LEU LEU A . n 
A 1 138 TYR 138 137 137 TYR TYR A . n 
A 1 139 PHE 139 138 138 PHE PHE A . n 
A 1 140 LEU 140 139 139 LEU LEU A . n 
A 1 141 TYR 141 140 140 TYR TYR A . n 
A 1 142 VAL 142 141 141 VAL VAL A . n 
A 1 143 TYR 143 142 142 TYR TYR A . n 
A 1 144 HIS 144 143 143 HIS HIS A . n 
A 1 145 SER 145 144 144 SER SER A . n 
A 1 146 MSE 146 145 145 MSE MSE A . n 
A 1 147 ARG 147 146 146 ARG ARG A . n 
A 1 148 ASP 148 147 147 ASP ASP A . n 
A 1 149 LEU 149 148 148 LEU LEU A . n 
A 1 150 ARG 150 149 149 ARG ARG A . n 
A 1 151 GLY 151 150 150 GLY GLY A . n 
A 1 152 ALA 152 151 151 ALA ALA A . n 
A 1 153 PHE 153 152 152 PHE PHE A . n 
A 1 154 VAL 154 153 153 VAL VAL A . n 
A 1 155 GLU 155 154 154 GLU GLU A . n 
A 1 156 ASN 156 155 155 ASN ASN A . n 
A 1 157 PRO 157 156 156 PRO PRO A . n 
A 1 158 SER 158 157 157 SER SER A . n 
A 1 159 PHE 159 158 158 PHE PHE A . n 
A 1 160 LYS 160 159 159 LYS LYS A . n 
A 1 161 ARG 161 160 160 ARG ARG A . n 
A 1 162 GLN 162 161 161 GLN GLN A . n 
A 1 163 ILE 163 162 162 ILE ILE A . n 
A 1 164 ILE 164 163 163 ILE ILE A . n 
A 1 165 GLU 165 164 164 GLU GLU A . n 
A 1 166 LYS 166 165 165 LYS LYS A . n 
A 1 167 TYR 167 166 166 TYR TYR A . n 
A 1 168 VAL 168 167 167 VAL VAL A . n 
A 1 169 ILE 169 168 ?   ?   ?   A . n 
A 1 170 ASP 170 169 ?   ?   ?   A . n 
A 1 171 LYS 171 170 ?   ?   ?   A . n 
A 1 172 ASN 172 171 ?   ?   ?   A . n 
# 
loop_
_pdbx_nonpoly_scheme.asym_id 
_pdbx_nonpoly_scheme.entity_id 
_pdbx_nonpoly_scheme.mon_id 
_pdbx_nonpoly_scheme.ndb_seq_num 
_pdbx_nonpoly_scheme.pdb_seq_num 
_pdbx_nonpoly_scheme.auth_seq_num 
_pdbx_nonpoly_scheme.pdb_mon_id 
_pdbx_nonpoly_scheme.auth_mon_id 
_pdbx_nonpoly_scheme.pdb_strand_id 
_pdbx_nonpoly_scheme.pdb_ins_code 
B 2 HOH 1   172 1   HOH WAT A . 
B 2 HOH 2   173 2   HOH WAT A . 
B 2 HOH 3   174 3   HOH WAT A . 
B 2 HOH 4   175 4   HOH WAT A . 
B 2 HOH 5   176 5   HOH WAT A . 
B 2 HOH 6   177 6   HOH WAT A . 
B 2 HOH 7   178 7   HOH WAT A . 
B 2 HOH 8   179 8   HOH WAT A . 
B 2 HOH 9   180 9   HOH WAT A . 
B 2 HOH 10  181 10  HOH WAT A . 
B 2 HOH 11  182 11  HOH WAT A . 
B 2 HOH 12  183 12  HOH WAT A . 
B 2 HOH 13  184 13  HOH WAT A . 
B 2 HOH 14  185 14  HOH WAT A . 
B 2 HOH 15  186 15  HOH WAT A . 
B 2 HOH 16  187 16  HOH WAT A . 
B 2 HOH 17  188 17  HOH WAT A . 
B 2 HOH 18  189 18  HOH WAT A . 
B 2 HOH 19  190 19  HOH WAT A . 
B 2 HOH 20  191 20  HOH WAT A . 
B 2 HOH 21  192 21  HOH WAT A . 
B 2 HOH 22  193 22  HOH WAT A . 
B 2 HOH 23  194 23  HOH WAT A . 
B 2 HOH 24  195 24  HOH WAT A . 
B 2 HOH 25  196 25  HOH WAT A . 
B 2 HOH 26  197 26  HOH WAT A . 
B 2 HOH 27  198 27  HOH WAT A . 
B 2 HOH 28  199 28  HOH WAT A . 
B 2 HOH 29  200 29  HOH WAT A . 
B 2 HOH 30  201 30  HOH WAT A . 
B 2 HOH 31  202 31  HOH WAT A . 
B 2 HOH 32  203 32  HOH WAT A . 
B 2 HOH 33  204 33  HOH WAT A . 
B 2 HOH 34  205 34  HOH WAT A . 
B 2 HOH 35  206 35  HOH WAT A . 
B 2 HOH 36  207 36  HOH WAT A . 
B 2 HOH 37  208 37  HOH WAT A . 
B 2 HOH 38  209 38  HOH WAT A . 
B 2 HOH 39  210 39  HOH WAT A . 
B 2 HOH 40  211 40  HOH WAT A . 
B 2 HOH 41  212 41  HOH WAT A . 
B 2 HOH 42  213 42  HOH WAT A . 
B 2 HOH 43  214 43  HOH WAT A . 
B 2 HOH 44  215 44  HOH WAT A . 
B 2 HOH 45  216 45  HOH WAT A . 
B 2 HOH 46  217 46  HOH WAT A . 
B 2 HOH 47  218 47  HOH WAT A . 
B 2 HOH 48  219 48  HOH WAT A . 
B 2 HOH 49  220 49  HOH WAT A . 
B 2 HOH 50  221 50  HOH WAT A . 
B 2 HOH 51  222 51  HOH WAT A . 
B 2 HOH 52  223 52  HOH WAT A . 
B 2 HOH 53  224 53  HOH WAT A . 
B 2 HOH 54  225 54  HOH WAT A . 
B 2 HOH 55  226 55  HOH WAT A . 
B 2 HOH 56  227 56  HOH WAT A . 
B 2 HOH 57  228 57  HOH WAT A . 
B 2 HOH 58  229 58  HOH WAT A . 
B 2 HOH 59  230 59  HOH WAT A . 
B 2 HOH 60  231 60  HOH WAT A . 
B 2 HOH 61  232 61  HOH WAT A . 
B 2 HOH 62  233 62  HOH WAT A . 
B 2 HOH 63  234 63  HOH WAT A . 
B 2 HOH 64  235 64  HOH WAT A . 
B 2 HOH 65  236 65  HOH WAT A . 
B 2 HOH 66  237 66  HOH WAT A . 
B 2 HOH 67  238 67  HOH WAT A . 
B 2 HOH 68  239 68  HOH WAT A . 
B 2 HOH 69  240 69  HOH WAT A . 
B 2 HOH 70  241 70  HOH WAT A . 
B 2 HOH 71  242 71  HOH WAT A . 
B 2 HOH 72  243 72  HOH WAT A . 
B 2 HOH 73  244 73  HOH WAT A . 
B 2 HOH 74  245 74  HOH WAT A . 
B 2 HOH 75  246 75  HOH WAT A . 
B 2 HOH 76  247 76  HOH WAT A . 
B 2 HOH 77  248 77  HOH WAT A . 
B 2 HOH 78  249 78  HOH WAT A . 
B 2 HOH 79  250 79  HOH WAT A . 
B 2 HOH 80  251 80  HOH WAT A . 
B 2 HOH 81  252 81  HOH WAT A . 
B 2 HOH 82  253 82  HOH WAT A . 
B 2 HOH 83  254 83  HOH WAT A . 
B 2 HOH 84  255 84  HOH WAT A . 
B 2 HOH 85  256 85  HOH WAT A . 
B 2 HOH 86  257 86  HOH WAT A . 
B 2 HOH 87  258 87  HOH WAT A . 
B 2 HOH 88  259 88  HOH WAT A . 
B 2 HOH 89  260 89  HOH WAT A . 
B 2 HOH 90  261 90  HOH WAT A . 
B 2 HOH 91  262 91  HOH WAT A . 
B 2 HOH 92  263 92  HOH WAT A . 
B 2 HOH 93  264 93  HOH WAT A . 
B 2 HOH 94  265 94  HOH WAT A . 
B 2 HOH 95  266 95  HOH WAT A . 
B 2 HOH 96  267 96  HOH WAT A . 
B 2 HOH 97  268 97  HOH WAT A . 
B 2 HOH 98  269 98  HOH WAT A . 
B 2 HOH 99  270 99  HOH WAT A . 
B 2 HOH 100 271 100 HOH WAT A . 
B 2 HOH 101 272 101 HOH WAT A . 
B 2 HOH 102 273 102 HOH WAT A . 
B 2 HOH 103 274 103 HOH WAT A . 
B 2 HOH 104 275 104 HOH WAT A . 
B 2 HOH 105 276 105 HOH WAT A . 
B 2 HOH 106 277 106 HOH WAT A . 
B 2 HOH 107 278 107 HOH WAT A . 
B 2 HOH 108 279 108 HOH WAT A . 
B 2 HOH 109 280 109 HOH WAT A . 
B 2 HOH 110 281 110 HOH WAT A . 
B 2 HOH 111 282 111 HOH WAT A . 
B 2 HOH 112 283 112 HOH WAT A . 
B 2 HOH 113 284 113 HOH WAT A . 
B 2 HOH 114 285 114 HOH WAT A . 
B 2 HOH 115 286 115 HOH WAT A . 
B 2 HOH 116 287 116 HOH WAT A . 
B 2 HOH 117 288 117 HOH WAT A . 
B 2 HOH 118 289 118 HOH WAT A . 
B 2 HOH 119 290 119 HOH WAT A . 
B 2 HOH 120 291 120 HOH WAT A . 
B 2 HOH 121 292 121 HOH WAT A . 
B 2 HOH 122 293 122 HOH WAT A . 
B 2 HOH 123 294 123 HOH WAT A . 
B 2 HOH 124 295 124 HOH WAT A . 
B 2 HOH 125 296 125 HOH WAT A . 
B 2 HOH 126 297 126 HOH WAT A . 
B 2 HOH 127 298 127 HOH WAT A . 
B 2 HOH 128 299 128 HOH WAT A . 
B 2 HOH 129 300 129 HOH WAT A . 
B 2 HOH 130 301 130 HOH WAT A . 
B 2 HOH 131 302 131 HOH WAT A . 
B 2 HOH 132 303 132 HOH WAT A . 
B 2 HOH 133 304 133 HOH WAT A . 
B 2 HOH 134 305 134 HOH WAT A . 
B 2 HOH 135 306 135 HOH WAT A . 
B 2 HOH 136 307 136 HOH WAT A . 
B 2 HOH 137 308 137 HOH WAT A . 
B 2 HOH 138 309 138 HOH WAT A . 
B 2 HOH 139 310 139 HOH WAT A . 
B 2 HOH 140 311 140 HOH WAT A . 
B 2 HOH 141 312 141 HOH WAT A . 
B 2 HOH 142 313 142 HOH WAT A . 
B 2 HOH 143 314 143 HOH WAT A . 
B 2 HOH 144 315 144 HOH WAT A . 
B 2 HOH 145 316 145 HOH WAT A . 
B 2 HOH 146 317 146 HOH WAT A . 
B 2 HOH 147 318 147 HOH WAT A . 
B 2 HOH 148 319 148 HOH WAT A . 
B 2 HOH 149 320 149 HOH WAT A . 
B 2 HOH 150 321 150 HOH WAT A . 
B 2 HOH 151 322 151 HOH WAT A . 
B 2 HOH 152 323 152 HOH WAT A . 
B 2 HOH 153 324 153 HOH WAT A . 
B 2 HOH 154 325 154 HOH WAT A . 
B 2 HOH 155 326 155 HOH WAT A . 
B 2 HOH 156 327 156 HOH WAT A . 
B 2 HOH 157 328 157 HOH WAT A . 
B 2 HOH 158 329 158 HOH WAT A . 
B 2 HOH 159 330 159 HOH WAT A . 
B 2 HOH 160 331 160 HOH WAT A . 
B 2 HOH 161 332 161 HOH WAT A . 
B 2 HOH 162 333 162 HOH WAT A . 
B 2 HOH 163 334 163 HOH WAT A . 
B 2 HOH 164 335 164 HOH WAT A . 
B 2 HOH 165 336 165 HOH WAT A . 
B 2 HOH 166 337 166 HOH WAT A . 
B 2 HOH 167 338 167 HOH WAT A . 
B 2 HOH 168 339 168 HOH WAT A . 
B 2 HOH 169 340 169 HOH WAT A . 
B 2 HOH 170 341 170 HOH WAT A . 
B 2 HOH 171 342 171 HOH WAT A . 
B 2 HOH 172 343 172 HOH WAT A . 
B 2 HOH 173 344 173 HOH WAT A . 
B 2 HOH 174 345 174 HOH WAT A . 
B 2 HOH 175 346 175 HOH WAT A . 
B 2 HOH 176 347 176 HOH WAT A . 
B 2 HOH 177 348 177 HOH WAT A . 
B 2 HOH 178 349 178 HOH WAT A . 
B 2 HOH 179 350 179 HOH WAT A . 
B 2 HOH 180 351 180 HOH WAT A . 
B 2 HOH 181 352 181 HOH WAT A . 
B 2 HOH 182 353 182 HOH WAT A . 
B 2 HOH 183 354 183 HOH WAT A . 
B 2 HOH 184 355 184 HOH WAT A . 
B 2 HOH 185 356 185 HOH WAT A . 
B 2 HOH 186 357 186 HOH WAT A . 
B 2 HOH 187 358 187 HOH WAT A . 
B 2 HOH 188 359 188 HOH WAT A . 
B 2 HOH 189 360 189 HOH WAT A . 
B 2 HOH 190 361 190 HOH WAT A . 
# 
loop_
_software.name 
_software.version 
_software.date 
_software.type 
_software.contact_author 
_software.contact_author_email 
_software.classification 
_software.location 
_software.language 
_software.citation_id 
_software.pdbx_ordinal 
REFMAC      5.2.0005 ?                program 'Murshudov, G.N.' ccp4@dl.ac.uk            refinement        
http://www.ccp4.ac.uk/main.html  Fortran_77 ? 1 
PDB_EXTRACT 2.000    'April. 3, 2006' package PDB               sw-help@rcsb.rutgers.edu 'data extraction' 
http://pdb.rutgers.edu/software/ C++        ? 2 
MAR345      .        ?                ?       ?                 ?                        'data collection' ? ?          ? 3 
HKL-2000    .        ?                ?       ?                 ?                        'data reduction'  ? ?          ? 4 
HKL-2000    .        ?                ?       ?                 ?                        'data scaling'    ? ?          ? 5 
SHARP       .        ?                ?       ?                 ?                        phasing           ? ?          ? 6 
# 
_cell.length_a           101.441 
_cell.length_b           101.441 
_cell.length_c           95.101 
_cell.angle_alpha        90.000 
_cell.angle_beta         90.000 
_cell.angle_gamma        90.000 
_cell.entry_id           2P4D 
_cell.pdbx_unique_axis   ? 
_cell.Z_PDB              16 
_cell.length_a_esd       ? 
_cell.length_b_esd       ? 
_cell.length_c_esd       ? 
_cell.angle_alpha_esd    ? 
_cell.angle_beta_esd     ? 
_cell.angle_gamma_esd    ? 
# 
_symmetry.space_group_name_H-M             'I 41 2 2' 
_symmetry.entry_id                         2P4D 
_symmetry.pdbx_full_space_group_name_H-M   ? 
_symmetry.Int_Tables_number                98 
_symmetry.cell_setting                     ? 
_symmetry.space_group_name_Hall            ? 
# 
_exptl.crystals_number   1 
_exptl.entry_id          2P4D 
_exptl.method            'X-RAY DIFFRACTION' 
# 
_exptl_crystal.id                    1 
_exptl_crystal.density_Matthews      3.1 
_exptl_crystal.density_meas          ? 
_exptl_crystal.density_percent_sol   60.0 
_exptl_crystal.description           ? 
_exptl_crystal.F_000                 ? 
_exptl_crystal.preparation           ? 
# 
_exptl_crystal_grow.crystal_id      1 
_exptl_crystal_grow.method          'VAPOR DIFFUSION, SITTING DROP' 
_exptl_crystal_grow.pH              6.5 
_exptl_crystal_grow.temp            290 
_exptl_crystal_grow.temp_details    ? 
_exptl_crystal_grow.pdbx_details    
'26% PEG MME 2000, 1.5 M KF, 3 mM Na3VO4, 0.1 M Bis-Tris, pH 6.5, VAPOR DIFFUSION, SITTING DROP, temperature 290K' 
_exptl_crystal_grow.pdbx_pH_range   . 
# 
_diffrn.id                     1 
_diffrn.ambient_temp           100 
_diffrn.ambient_temp_details   ? 
_diffrn.crystal_id             1 
# 
_diffrn_detector.diffrn_id              1 
_diffrn_detector.detector               CCD 
_diffrn_detector.type                   'MAR CCD 165 mm' 
_diffrn_detector.pdbx_collection_date   2005-02-05 
_diffrn_detector.details                'Crystals and mirrors' 
# 
_diffrn_radiation.diffrn_id                        1 
_diffrn_radiation.wavelength_id                    1 
_diffrn_radiation.pdbx_diffrn_protocol             MAD 
_diffrn_radiation.monochromator                    Si-220 
_diffrn_radiation.pdbx_monochromatic_or_laue_m_l   M 
_diffrn_radiation.pdbx_scattering_type             x-ray 
# 
loop_
_diffrn_radiation_wavelength.id 
_diffrn_radiation_wavelength.wavelength 
_diffrn_radiation_wavelength.wt 
1 0.9792  1.0 
2 0.97925 1.0 
3 0.97939 1.0 
# 
_diffrn_source.diffrn_id                   1 
_diffrn_source.source                      SYNCHROTRON 
_diffrn_source.type                        'APS BEAMLINE 22-ID' 
_diffrn_source.pdbx_wavelength             ? 
_diffrn_source.pdbx_wavelength_list        '0.9792, 0.97925,  0.97939' 
_diffrn_source.pdbx_synchrotron_site       APS 
_diffrn_source.pdbx_synchrotron_beamline   22-ID 
# 
_reflns.entry_id                     2P4D 
_reflns.B_iso_Wilson_estimate        28.915 
_reflns.observed_criterion_sigma_F   2 
_reflns.observed_criterion_sigma_I   2 
_reflns.d_resolution_high            1.8 
_reflns.d_resolution_low             25 
_reflns.number_all                   22420 
_reflns.number_obs                   22420 
_reflns.percent_possible_obs         88.1 
_reflns.pdbx_Rmerge_I_obs            0.1 
_reflns.pdbx_Rsym_value              ? 
_reflns.pdbx_netI_over_sigmaI        12.9 
_reflns.pdbx_redundancy              7.5 
_reflns.R_free_details               ? 
_reflns.limit_h_max                  ? 
_reflns.limit_h_min                  ? 
_reflns.limit_k_max                  ? 
_reflns.limit_k_min                  ? 
_reflns.limit_l_max                  ? 
_reflns.limit_l_min                  ? 
_reflns.observed_criterion_F_max     ? 
_reflns.observed_criterion_F_min     ? 
_reflns.pdbx_chi_squared             ? 
_reflns.pdbx_scaling_rejects         ? 
_reflns.pdbx_diffrn_id               1 
_reflns.pdbx_ordinal                 1 
# 
_reflns_shell.d_res_high             1.80 
_reflns_shell.d_res_low              1.86 
_reflns_shell.percent_possible_obs   ? 
_reflns_shell.percent_possible_all   ? 
_reflns_shell.Rmerge_I_obs           0.39 
_reflns_shell.meanI_over_sigI_obs    5.0 
_reflns_shell.pdbx_Rsym_value        ? 
_reflns_shell.pdbx_redundancy        7.2 
_reflns_shell.number_unique_all      2239 
_reflns_shell.number_measured_all    ? 
_reflns_shell.number_measured_obs    ? 
_reflns_shell.number_unique_obs      ? 
_reflns_shell.pdbx_chi_squared       ? 
_reflns_shell.pdbx_diffrn_id         ? 
_reflns_shell.pdbx_ordinal           1 
# 
_refine.entry_id                                 2P4D 
_refine.ls_d_res_high                            1.800 
_refine.ls_d_res_low                             25.000 
_refine.pdbx_ls_sigma_F                          0.00 
_refine.ls_percent_reflns_obs                    95.970 
_refine.ls_number_reflns_obs                     22330 
_refine.pdbx_ls_cross_valid_method               THROUGHOUT 
_refine.pdbx_R_Free_selection_details            RANDOM 
_refine.details                                  'HYDROGENS HAVE BEEN ADDED IN THE RIDING POSITIONS' 
_refine.ls_R_factor_obs                          0.179 
_refine.ls_R_factor_R_work                       0.178 
_refine.ls_R_factor_R_free                       0.195 
_refine.ls_percent_reflns_R_free                 5.200 
_refine.ls_number_reflns_R_free                  1155 
_refine.B_iso_mean                               31.769 
_refine.aniso_B[1][1]                            0.080 
_refine.aniso_B[2][2]                            0.080 
_refine.aniso_B[3][3]                            -0.170 
_refine.aniso_B[1][2]                            0.000 
_refine.aniso_B[1][3]                            0.000 
_refine.aniso_B[2][3]                            0.000 
_refine.correlation_coeff_Fo_to_Fc               0.960 
_refine.correlation_coeff_Fo_to_Fc_free          0.957 
_refine.pdbx_overall_ESU_R                       0.104 
_refine.pdbx_overall_ESU_R_Free                  0.097 
_refine.overall_SU_ML                            0.056 
_refine.overall_SU_B                             1.744 
_refine.solvent_model_details                    MASK 
_refine.pdbx_solvent_vdw_probe_radii             1.200 
_refine.pdbx_solvent_ion_probe_radii             0.800 
_refine.pdbx_solvent_shrinkage_radii             0.800 
_refine.pdbx_stereochemistry_target_values       'MAXIMUM LIKELIHOOD' 
_refine.pdbx_ls_sigma_I                          ? 
_refine.ls_number_reflns_all                     ? 
_refine.ls_R_factor_all                          ? 
_refine.ls_redundancy_reflns_obs                 ? 
_refine.pdbx_data_cutoff_high_absF               ? 
_refine.pdbx_data_cutoff_low_absF                ? 
_refine.ls_number_parameters                     ? 
_refine.ls_number_restraints                     ? 
_refine.ls_R_factor_R_free_error                 ? 
_refine.ls_R_factor_R_free_error_details         ? 
_refine.pdbx_method_to_determine_struct          MAD 
_refine.pdbx_starting_model                      ? 
_refine.pdbx_stereochem_target_val_spec_case     ? 
_refine.solvent_model_param_bsol                 ? 
_refine.solvent_model_param_ksol                 ? 
_refine.occupancy_max                            ? 
_refine.occupancy_min                            ? 
_refine.pdbx_isotropic_thermal_model             ? 
_refine.B_iso_min                                ? 
_refine.B_iso_max                                ? 
_refine.overall_SU_R_Cruickshank_DPI             ? 
_refine.overall_SU_R_free                        ? 
_refine.pdbx_data_cutoff_high_rms_absF           ? 
_refine.ls_wR_factor_R_free                      ? 
_refine.ls_wR_factor_R_work                      ? 
_refine.overall_FOM_free_R_set                   ? 
_refine.overall_FOM_work_R_set                   ? 
_refine.pdbx_refine_id                           'X-RAY DIFFRACTION' 
_refine.pdbx_diffrn_id                           1 
_refine.pdbx_TLS_residual_ADP_flag               ? 
_refine.pdbx_overall_phase_error                 ? 
_refine.pdbx_overall_SU_R_free_Cruickshank_DPI   ? 
_refine.pdbx_overall_SU_R_Blow_DPI               ? 
_refine.pdbx_overall_SU_R_free_Blow_DPI          ? 
# 
_refine_hist.pdbx_refine_id                   'X-RAY DIFFRACTION' 
_refine_hist.cycle_id                         LAST 
_refine_hist.pdbx_number_atoms_protein        1316 
_refine_hist.pdbx_number_atoms_nucleic_acid   0 
_refine_hist.pdbx_number_atoms_ligand         0 
_refine_hist.number_atoms_solvent             190 
_refine_hist.number_atoms_total               1506 
_refine_hist.d_res_high                       1.800 
_refine_hist.d_res_low                        25.000 
# 
loop_
_refine_ls_restr.type 
_refine_ls_restr.number 
_refine_ls_restr.dev_ideal 
_refine_ls_restr.dev_ideal_target 
_refine_ls_restr.weight 
_refine_ls_restr.pdbx_refine_id 
_refine_ls_restr.pdbx_restraint_function 
r_bond_refined_d         1343 0.021  0.022  ? 'X-RAY DIFFRACTION' ? 
r_angle_refined_deg      1816 1.618  1.971  ? 'X-RAY DIFFRACTION' ? 
r_dihedral_angle_1_deg   162  5.783  5.000  ? 'X-RAY DIFFRACTION' ? 
r_dihedral_angle_2_deg   59   34.481 23.390 ? 'X-RAY DIFFRACTION' ? 
r_dihedral_angle_3_deg   245  13.900 15.000 ? 'X-RAY DIFFRACTION' ? 
r_dihedral_angle_4_deg   9    14.038 15.000 ? 'X-RAY DIFFRACTION' ? 
r_chiral_restr           206  0.125  0.200  ? 'X-RAY DIFFRACTION' ? 
r_gen_planes_refined     993  0.007  0.020  ? 'X-RAY DIFFRACTION' ? 
r_nbd_refined            582  0.208  0.200  ? 'X-RAY DIFFRACTION' ? 
r_nbtor_refined          925  0.311  0.200  ? 'X-RAY DIFFRACTION' ? 
r_xyhbond_nbd_refined    150  0.182  0.200  ? 'X-RAY DIFFRACTION' ? 
r_symmetry_vdw_refined   38   0.151  0.200  ? 'X-RAY DIFFRACTION' ? 
r_symmetry_hbond_refined 15   0.291  0.200  ? 'X-RAY DIFFRACTION' ? 
r_mcbond_it              843  1.373  1.500  ? 'X-RAY DIFFRACTION' ? 
r_mcangle_it             1331 2.027  2.000  ? 'X-RAY DIFFRACTION' ? 
r_scbond_it              573  3.467  3.000  ? 'X-RAY DIFFRACTION' ? 
r_scangle_it             485  4.802  4.500  ? 'X-RAY DIFFRACTION' ? 
# 
_refine_ls_shell.d_res_high                       1.800 
_refine_ls_shell.d_res_low                        1.847 
_refine_ls_shell.pdbx_total_number_of_bins_used   20 
_refine_ls_shell.percent_reflns_obs               97.550 
_refine_ls_shell.number_reflns_R_work             1553 
_refine_ls_shell.R_factor_all                     ? 
_refine_ls_shell.R_factor_R_work                  0.2 
_refine_ls_shell.R_factor_R_free                  0.279 
_refine_ls_shell.percent_reflns_R_free            ? 
_refine_ls_shell.number_reflns_R_free             79 
_refine_ls_shell.R_factor_R_free_error            ? 
_refine_ls_shell.number_reflns_all                ? 
_refine_ls_shell.number_reflns_obs                1632 
_refine_ls_shell.redundancy_reflns_obs            ? 
_refine_ls_shell.pdbx_refine_id                   'X-RAY DIFFRACTION' 
# 
_struct.entry_id                  2P4D 
_struct.title                     'Structure-assisted discovery of Variola major H1 phosphatase inhibitors' 
_struct.pdbx_model_details        ? 
_struct.pdbx_CASP_flag            ? 
_struct.pdbx_model_type_details   ? 
# 
_struct_keywords.entry_id        2P4D 
_struct_keywords.pdbx_keywords   HYDROLASE 
_struct_keywords.text            'dual specificity phosphatase, enzyme, small pox, drug design, HYDROLASE' 
# 
loop_
_struct_asym.id 
_struct_asym.pdbx_blank_PDB_chainid_flag 
_struct_asym.pdbx_modified 
_struct_asym.entity_id 
_struct_asym.details 
A N N 1 ? 
B N N 2 ? 
# 
_struct_ref.id                         1 
_struct_ref.db_name                    UNP 
_struct_ref.db_code                    DUSP_VARV 
_struct_ref.pdbx_db_accession          P33064 
_struct_ref.entity_id                  1 
_struct_ref.pdbx_seq_one_letter_code   
;MDKKSLYKYLLLRSTGDMRRAKSPTIMTRVTNNVYLGNYKNAMNAPSSEVKFKYVLNLTMDKYTLPNSNINIIHIPLVDD
TTTDISKYFDDVTAFLSKCDQRNEPVLVHCVAGVNRSGAMILAYLMSKNKESSPMLYFLYVYHSMRDLRGAFVENPSFKR
QIIEKYVIDKN
;
_struct_ref.pdbx_align_begin           1 
_struct_ref.pdbx_db_isoform            ? 
# 
_struct_ref_seq.align_id                      1 
_struct_ref_seq.ref_id                        1 
_struct_ref_seq.pdbx_PDB_id_code              2P4D 
_struct_ref_seq.pdbx_strand_id                A 
_struct_ref_seq.seq_align_beg                 2 
_struct_ref_seq.pdbx_seq_align_beg_ins_code   ? 
_struct_ref_seq.seq_align_end                 172 
_struct_ref_seq.pdbx_seq_align_end_ins_code   ? 
_struct_ref_seq.pdbx_db_accession             P33064 
_struct_ref_seq.db_align_beg                  1 
_struct_ref_seq.pdbx_db_align_beg_ins_code    ? 
_struct_ref_seq.db_align_end                  171 
_struct_ref_seq.pdbx_db_align_end_ins_code    ? 
_struct_ref_seq.pdbx_auth_seq_align_beg       1 
_struct_ref_seq.pdbx_auth_seq_align_end       171 
# 
loop_
_struct_ref_seq_dif.align_id 
_struct_ref_seq_dif.pdbx_pdb_id_code 
_struct_ref_seq_dif.mon_id 
_struct_ref_seq_dif.pdbx_pdb_strand_id 
_struct_ref_seq_dif.seq_num 
_struct_ref_seq_dif.pdbx_pdb_ins_code 
_struct_ref_seq_dif.pdbx_seq_db_name 
_struct_ref_seq_dif.pdbx_seq_db_accession_code 
_struct_ref_seq_dif.db_mon_id 
_struct_ref_seq_dif.pdbx_seq_db_seq_num 
_struct_ref_seq_dif.details 
_struct_ref_seq_dif.pdbx_auth_seq_num 
_struct_ref_seq_dif.pdbx_ordinal 
1 2P4D SER A 1   ? UNP P33064 ?   ?   'cloning artifact' 0   1 
1 2P4D MSE A 19  ? UNP P33064 MET 18  'modified residue' 18  2 
1 2P4D MSE A 28  ? UNP P33064 MET 27  'modified residue' 27  3 
1 2P4D MSE A 44  ? UNP P33064 MET 43  'modified residue' 43  4 
1 2P4D MSE A 61  ? UNP P33064 MET 60  'modified residue' 60  5 
1 2P4D MSE A 121 ? UNP P33064 MET 120 'modified residue' 120 6 
1 2P4D MSE A 127 ? UNP P33064 MET 126 'modified residue' 126 7 
1 2P4D MSE A 136 ? UNP P33064 MET 135 'modified residue' 135 8 
1 2P4D MSE A 146 ? UNP P33064 MET 145 'modified residue' 145 9 
# 
_pdbx_struct_assembly.id                   1 
_pdbx_struct_assembly.details              author_defined_assembly 
_pdbx_struct_assembly.method_details       ? 
_pdbx_struct_assembly.oligomeric_details   monomeric 
_pdbx_struct_assembly.oligomeric_count     1 
# 
_pdbx_struct_assembly_gen.assembly_id       1 
_pdbx_struct_assembly_gen.oper_expression   1 
_pdbx_struct_assembly_gen.asym_id_list      A,B 
# 
_pdbx_struct_oper_list.id                   1 
_pdbx_struct_oper_list.type                 'identity operation' 
_pdbx_struct_oper_list.name                 1_555 
_pdbx_struct_oper_list.symmetry_operation   x,y,z 
_pdbx_struct_oper_list.matrix[1][1]         1.0000000000 
_pdbx_struct_oper_list.matrix[1][2]         0.0000000000 
_pdbx_struct_oper_list.matrix[1][3]         0.0000000000 
_pdbx_struct_oper_list.vector[1]            0.0000000000 
_pdbx_struct_oper_list.matrix[2][1]         0.0000000000 
_pdbx_struct_oper_list.matrix[2][2]         1.0000000000 
_pdbx_struct_oper_list.matrix[2][3]         0.0000000000 
_pdbx_struct_oper_list.vector[2]            0.0000000000 
_pdbx_struct_oper_list.matrix[3][1]         0.0000000000 
_pdbx_struct_oper_list.matrix[3][2]         0.0000000000 
_pdbx_struct_oper_list.matrix[3][3]         1.0000000000 
_pdbx_struct_oper_list.vector[3]            0.0000000000 
# 
loop_
_struct_conf.conf_type_id 
_struct_conf.id 
_struct_conf.pdbx_PDB_helix_id 
_struct_conf.beg_label_comp_id 
_struct_conf.beg_label_asym_id 
_struct_conf.beg_label_seq_id 
_struct_conf.pdbx_beg_PDB_ins_code 
_struct_conf.end_label_comp_id 
_struct_conf.end_label_asym_id 
_struct_conf.end_label_seq_id 
_struct_conf.pdbx_end_PDB_ins_code 
_struct_conf.beg_auth_comp_id 
_struct_conf.beg_auth_asym_id 
_struct_conf.beg_auth_seq_id 
_struct_conf.end_auth_comp_id 
_struct_conf.end_auth_asym_id 
_struct_conf.end_auth_seq_id 
_struct_conf.pdbx_PDB_helix_class 
_struct_conf.details 
_struct_conf.pdbx_PDB_helix_length 
HELX_P HELX_P1 1 SER A 6   ? THR A 16  ? SER A 5   THR A 15  1 ? 11 
HELX_P HELX_P2 2 ASN A 39  ? ALA A 46  ? ASN A 38  ALA A 45  1 ? 8  
HELX_P HELX_P3 3 PRO A 47  ? SER A 49  ? PRO A 46  SER A 48  5 ? 3  
HELX_P HELX_P4 4 ILE A 86  ? LYS A 88  ? ILE A 85  LYS A 87  5 ? 3  
HELX_P HELX_P5 5 TYR A 89  ? ASN A 104 ? TYR A 88  ASN A 103 1 ? 16 
HELX_P HELX_P6 6 ASN A 116 ? ASN A 130 ? ASN A 115 ASN A 129 1 ? 15 
HELX_P HELX_P7 7 SER A 134 ? GLY A 151 ? SER A 133 GLY A 150 1 ? 18 
HELX_P HELX_P8 8 ASN A 156 ? VAL A 168 ? ASN A 155 VAL A 167 1 ? 13 
# 
_struct_conf_type.id          HELX_P 
_struct_conf_type.criteria    ? 
_struct_conf_type.reference   ? 
# 
loop_
_struct_conn.id 
_struct_conn.conn_type_id 
_struct_conn.pdbx_leaving_atom_flag 
_struct_conn.pdbx_PDB_id 
_struct_conn.ptnr1_label_asym_id 
_struct_conn.ptnr1_label_comp_id 
_struct_conn.ptnr1_label_seq_id 
_struct_conn.ptnr1_label_atom_id 
_struct_conn.pdbx_ptnr1_label_alt_id 
_struct_conn.pdbx_ptnr1_PDB_ins_code 
_struct_conn.pdbx_ptnr1_standard_comp_id 
_struct_conn.ptnr1_symmetry 
_struct_conn.ptnr2_label_asym_id 
_struct_conn.ptnr2_label_comp_id 
_struct_conn.ptnr2_label_seq_id 
_struct_conn.ptnr2_label_atom_id 
_struct_conn.pdbx_ptnr2_label_alt_id 
_struct_conn.pdbx_ptnr2_PDB_ins_code 
_struct_conn.ptnr1_auth_asym_id 
_struct_conn.ptnr1_auth_comp_id 
_struct_conn.ptnr1_auth_seq_id 
_struct_conn.ptnr2_auth_asym_id 
_struct_conn.ptnr2_auth_comp_id 
_struct_conn.ptnr2_auth_seq_id 
_struct_conn.ptnr2_symmetry 
_struct_conn.pdbx_ptnr3_label_atom_id 
_struct_conn.pdbx_ptnr3_label_seq_id 
_struct_conn.pdbx_ptnr3_label_comp_id 
_struct_conn.pdbx_ptnr3_label_asym_id 
_struct_conn.pdbx_ptnr3_label_alt_id 
_struct_conn.pdbx_ptnr3_PDB_ins_code 
_struct_conn.details 
_struct_conn.pdbx_dist_value 
_struct_conn.pdbx_value_order 
_struct_conn.pdbx_role 
covale1  covale both ? A ASP 18  C ? ? ? 1_555 A MSE 19  N ? ? A ASP 17  A MSE 18  1_555 ? ? ? ? ? ? ? 1.332 ? ? 
covale2  covale both ? A MSE 19  C ? ? ? 1_555 A ARG 20  N ? ? A MSE 18  A ARG 19  1_555 ? ? ? ? ? ? ? 1.331 ? ? 
covale3  covale both ? A ILE 27  C ? ? ? 1_555 A MSE 28  N ? ? A ILE 26  A MSE 27  1_555 ? ? ? ? ? ? ? 1.353 ? ? 
covale4  covale both ? A MSE 28  C ? ? ? 1_555 A THR 29  N ? ? A MSE 27  A THR 28  1_555 ? ? ? ? ? ? ? 1.344 ? ? 
covale5  covale both ? A ALA 43  C ? ? ? 1_555 A MSE 44  N ? ? A ALA 42  A MSE 43  1_555 ? ? ? ? ? ? ? 1.339 ? ? 
covale6  covale both ? A MSE 44  C ? ? ? 1_555 A ASN 45  N ? ? A MSE 43  A ASN 44  1_555 ? ? ? ? ? ? ? 1.325 ? ? 
covale7  covale both ? A THR 60  C ? ? ? 1_555 A MSE 61  N ? ? A THR 59  A MSE 60  1_555 ? ? ? ? ? ? ? 1.334 ? ? 
covale8  covale both ? A MSE 61  C ? ? ? 1_555 A ASP 62  N ? ? A MSE 60  A ASP 61  1_555 ? ? ? ? ? ? ? 1.346 ? ? 
covale9  covale both ? A ALA 120 C ? ? ? 1_555 A MSE 121 N ? ? A ALA 119 A MSE 120 1_555 ? ? ? ? ? ? ? 1.333 ? ? 
covale10 covale both ? A MSE 121 C ? ? ? 1_555 A ILE 122 N ? ? A MSE 120 A ILE 121 1_555 ? ? ? ? ? ? ? 1.335 ? ? 
covale11 covale both ? A LEU 126 C ? ? ? 1_555 A MSE 127 N ? ? A LEU 125 A MSE 126 1_555 ? ? ? ? ? ? ? 1.336 ? ? 
covale12 covale both ? A MSE 127 C ? ? ? 1_555 A SER 128 N ? ? A MSE 126 A SER 127 1_555 ? ? ? ? ? ? ? 1.338 ? ? 
covale13 covale both ? A PRO 135 C ? ? ? 1_555 A MSE 136 N ? ? A PRO 134 A MSE 135 1_555 ? ? ? ? ? ? ? 1.343 ? ? 
covale14 covale both ? A MSE 136 C ? ? ? 1_555 A LEU 137 N ? ? A MSE 135 A LEU 136 1_555 ? ? ? ? ? ? ? 1.327 ? ? 
covale15 covale both ? A SER 145 C ? ? ? 1_555 A MSE 146 N ? ? A SER 144 A MSE 145 1_555 ? ? ? ? ? ? ? 1.336 ? ? 
covale16 covale both ? A MSE 146 C ? ? ? 1_555 A ARG 147 N ? ? A MSE 145 A ARG 146 1_555 ? ? ? ? ? ? ? 1.349 ? ? 
# 
_struct_conn_type.id          covale 
_struct_conn_type.criteria    ? 
_struct_conn_type.reference   ? 
# 
loop_
_pdbx_modification_feature.ordinal 
_pdbx_modification_feature.label_comp_id 
_pdbx_modification_feature.label_asym_id 
_pdbx_modification_feature.label_seq_id 
_pdbx_modification_feature.label_alt_id 
_pdbx_modification_feature.modified_residue_label_comp_id 
_pdbx_modification_feature.modified_residue_label_asym_id 
_pdbx_modification_feature.modified_residue_label_seq_id 
_pdbx_modification_feature.modified_residue_label_alt_id 
_pdbx_modification_feature.auth_comp_id 
_pdbx_modification_feature.auth_asym_id 
_pdbx_modification_feature.auth_seq_id 
_pdbx_modification_feature.PDB_ins_code 
_pdbx_modification_feature.symmetry 
_pdbx_modification_feature.modified_residue_auth_comp_id 
_pdbx_modification_feature.modified_residue_auth_asym_id 
_pdbx_modification_feature.modified_residue_auth_seq_id 
_pdbx_modification_feature.modified_residue_PDB_ins_code 
_pdbx_modification_feature.modified_residue_symmetry 
_pdbx_modification_feature.comp_id_linking_atom 
_pdbx_modification_feature.modified_residue_id_linking_atom 
_pdbx_modification_feature.modified_residue_id 
_pdbx_modification_feature.ref_pcm_id 
_pdbx_modification_feature.ref_comp_id 
_pdbx_modification_feature.type 
_pdbx_modification_feature.category 
1 MSE A 19  ? . . . . MSE A 18  ? 1_555 . . . . . . . MET 1 MSE Selenomethionine 'Named protein modification' 
2 MSE A 28  ? . . . . MSE A 27  ? 1_555 . . . . . . . MET 1 MSE Selenomethionine 'Named protein modification' 
3 MSE A 44  ? . . . . MSE A 43  ? 1_555 . . . . . . . MET 1 MSE Selenomethionine 'Named protein modification' 
4 MSE A 61  ? . . . . MSE A 60  ? 1_555 . . . . . . . MET 1 MSE Selenomethionine 'Named protein modification' 
5 MSE A 121 ? . . . . MSE A 120 ? 1_555 . . . . . . . MET 1 MSE Selenomethionine 'Named protein modification' 
6 MSE A 127 ? . . . . MSE A 126 ? 1_555 . . . . . . . MET 1 MSE Selenomethionine 'Named protein modification' 
7 MSE A 136 ? . . . . MSE A 135 ? 1_555 . . . . . . . MET 1 MSE Selenomethionine 'Named protein modification' 
8 MSE A 146 ? . . . . MSE A 145 ? 1_555 . . . . . . . MET 1 MSE Selenomethionine 'Named protein modification' 
# 
_struct_sheet.id               A 
_struct_sheet.type             ? 
_struct_sheet.number_strands   5 
_struct_sheet.details          ? 
# 
loop_
_struct_sheet_order.sheet_id 
_struct_sheet_order.range_id_1 
_struct_sheet_order.range_id_2 
_struct_sheet_order.offset 
_struct_sheet_order.sense 
A 1 2 ? anti-parallel 
A 2 3 ? parallel      
A 3 4 ? parallel      
A 4 5 ? parallel      
# 
loop_
_struct_sheet_range.sheet_id 
_struct_sheet_range.id 
_struct_sheet_range.beg_label_comp_id 
_struct_sheet_range.beg_label_asym_id 
_struct_sheet_range.beg_label_seq_id 
_struct_sheet_range.pdbx_beg_PDB_ins_code 
_struct_sheet_range.end_label_comp_id 
_struct_sheet_range.end_label_asym_id 
_struct_sheet_range.end_label_seq_id 
_struct_sheet_range.pdbx_end_PDB_ins_code 
_struct_sheet_range.beg_auth_comp_id 
_struct_sheet_range.beg_auth_asym_id 
_struct_sheet_range.beg_auth_seq_id 
_struct_sheet_range.end_auth_comp_id 
_struct_sheet_range.end_auth_asym_id 
_struct_sheet_range.end_auth_seq_id 
A 1 THR A 29  ? ARG A 30  ? THR A 28  ARG A 29  
A 2 VAL A 35  ? GLY A 38  ? VAL A 34  GLY A 37  
A 3 VAL A 107 ? HIS A 110 ? VAL A 106 HIS A 109 
A 4 TYR A 55  ? ASN A 58  ? TYR A 54  ASN A 57  
A 5 ASN A 72  ? HIS A 75  ? ASN A 71  HIS A 74  
# 
loop_
_pdbx_struct_sheet_hbond.sheet_id 
_pdbx_struct_sheet_hbond.range_id_1 
_pdbx_struct_sheet_hbond.range_id_2 
_pdbx_struct_sheet_hbond.range_1_label_atom_id 
_pdbx_struct_sheet_hbond.range_1_label_comp_id 
_pdbx_struct_sheet_hbond.range_1_label_asym_id 
_pdbx_struct_sheet_hbond.range_1_label_seq_id 
_pdbx_struct_sheet_hbond.range_1_PDB_ins_code 
_pdbx_struct_sheet_hbond.range_1_auth_atom_id 
_pdbx_struct_sheet_hbond.range_1_auth_comp_id 
_pdbx_struct_sheet_hbond.range_1_auth_asym_id 
_pdbx_struct_sheet_hbond.range_1_auth_seq_id 
_pdbx_struct_sheet_hbond.range_2_label_atom_id 
_pdbx_struct_sheet_hbond.range_2_label_comp_id 
_pdbx_struct_sheet_hbond.range_2_label_asym_id 
_pdbx_struct_sheet_hbond.range_2_label_seq_id 
_pdbx_struct_sheet_hbond.range_2_PDB_ins_code 
_pdbx_struct_sheet_hbond.range_2_auth_atom_id 
_pdbx_struct_sheet_hbond.range_2_auth_comp_id 
_pdbx_struct_sheet_hbond.range_2_auth_asym_id 
_pdbx_struct_sheet_hbond.range_2_auth_seq_id 
A 1 2 N THR A 29  ? N THR A 28  O LEU A 37  ? O LEU A 36  
A 2 3 N TYR A 36  ? N TYR A 35  O VAL A 109 ? O VAL A 108 
A 3 4 O LEU A 108 ? O LEU A 107 N LEU A 57  ? N LEU A 56  
A 4 5 N VAL A 56  ? N VAL A 55  O ILE A 74  ? O ILE A 73  
# 
_pdbx_entry_details.entry_id                   2P4D 
_pdbx_entry_details.compound_details           ? 
_pdbx_entry_details.source_details             ? 
_pdbx_entry_details.nonpolymer_details         ? 
_pdbx_entry_details.sequence_details           ? 
_pdbx_entry_details.has_ligand_of_interest     ? 
_pdbx_entry_details.has_protein_modification   Y 
# 
loop_
_pdbx_validate_torsion.id 
_pdbx_validate_torsion.PDB_model_num 
_pdbx_validate_torsion.auth_comp_id 
_pdbx_validate_torsion.auth_asym_id 
_pdbx_validate_torsion.auth_seq_id 
_pdbx_validate_torsion.PDB_ins_code 
_pdbx_validate_torsion.label_alt_id 
_pdbx_validate_torsion.phi 
_pdbx_validate_torsion.psi 
1 1 THR A 25  ? ? -119.92 -88.27  
2 1 ASN A 38  ? ? -112.72 -168.66 
3 1 LYS A 51  ? ? 67.59   60.25   
4 1 CYS A 110 ? ? -126.13 -142.74 
5 1 ASN A 115 ? ? -93.49  -63.44  
# 
loop_
_pdbx_struct_mod_residue.id 
_pdbx_struct_mod_residue.label_asym_id 
_pdbx_struct_mod_residue.label_comp_id 
_pdbx_struct_mod_residue.label_seq_id 
_pdbx_struct_mod_residue.auth_asym_id 
_pdbx_struct_mod_residue.auth_comp_id 
_pdbx_struct_mod_residue.auth_seq_id 
_pdbx_struct_mod_residue.PDB_ins_code 
_pdbx_struct_mod_residue.parent_comp_id 
_pdbx_struct_mod_residue.details 
1 A MSE 19  A MSE 18  ? MET SELENOMETHIONINE 
2 A MSE 28  A MSE 27  ? MET SELENOMETHIONINE 
3 A MSE 44  A MSE 43  ? MET SELENOMETHIONINE 
4 A MSE 61  A MSE 60  ? MET SELENOMETHIONINE 
5 A MSE 121 A MSE 120 ? MET SELENOMETHIONINE 
6 A MSE 127 A MSE 126 ? MET SELENOMETHIONINE 
7 A MSE 136 A MSE 135 ? MET SELENOMETHIONINE 
8 A MSE 146 A MSE 145 ? MET SELENOMETHIONINE 
# 
_pdbx_struct_special_symmetry.id              1 
_pdbx_struct_special_symmetry.PDB_model_num   1 
_pdbx_struct_special_symmetry.auth_asym_id    A 
_pdbx_struct_special_symmetry.auth_comp_id    HOH 
_pdbx_struct_special_symmetry.auth_seq_id     190 
_pdbx_struct_special_symmetry.PDB_ins_code    ? 
_pdbx_struct_special_symmetry.label_asym_id   B 
_pdbx_struct_special_symmetry.label_comp_id   HOH 
_pdbx_struct_special_symmetry.label_seq_id    . 
# 
loop_
_pdbx_unobs_or_zero_occ_residues.id 
_pdbx_unobs_or_zero_occ_residues.PDB_model_num 
_pdbx_unobs_or_zero_occ_residues.polymer_flag 
_pdbx_unobs_or_zero_occ_residues.occupancy_flag 
_pdbx_unobs_or_zero_occ_residues.auth_asym_id 
_pdbx_unobs_or_zero_occ_residues.auth_comp_id 
_pdbx_unobs_or_zero_occ_residues.auth_seq_id 
_pdbx_unobs_or_zero_occ_residues.PDB_ins_code 
_pdbx_unobs_or_zero_occ_residues.label_asym_id 
_pdbx_unobs_or_zero_occ_residues.label_comp_id 
_pdbx_unobs_or_zero_occ_residues.label_seq_id 
1 1 Y 1 A SER 0   ? A SER 1   
2 1 Y 1 A MET 1   ? A MET 2   
3 1 Y 1 A ASP 2   ? A ASP 3   
4 1 Y 1 A LYS 3   ? A LYS 4   
5 1 Y 1 A LYS 4   ? A LYS 5   
6 1 Y 1 A ILE 168 ? A ILE 169 
7 1 Y 1 A ASP 169 ? A ASP 170 
8 1 Y 1 A LYS 170 ? A LYS 171 
9 1 Y 1 A ASN 171 ? A ASN 172 
# 
loop_
_chem_comp_atom.comp_id 
_chem_comp_atom.atom_id 
_chem_comp_atom.type_symbol 
_chem_comp_atom.pdbx_aromatic_flag 
_chem_comp_atom.pdbx_stereo_config 
_chem_comp_atom.pdbx_ordinal 
ALA N    N  N N 1   
ALA CA   C  N S 2   
ALA C    C  N N 3   
ALA O    O  N N 4   
ALA CB   C  N N 5   
ALA OXT  O  N N 6   
ALA H    H  N N 7   
ALA H2   H  N N 8   
ALA HA   H  N N 9   
ALA HB1  H  N N 10  
ALA HB2  H  N N 11  
ALA HB3  H  N N 12  
ALA HXT  H  N N 13  
ARG N    N  N N 14  
ARG CA   C  N S 15  
ARG C    C  N N 16  
ARG O    O  N N 17  
ARG CB   C  N N 18  
ARG CG   C  N N 19  
ARG CD   C  N N 20  
ARG NE   N  N N 21  
ARG CZ   C  N N 22  
ARG NH1  N  N N 23  
ARG NH2  N  N N 24  
ARG OXT  O  N N 25  
ARG H    H  N N 26  
ARG H2   H  N N 27  
ARG HA   H  N N 28  
ARG HB2  H  N N 29  
ARG HB3  H  N N 30  
ARG HG2  H  N N 31  
ARG HG3  H  N N 32  
ARG HD2  H  N N 33  
ARG HD3  H  N N 34  
ARG HE   H  N N 35  
ARG HH11 H  N N 36  
ARG HH12 H  N N 37  
ARG HH21 H  N N 38  
ARG HH22 H  N N 39  
ARG HXT  H  N N 40  
ASN N    N  N N 41  
ASN CA   C  N S 42  
ASN C    C  N N 43  
ASN O    O  N N 44  
ASN CB   C  N N 45  
ASN CG   C  N N 46  
ASN OD1  O  N N 47  
ASN ND2  N  N N 48  
ASN OXT  O  N N 49  
ASN H    H  N N 50  
ASN H2   H  N N 51  
ASN HA   H  N N 52  
ASN HB2  H  N N 53  
ASN HB3  H  N N 54  
ASN HD21 H  N N 55  
ASN HD22 H  N N 56  
ASN HXT  H  N N 57  
ASP N    N  N N 58  
ASP CA   C  N S 59  
ASP C    C  N N 60  
ASP O    O  N N 61  
ASP CB   C  N N 62  
ASP CG   C  N N 63  
ASP OD1  O  N N 64  
ASP OD2  O  N N 65  
ASP OXT  O  N N 66  
ASP H    H  N N 67  
ASP H2   H  N N 68  
ASP HA   H  N N 69  
ASP HB2  H  N N 70  
ASP HB3  H  N N 71  
ASP HD2  H  N N 72  
ASP HXT  H  N N 73  
CYS N    N  N N 74  
CYS CA   C  N R 75  
CYS C    C  N N 76  
CYS O    O  N N 77  
CYS CB   C  N N 78  
CYS SG   S  N N 79  
CYS OXT  O  N N 80  
CYS H    H  N N 81  
CYS H2   H  N N 82  
CYS HA   H  N N 83  
CYS HB2  H  N N 84  
CYS HB3  H  N N 85  
CYS HG   H  N N 86  
CYS HXT  H  N N 87  
GLN N    N  N N 88  
GLN CA   C  N S 89  
GLN C    C  N N 90  
GLN O    O  N N 91  
GLN CB   C  N N 92  
GLN CG   C  N N 93  
GLN CD   C  N N 94  
GLN OE1  O  N N 95  
GLN NE2  N  N N 96  
GLN OXT  O  N N 97  
GLN H    H  N N 98  
GLN H2   H  N N 99  
GLN HA   H  N N 100 
GLN HB2  H  N N 101 
GLN HB3  H  N N 102 
GLN HG2  H  N N 103 
GLN HG3  H  N N 104 
GLN HE21 H  N N 105 
GLN HE22 H  N N 106 
GLN HXT  H  N N 107 
GLU N    N  N N 108 
GLU CA   C  N S 109 
GLU C    C  N N 110 
GLU O    O  N N 111 
GLU CB   C  N N 112 
GLU CG   C  N N 113 
GLU CD   C  N N 114 
GLU OE1  O  N N 115 
GLU OE2  O  N N 116 
GLU OXT  O  N N 117 
GLU H    H  N N 118 
GLU H2   H  N N 119 
GLU HA   H  N N 120 
GLU HB2  H  N N 121 
GLU HB3  H  N N 122 
GLU HG2  H  N N 123 
GLU HG3  H  N N 124 
GLU HE2  H  N N 125 
GLU HXT  H  N N 126 
GLY N    N  N N 127 
GLY CA   C  N N 128 
GLY C    C  N N 129 
GLY O    O  N N 130 
GLY OXT  O  N N 131 
GLY H    H  N N 132 
GLY H2   H  N N 133 
GLY HA2  H  N N 134 
GLY HA3  H  N N 135 
GLY HXT  H  N N 136 
HIS N    N  N N 137 
HIS CA   C  N S 138 
HIS C    C  N N 139 
HIS O    O  N N 140 
HIS CB   C  N N 141 
HIS CG   C  Y N 142 
HIS ND1  N  Y N 143 
HIS CD2  C  Y N 144 
HIS CE1  C  Y N 145 
HIS NE2  N  Y N 146 
HIS OXT  O  N N 147 
HIS H    H  N N 148 
HIS H2   H  N N 149 
HIS HA   H  N N 150 
HIS HB2  H  N N 151 
HIS HB3  H  N N 152 
HIS HD1  H  N N 153 
HIS HD2  H  N N 154 
HIS HE1  H  N N 155 
HIS HE2  H  N N 156 
HIS HXT  H  N N 157 
HOH O    O  N N 158 
HOH H1   H  N N 159 
HOH H2   H  N N 160 
ILE N    N  N N 161 
ILE CA   C  N S 162 
ILE C    C  N N 163 
ILE O    O  N N 164 
ILE CB   C  N S 165 
ILE CG1  C  N N 166 
ILE CG2  C  N N 167 
ILE CD1  C  N N 168 
ILE OXT  O  N N 169 
ILE H    H  N N 170 
ILE H2   H  N N 171 
ILE HA   H  N N 172 
ILE HB   H  N N 173 
ILE HG12 H  N N 174 
ILE HG13 H  N N 175 
ILE HG21 H  N N 176 
ILE HG22 H  N N 177 
ILE HG23 H  N N 178 
ILE HD11 H  N N 179 
ILE HD12 H  N N 180 
ILE HD13 H  N N 181 
ILE HXT  H  N N 182 
LEU N    N  N N 183 
LEU CA   C  N S 184 
LEU C    C  N N 185 
LEU O    O  N N 186 
LEU CB   C  N N 187 
LEU CG   C  N N 188 
LEU CD1  C  N N 189 
LEU CD2  C  N N 190 
LEU OXT  O  N N 191 
LEU H    H  N N 192 
LEU H2   H  N N 193 
LEU HA   H  N N 194 
LEU HB2  H  N N 195 
LEU HB3  H  N N 196 
LEU HG   H  N N 197 
LEU HD11 H  N N 198 
LEU HD12 H  N N 199 
LEU HD13 H  N N 200 
LEU HD21 H  N N 201 
LEU HD22 H  N N 202 
LEU HD23 H  N N 203 
LEU HXT  H  N N 204 
LYS N    N  N N 205 
LYS CA   C  N S 206 
LYS C    C  N N 207 
LYS O    O  N N 208 
LYS CB   C  N N 209 
LYS CG   C  N N 210 
LYS CD   C  N N 211 
LYS CE   C  N N 212 
LYS NZ   N  N N 213 
LYS OXT  O  N N 214 
LYS H    H  N N 215 
LYS H2   H  N N 216 
LYS HA   H  N N 217 
LYS HB2  H  N N 218 
LYS HB3  H  N N 219 
LYS HG2  H  N N 220 
LYS HG3  H  N N 221 
LYS HD2  H  N N 222 
LYS HD3  H  N N 223 
LYS HE2  H  N N 224 
LYS HE3  H  N N 225 
LYS HZ1  H  N N 226 
LYS HZ2  H  N N 227 
LYS HZ3  H  N N 228 
LYS HXT  H  N N 229 
MET N    N  N N 230 
MET CA   C  N S 231 
MET C    C  N N 232 
MET O    O  N N 233 
MET CB   C  N N 234 
MET CG   C  N N 235 
MET SD   S  N N 236 
MET CE   C  N N 237 
MET OXT  O  N N 238 
MET H    H  N N 239 
MET H2   H  N N 240 
MET HA   H  N N 241 
MET HB2  H  N N 242 
MET HB3  H  N N 243 
MET HG2  H  N N 244 
MET HG3  H  N N 245 
MET HE1  H  N N 246 
MET HE2  H  N N 247 
MET HE3  H  N N 248 
MET HXT  H  N N 249 
MSE N    N  N N 250 
MSE CA   C  N S 251 
MSE C    C  N N 252 
MSE O    O  N N 253 
MSE OXT  O  N N 254 
MSE CB   C  N N 255 
MSE CG   C  N N 256 
MSE SE   SE N N 257 
MSE CE   C  N N 258 
MSE H    H  N N 259 
MSE H2   H  N N 260 
MSE HA   H  N N 261 
MSE HXT  H  N N 262 
MSE HB2  H  N N 263 
MSE HB3  H  N N 264 
MSE HG2  H  N N 265 
MSE HG3  H  N N 266 
MSE HE1  H  N N 267 
MSE HE2  H  N N 268 
MSE HE3  H  N N 269 
PHE N    N  N N 270 
PHE CA   C  N S 271 
PHE C    C  N N 272 
PHE O    O  N N 273 
PHE CB   C  N N 274 
PHE CG   C  Y N 275 
PHE CD1  C  Y N 276 
PHE CD2  C  Y N 277 
PHE CE1  C  Y N 278 
PHE CE2  C  Y N 279 
PHE CZ   C  Y N 280 
PHE OXT  O  N N 281 
PHE H    H  N N 282 
PHE H2   H  N N 283 
PHE HA   H  N N 284 
PHE HB2  H  N N 285 
PHE HB3  H  N N 286 
PHE HD1  H  N N 287 
PHE HD2  H  N N 288 
PHE HE1  H  N N 289 
PHE HE2  H  N N 290 
PHE HZ   H  N N 291 
PHE HXT  H  N N 292 
PRO N    N  N N 293 
PRO CA   C  N S 294 
PRO C    C  N N 295 
PRO O    O  N N 296 
PRO CB   C  N N 297 
PRO CG   C  N N 298 
PRO CD   C  N N 299 
PRO OXT  O  N N 300 
PRO H    H  N N 301 
PRO HA   H  N N 302 
PRO HB2  H  N N 303 
PRO HB3  H  N N 304 
PRO HG2  H  N N 305 
PRO HG3  H  N N 306 
PRO HD2  H  N N 307 
PRO HD3  H  N N 308 
PRO HXT  H  N N 309 
SER N    N  N N 310 
SER CA   C  N S 311 
SER C    C  N N 312 
SER O    O  N N 313 
SER CB   C  N N 314 
SER OG   O  N N 315 
SER OXT  O  N N 316 
SER H    H  N N 317 
SER H2   H  N N 318 
SER HA   H  N N 319 
SER HB2  H  N N 320 
SER HB3  H  N N 321 
SER HG   H  N N 322 
SER HXT  H  N N 323 
THR N    N  N N 324 
THR CA   C  N S 325 
THR C    C  N N 326 
THR O    O  N N 327 
THR CB   C  N R 328 
THR OG1  O  N N 329 
THR CG2  C  N N 330 
THR OXT  O  N N 331 
THR H    H  N N 332 
THR H2   H  N N 333 
THR HA   H  N N 334 
THR HB   H  N N 335 
THR HG1  H  N N 336 
THR HG21 H  N N 337 
THR HG22 H  N N 338 
THR HG23 H  N N 339 
THR HXT  H  N N 340 
TYR N    N  N N 341 
TYR CA   C  N S 342 
TYR C    C  N N 343 
TYR O    O  N N 344 
TYR CB   C  N N 345 
TYR CG   C  Y N 346 
TYR CD1  C  Y N 347 
TYR CD2  C  Y N 348 
TYR CE1  C  Y N 349 
TYR CE2  C  Y N 350 
TYR CZ   C  Y N 351 
TYR OH   O  N N 352 
TYR OXT  O  N N 353 
TYR H    H  N N 354 
TYR H2   H  N N 355 
TYR HA   H  N N 356 
TYR HB2  H  N N 357 
TYR HB3  H  N N 358 
TYR HD1  H  N N 359 
TYR HD2  H  N N 360 
TYR HE1  H  N N 361 
TYR HE2  H  N N 362 
TYR HH   H  N N 363 
TYR HXT  H  N N 364 
VAL N    N  N N 365 
VAL CA   C  N S 366 
VAL C    C  N N 367 
VAL O    O  N N 368 
VAL CB   C  N N 369 
VAL CG1  C  N N 370 
VAL CG2  C  N N 371 
VAL OXT  O  N N 372 
VAL H    H  N N 373 
VAL H2   H  N N 374 
VAL HA   H  N N 375 
VAL HB   H  N N 376 
VAL HG11 H  N N 377 
VAL HG12 H  N N 378 
VAL HG13 H  N N 379 
VAL HG21 H  N N 380 
VAL HG22 H  N N 381 
VAL HG23 H  N N 382 
VAL HXT  H  N N 383 
# 
loop_
_chem_comp_bond.comp_id 
_chem_comp_bond.atom_id_1 
_chem_comp_bond.atom_id_2 
_chem_comp_bond.value_order 
_chem_comp_bond.pdbx_aromatic_flag 
_chem_comp_bond.pdbx_stereo_config 
_chem_comp_bond.pdbx_ordinal 
ALA N   CA   sing N N 1   
ALA N   H    sing N N 2   
ALA N   H2   sing N N 3   
ALA CA  C    sing N N 4   
ALA CA  CB   sing N N 5   
ALA CA  HA   sing N N 6   
ALA C   O    doub N N 7   
ALA C   OXT  sing N N 8   
ALA CB  HB1  sing N N 9   
ALA CB  HB2  sing N N 10  
ALA CB  HB3  sing N N 11  
ALA OXT HXT  sing N N 12  
ARG N   CA   sing N N 13  
ARG N   H    sing N N 14  
ARG N   H2   sing N N 15  
ARG CA  C    sing N N 16  
ARG CA  CB   sing N N 17  
ARG CA  HA   sing N N 18  
ARG C   O    doub N N 19  
ARG C   OXT  sing N N 20  
ARG CB  CG   sing N N 21  
ARG CB  HB2  sing N N 22  
ARG CB  HB3  sing N N 23  
ARG CG  CD   sing N N 24  
ARG CG  HG2  sing N N 25  
ARG CG  HG3  sing N N 26  
ARG CD  NE   sing N N 27  
ARG CD  HD2  sing N N 28  
ARG CD  HD3  sing N N 29  
ARG NE  CZ   sing N N 30  
ARG NE  HE   sing N N 31  
ARG CZ  NH1  sing N N 32  
ARG CZ  NH2  doub N N 33  
ARG NH1 HH11 sing N N 34  
ARG NH1 HH12 sing N N 35  
ARG NH2 HH21 sing N N 36  
ARG NH2 HH22 sing N N 37  
ARG OXT HXT  sing N N 38  
ASN N   CA   sing N N 39  
ASN N   H    sing N N 40  
ASN N   H2   sing N N 41  
ASN CA  C    sing N N 42  
ASN CA  CB   sing N N 43  
ASN CA  HA   sing N N 44  
ASN C   O    doub N N 45  
ASN C   OXT  sing N N 46  
ASN CB  CG   sing N N 47  
ASN CB  HB2  sing N N 48  
ASN CB  HB3  sing N N 49  
ASN CG  OD1  doub N N 50  
ASN CG  ND2  sing N N 51  
ASN ND2 HD21 sing N N 52  
ASN ND2 HD22 sing N N 53  
ASN OXT HXT  sing N N 54  
ASP N   CA   sing N N 55  
ASP N   H    sing N N 56  
ASP N   H2   sing N N 57  
ASP CA  C    sing N N 58  
ASP CA  CB   sing N N 59  
ASP CA  HA   sing N N 60  
ASP C   O    doub N N 61  
ASP C   OXT  sing N N 62  
ASP CB  CG   sing N N 63  
ASP CB  HB2  sing N N 64  
ASP CB  HB3  sing N N 65  
ASP CG  OD1  doub N N 66  
ASP CG  OD2  sing N N 67  
ASP OD2 HD2  sing N N 68  
ASP OXT HXT  sing N N 69  
CYS N   CA   sing N N 70  
CYS N   H    sing N N 71  
CYS N   H2   sing N N 72  
CYS CA  C    sing N N 73  
CYS CA  CB   sing N N 74  
CYS CA  HA   sing N N 75  
CYS C   O    doub N N 76  
CYS C   OXT  sing N N 77  
CYS CB  SG   sing N N 78  
CYS CB  HB2  sing N N 79  
CYS CB  HB3  sing N N 80  
CYS SG  HG   sing N N 81  
CYS OXT HXT  sing N N 82  
GLN N   CA   sing N N 83  
GLN N   H    sing N N 84  
GLN N   H2   sing N N 85  
GLN CA  C    sing N N 86  
GLN CA  CB   sing N N 87  
GLN CA  HA   sing N N 88  
GLN C   O    doub N N 89  
GLN C   OXT  sing N N 90  
GLN CB  CG   sing N N 91  
GLN CB  HB2  sing N N 92  
GLN CB  HB3  sing N N 93  
GLN CG  CD   sing N N 94  
GLN CG  HG2  sing N N 95  
GLN CG  HG3  sing N N 96  
GLN CD  OE1  doub N N 97  
GLN CD  NE2  sing N N 98  
GLN NE2 HE21 sing N N 99  
GLN NE2 HE22 sing N N 100 
GLN OXT HXT  sing N N 101 
GLU N   CA   sing N N 102 
GLU N   H    sing N N 103 
GLU N   H2   sing N N 104 
GLU CA  C    sing N N 105 
GLU CA  CB   sing N N 106 
GLU CA  HA   sing N N 107 
GLU C   O    doub N N 108 
GLU C   OXT  sing N N 109 
GLU CB  CG   sing N N 110 
GLU CB  HB2  sing N N 111 
GLU CB  HB3  sing N N 112 
GLU CG  CD   sing N N 113 
GLU CG  HG2  sing N N 114 
GLU CG  HG3  sing N N 115 
GLU CD  OE1  doub N N 116 
GLU CD  OE2  sing N N 117 
GLU OE2 HE2  sing N N 118 
GLU OXT HXT  sing N N 119 
GLY N   CA   sing N N 120 
GLY N   H    sing N N 121 
GLY N   H2   sing N N 122 
GLY CA  C    sing N N 123 
GLY CA  HA2  sing N N 124 
GLY CA  HA3  sing N N 125 
GLY C   O    doub N N 126 
GLY C   OXT  sing N N 127 
GLY OXT HXT  sing N N 128 
HIS N   CA   sing N N 129 
HIS N   H    sing N N 130 
HIS N   H2   sing N N 131 
HIS CA  C    sing N N 132 
HIS CA  CB   sing N N 133 
HIS CA  HA   sing N N 134 
HIS C   O    doub N N 135 
HIS C   OXT  sing N N 136 
HIS CB  CG   sing N N 137 
HIS CB  HB2  sing N N 138 
HIS CB  HB3  sing N N 139 
HIS CG  ND1  sing Y N 140 
HIS CG  CD2  doub Y N 141 
HIS ND1 CE1  doub Y N 142 
HIS ND1 HD1  sing N N 143 
HIS CD2 NE2  sing Y N 144 
HIS CD2 HD2  sing N N 145 
HIS CE1 NE2  sing Y N 146 
HIS CE1 HE1  sing N N 147 
HIS NE2 HE2  sing N N 148 
HIS OXT HXT  sing N N 149 
HOH O   H1   sing N N 150 
HOH O   H2   sing N N 151 
ILE N   CA   sing N N 152 
ILE N   H    sing N N 153 
ILE N   H2   sing N N 154 
ILE CA  C    sing N N 155 
ILE CA  CB   sing N N 156 
ILE CA  HA   sing N N 157 
ILE C   O    doub N N 158 
ILE C   OXT  sing N N 159 
ILE CB  CG1  sing N N 160 
ILE CB  CG2  sing N N 161 
ILE CB  HB   sing N N 162 
ILE CG1 CD1  sing N N 163 
ILE CG1 HG12 sing N N 164 
ILE CG1 HG13 sing N N 165 
ILE CG2 HG21 sing N N 166 
ILE CG2 HG22 sing N N 167 
ILE CG2 HG23 sing N N 168 
ILE CD1 HD11 sing N N 169 
ILE CD1 HD12 sing N N 170 
ILE CD1 HD13 sing N N 171 
ILE OXT HXT  sing N N 172 
LEU N   CA   sing N N 173 
LEU N   H    sing N N 174 
LEU N   H2   sing N N 175 
LEU CA  C    sing N N 176 
LEU CA  CB   sing N N 177 
LEU CA  HA   sing N N 178 
LEU C   O    doub N N 179 
LEU C   OXT  sing N N 180 
LEU CB  CG   sing N N 181 
LEU CB  HB2  sing N N 182 
LEU CB  HB3  sing N N 183 
LEU CG  CD1  sing N N 184 
LEU CG  CD2  sing N N 185 
LEU CG  HG   sing N N 186 
LEU CD1 HD11 sing N N 187 
LEU CD1 HD12 sing N N 188 
LEU CD1 HD13 sing N N 189 
LEU CD2 HD21 sing N N 190 
LEU CD2 HD22 sing N N 191 
LEU CD2 HD23 sing N N 192 
LEU OXT HXT  sing N N 193 
LYS N   CA   sing N N 194 
LYS N   H    sing N N 195 
LYS N   H2   sing N N 196 
LYS CA  C    sing N N 197 
LYS CA  CB   sing N N 198 
LYS CA  HA   sing N N 199 
LYS C   O    doub N N 200 
LYS C   OXT  sing N N 201 
LYS CB  CG   sing N N 202 
LYS CB  HB2  sing N N 203 
LYS CB  HB3  sing N N 204 
LYS CG  CD   sing N N 205 
LYS CG  HG2  sing N N 206 
LYS CG  HG3  sing N N 207 
LYS CD  CE   sing N N 208 
LYS CD  HD2  sing N N 209 
LYS CD  HD3  sing N N 210 
LYS CE  NZ   sing N N 211 
LYS CE  HE2  sing N N 212 
LYS CE  HE3  sing N N 213 
LYS NZ  HZ1  sing N N 214 
LYS NZ  HZ2  sing N N 215 
LYS NZ  HZ3  sing N N 216 
LYS OXT HXT  sing N N 217 
MET N   CA   sing N N 218 
MET N   H    sing N N 219 
MET N   H2   sing N N 220 
MET CA  C    sing N N 221 
MET CA  CB   sing N N 222 
MET CA  HA   sing N N 223 
MET C   O    doub N N 224 
MET C   OXT  sing N N 225 
MET CB  CG   sing N N 226 
MET CB  HB2  sing N N 227 
MET CB  HB3  sing N N 228 
MET CG  SD   sing N N 229 
MET CG  HG2  sing N N 230 
MET CG  HG3  sing N N 231 
MET SD  CE   sing N N 232 
MET CE  HE1  sing N N 233 
MET CE  HE2  sing N N 234 
MET CE  HE3  sing N N 235 
MET OXT HXT  sing N N 236 
MSE N   CA   sing N N 237 
MSE N   H    sing N N 238 
MSE N   H2   sing N N 239 
MSE CA  C    sing N N 240 
MSE CA  CB   sing N N 241 
MSE CA  HA   sing N N 242 
MSE C   O    doub N N 243 
MSE C   OXT  sing N N 244 
MSE OXT HXT  sing N N 245 
MSE CB  CG   sing N N 246 
MSE CB  HB2  sing N N 247 
MSE CB  HB3  sing N N 248 
MSE CG  SE   sing N N 249 
MSE CG  HG2  sing N N 250 
MSE CG  HG3  sing N N 251 
MSE SE  CE   sing N N 252 
MSE CE  HE1  sing N N 253 
MSE CE  HE2  sing N N 254 
MSE CE  HE3  sing N N 255 
PHE N   CA   sing N N 256 
PHE N   H    sing N N 257 
PHE N   H2   sing N N 258 
PHE CA  C    sing N N 259 
PHE CA  CB   sing N N 260 
PHE CA  HA   sing N N 261 
PHE C   O    doub N N 262 
PHE C   OXT  sing N N 263 
PHE CB  CG   sing N N 264 
PHE CB  HB2  sing N N 265 
PHE CB  HB3  sing N N 266 
PHE CG  CD1  doub Y N 267 
PHE CG  CD2  sing Y N 268 
PHE CD1 CE1  sing Y N 269 
PHE CD1 HD1  sing N N 270 
PHE CD2 CE2  doub Y N 271 
PHE CD2 HD2  sing N N 272 
PHE CE1 CZ   doub Y N 273 
PHE CE1 HE1  sing N N 274 
PHE CE2 CZ   sing Y N 275 
PHE CE2 HE2  sing N N 276 
PHE CZ  HZ   sing N N 277 
PHE OXT HXT  sing N N 278 
PRO N   CA   sing N N 279 
PRO N   CD   sing N N 280 
PRO N   H    sing N N 281 
PRO CA  C    sing N N 282 
PRO CA  CB   sing N N 283 
PRO CA  HA   sing N N 284 
PRO C   O    doub N N 285 
PRO C   OXT  sing N N 286 
PRO CB  CG   sing N N 287 
PRO CB  HB2  sing N N 288 
PRO CB  HB3  sing N N 289 
PRO CG  CD   sing N N 290 
PRO CG  HG2  sing N N 291 
PRO CG  HG3  sing N N 292 
PRO CD  HD2  sing N N 293 
PRO CD  HD3  sing N N 294 
PRO OXT HXT  sing N N 295 
SER N   CA   sing N N 296 
SER N   H    sing N N 297 
SER N   H2   sing N N 298 
SER CA  C    sing N N 299 
SER CA  CB   sing N N 300 
SER CA  HA   sing N N 301 
SER C   O    doub N N 302 
SER C   OXT  sing N N 303 
SER CB  OG   sing N N 304 
SER CB  HB2  sing N N 305 
SER CB  HB3  sing N N 306 
SER OG  HG   sing N N 307 
SER OXT HXT  sing N N 308 
THR N   CA   sing N N 309 
THR N   H    sing N N 310 
THR N   H2   sing N N 311 
THR CA  C    sing N N 312 
THR CA  CB   sing N N 313 
THR CA  HA   sing N N 314 
THR C   O    doub N N 315 
THR C   OXT  sing N N 316 
THR CB  OG1  sing N N 317 
THR CB  CG2  sing N N 318 
THR CB  HB   sing N N 319 
THR OG1 HG1  sing N N 320 
THR CG2 HG21 sing N N 321 
THR CG2 HG22 sing N N 322 
THR CG2 HG23 sing N N 323 
THR OXT HXT  sing N N 324 
TYR N   CA   sing N N 325 
TYR N   H    sing N N 326 
TYR N   H2   sing N N 327 
TYR CA  C    sing N N 328 
TYR CA  CB   sing N N 329 
TYR CA  HA   sing N N 330 
TYR C   O    doub N N 331 
TYR C   OXT  sing N N 332 
TYR CB  CG   sing N N 333 
TYR CB  HB2  sing N N 334 
TYR CB  HB3  sing N N 335 
TYR CG  CD1  doub Y N 336 
TYR CG  CD2  sing Y N 337 
TYR CD1 CE1  sing Y N 338 
TYR CD1 HD1  sing N N 339 
TYR CD2 CE2  doub Y N 340 
TYR CD2 HD2  sing N N 341 
TYR CE1 CZ   doub Y N 342 
TYR CE1 HE1  sing N N 343 
TYR CE2 CZ   sing Y N 344 
TYR CE2 HE2  sing N N 345 
TYR CZ  OH   sing N N 346 
TYR OH  HH   sing N N 347 
TYR OXT HXT  sing N N 348 
VAL N   CA   sing N N 349 
VAL N   H    sing N N 350 
VAL N   H2   sing N N 351 
VAL CA  C    sing N N 352 
VAL CA  CB   sing N N 353 
VAL CA  HA   sing N N 354 
VAL C   O    doub N N 355 
VAL C   OXT  sing N N 356 
VAL CB  CG1  sing N N 357 
VAL CB  CG2  sing N N 358 
VAL CB  HB   sing N N 359 
VAL CG1 HG11 sing N N 360 
VAL CG1 HG12 sing N N 361 
VAL CG1 HG13 sing N N 362 
VAL CG2 HG21 sing N N 363 
VAL CG2 HG22 sing N N 364 
VAL CG2 HG23 sing N N 365 
VAL OXT HXT  sing N N 366 
# 
_atom_sites.entry_id                    2P4D 
_atom_sites.fract_transf_matrix[1][1]   0.00717462 
_atom_sites.fract_transf_matrix[1][2]   -0.00154500 
_atom_sites.fract_transf_matrix[1][3]   0.00658164 
_atom_sites.fract_transf_matrix[2][1]   -0.00542464 
_atom_sites.fract_transf_matrix[2][2]   0.00441186 
_atom_sites.fract_transf_matrix[2][3]   0.00694903 
_atom_sites.fract_transf_matrix[3][1]   -0.00430354 
_atom_sites.fract_transf_matrix[3][2]   -0.00925765 
_atom_sites.fract_transf_matrix[3][3]   0.00251809 
_atom_sites.fract_transf_vector[1]      0.737138 
_atom_sites.fract_transf_vector[2]      0.036478 
_atom_sites.fract_transf_vector[3]      0.232945 
# 
loop_
_atom_type.symbol 
C  
N  
O  
S  
SE 
# 
loop_
_atom_site.group_PDB 
_atom_site.id 
_atom_site.type_symbol 
_atom_site.label_atom_id 
_atom_site.label_alt_id 
_atom_site.label_comp_id 
_atom_site.label_asym_id 
_atom_site.label_entity_id 
_atom_site.label_seq_id 
_atom_site.pdbx_PDB_ins_code 
_atom_site.Cartn_x 
_atom_site.Cartn_y 
_atom_site.Cartn_z 
_atom_site.occupancy 
_atom_site.B_iso_or_equiv 
_atom_site.pdbx_formal_charge 
_atom_site.auth_seq_id 
_atom_site.auth_comp_id 
_atom_site.auth_asym_id 
_atom_site.auth_atom_id 
_atom_site.pdbx_PDB_model_num 
ATOM   1    N  N   . SER A 1 6   ? -0.614  -21.179 -15.233 1.00 59.42 ? 5   SER A N   1 
ATOM   2    C  CA  . SER A 1 6   ? -1.977  -20.731 -14.791 1.00 59.80 ? 5   SER A CA  1 
ATOM   3    C  C   . SER A 1 6   ? -1.961  -19.342 -14.115 1.00 59.40 ? 5   SER A C   1 
ATOM   4    O  O   . SER A 1 6   ? -3.016  -18.685 -13.984 1.00 59.20 ? 5   SER A O   1 
ATOM   5    C  CB  . SER A 1 6   ? -2.662  -21.775 -13.893 1.00 59.85 ? 5   SER A CB  1 
ATOM   6    O  OG  . SER A 1 6   ? -2.242  -21.672 -12.542 1.00 60.74 ? 5   SER A OG  1 
ATOM   7    N  N   . LEU A 1 7   ? -0.768  -18.907 -13.708 1.00 58.72 ? 6   LEU A N   1 
ATOM   8    C  CA  . LEU A 1 7   ? -0.574  -17.538 -13.242 1.00 58.13 ? 6   LEU A CA  1 
ATOM   9    C  C   . LEU A 1 7   ? -0.295  -16.613 -14.426 1.00 56.92 ? 6   LEU A C   1 
ATOM   10   O  O   . LEU A 1 7   ? -0.753  -15.477 -14.442 1.00 57.06 ? 6   LEU A O   1 
ATOM   11   C  CB  . LEU A 1 7   ? 0.540   -17.459 -12.201 1.00 58.62 ? 6   LEU A CB  1 
ATOM   12   C  CG  . LEU A 1 7   ? 0.541   -16.209 -11.311 1.00 59.48 ? 6   LEU A CG  1 
ATOM   13   C  CD1 . LEU A 1 7   ? 0.550   -16.601 -9.822  1.00 61.61 ? 6   LEU A CD1 1 
ATOM   14   C  CD2 . LEU A 1 7   ? 1.711   -15.284 -11.663 1.00 59.71 ? 6   LEU A CD2 1 
ATOM   15   N  N   . TYR A 1 8   ? 0.443   -17.109 -15.413 1.00 55.34 ? 7   TYR A N   1 
ATOM   16   C  CA  . TYR A 1 8   ? 0.628   -16.419 -16.684 1.00 53.52 ? 7   TYR A CA  1 
ATOM   17   C  C   . TYR A 1 8   ? -0.710  -16.202 -17.377 1.00 51.16 ? 7   TYR A C   1 
ATOM   18   O  O   . TYR A 1 8   ? -0.967  -15.117 -17.910 1.00 50.49 ? 7   TYR A O   1 
ATOM   19   C  CB  . TYR A 1 8   ? 1.544   -17.222 -17.607 1.00 55.57 ? 7   TYR A CB  1 
ATOM   20   C  CG  . TYR A 1 8   ? 3.039   -16.930 -17.515 1.00 57.42 ? 7   TYR A CG  1 
ATOM   21   C  CD1 . TYR A 1 8   ? 3.664   -16.637 -16.289 1.00 58.39 ? 7   TYR A CD1 1 
ATOM   22   C  CD2 . TYR A 1 8   ? 3.840   -17.004 -18.663 1.00 59.01 ? 7   TYR A CD2 1 
ATOM   23   C  CE1 . TYR A 1 8   ? 5.062   -16.386 -16.224 1.00 59.33 ? 7   TYR A CE1 1 
ATOM   24   C  CE2 . TYR A 1 8   ? 5.216   -16.762 -18.613 1.00 60.30 ? 7   TYR A CE2 1 
ATOM   25   C  CZ  . TYR A 1 8   ? 5.821   -16.451 -17.396 1.00 59.42 ? 7   TYR A CZ  1 
ATOM   26   O  OH  . TYR A 1 8   ? 7.184   -16.220 -17.379 1.00 59.52 ? 7   TYR A OH  1 
ATOM   27   N  N   . LYS A 1 9   ? -1.568  -17.218 -17.365 1.00 47.54 ? 8   LYS A N   1 
ATOM   28   C  CA  . LYS A 1 9   ? -2.887  -17.069 -17.964 1.00 44.59 ? 8   LYS A CA  1 
ATOM   29   C  C   . LYS A 1 9   ? -3.713  -16.010 -17.240 1.00 42.02 ? 8   LYS A C   1 
ATOM   30   O  O   . LYS A 1 9   ? -4.369  -15.163 -17.847 1.00 40.44 ? 8   LYS A O   1 
ATOM   31   C  CB  . LYS A 1 9   ? -3.631  -18.396 -17.944 1.00 45.31 ? 8   LYS A CB  1 
ATOM   32   C  CG  . LYS A 1 9   ? -4.965  -18.360 -18.684 1.00 47.56 ? 8   LYS A CG  1 
ATOM   33   C  CD  . LYS A 1 9   ? -5.882  -19.519 -18.237 1.00 53.10 ? 8   LYS A CD  1 
ATOM   34   C  CE  . LYS A 1 9   ? -5.356  -20.876 -18.656 1.00 55.07 ? 8   LYS A CE  1 
ATOM   35   N  NZ  . LYS A 1 9   ? -6.231  -21.971 -18.123 1.00 58.91 ? 8   LYS A NZ  1 
ATOM   36   N  N   . TYR A 1 10  ? -3.685  -16.086 -15.917 1.00 38.82 ? 9   TYR A N   1 
ATOM   37   C  CA  . TYR A 1 10  ? -4.365  -15.120 -15.061 1.00 36.42 ? 9   TYR A CA  1 
ATOM   38   C  C   . TYR A 1 10  ? -3.924  -13.684 -15.377 1.00 33.67 ? 9   TYR A C   1 
ATOM   39   O  O   . TYR A 1 10  ? -4.756  -12.814 -15.599 1.00 33.33 ? 9   TYR A O   1 
ATOM   40   C  CB  . TYR A 1 10  ? -4.106  -15.497 -13.581 1.00 36.40 ? 9   TYR A CB  1 
ATOM   41   C  CG  . TYR A 1 10  ? -4.432  -14.376 -12.618 1.00 35.44 ? 9   TYR A CG  1 
ATOM   42   C  CD1 . TYR A 1 10  ? -5.756  -14.056 -12.317 1.00 33.43 ? 9   TYR A CD1 1 
ATOM   43   C  CD2 . TYR A 1 10  ? -3.402  -13.627 -12.023 1.00 36.88 ? 9   TYR A CD2 1 
ATOM   44   C  CE1 . TYR A 1 10  ? -6.051  -13.001 -11.448 1.00 37.34 ? 9   TYR A CE1 1 
ATOM   45   C  CE2 . TYR A 1 10  ? -3.696  -12.584 -11.145 1.00 35.83 ? 9   TYR A CE2 1 
ATOM   46   C  CZ  . TYR A 1 10  ? -5.008  -12.280 -10.885 1.00 35.09 ? 9   TYR A CZ  1 
ATOM   47   O  OH  . TYR A 1 10  ? -5.293  -11.260 -10.026 1.00 36.57 ? 9   TYR A OH  1 
ATOM   48   N  N   . LEU A 1 11  ? -2.622  -13.455 -15.438 1.00 32.97 ? 10  LEU A N   1 
ATOM   49   C  CA  . LEU A 1 11  ? -2.094  -12.089 -15.618 1.00 33.26 ? 10  LEU A CA  1 
ATOM   50   C  C   . LEU A 1 11  ? -2.420  -11.601 -17.020 1.00 32.22 ? 10  LEU A C   1 
ATOM   51   O  O   . LEU A 1 11  ? -2.784  -10.446 -17.196 1.00 30.54 ? 10  LEU A O   1 
ATOM   52   C  CB  . LEU A 1 11  ? -0.578  -12.023 -15.423 1.00 33.74 ? 10  LEU A CB  1 
ATOM   53   C  CG  . LEU A 1 11  ? -0.131  -12.249 -13.978 1.00 37.69 ? 10  LEU A CG  1 
ATOM   54   C  CD1 . LEU A 1 11  ? 1.391   -12.061 -13.918 1.00 40.54 ? 10  LEU A CD1 1 
ATOM   55   C  CD2 . LEU A 1 11  ? -0.893  -11.342 -12.965 1.00 37.44 ? 10  LEU A CD2 1 
ATOM   56   N  N   . LEU A 1 12  ? -2.266  -12.480 -18.008 1.00 30.57 ? 11  LEU A N   1 
ATOM   57   C  CA  . LEU A 1 12  ? -2.533  -12.061 -19.394 1.00 30.79 ? 11  LEU A CA  1 
ATOM   58   C  C   . LEU A 1 12  ? -3.999  -11.713 -19.660 1.00 30.20 ? 11  LEU A C   1 
ATOM   59   O  O   . LEU A 1 12  ? -4.280  -10.746 -20.373 1.00 29.80 ? 11  LEU A O   1 
ATOM   60   C  CB  . LEU A 1 12  ? -2.016  -13.098 -20.371 1.00 30.56 ? 11  LEU A CB  1 
ATOM   61   C  CG  . LEU A 1 12  ? -0.494  -13.233 -20.591 1.00 32.94 ? 11  LEU A CG  1 
ATOM   62   C  CD1 . LEU A 1 12  ? -0.251  -14.289 -21.695 1.00 35.25 ? 11  LEU A CD1 1 
ATOM   63   C  CD2 . LEU A 1 12  ? 0.144   -11.912 -20.989 1.00 34.92 ? 11  LEU A CD2 1 
ATOM   64   N  N   . LEU A 1 13  ? -4.937  -12.458 -19.070 1.00 29.93 ? 12  LEU A N   1 
ATOM   65   C  CA  . LEU A 1 13  ? -6.354  -12.108 -19.209 1.00 30.20 ? 12  LEU A CA  1 
ATOM   66   C  C   . LEU A 1 13  ? -6.671  -10.832 -18.446 1.00 29.36 ? 12  LEU A C   1 
ATOM   67   O  O   . LEU A 1 13  ? -7.322  -9.933  -18.972 1.00 28.00 ? 12  LEU A O   1 
ATOM   68   C  CB  . LEU A 1 13  ? -7.277  -13.244 -18.746 1.00 31.94 ? 12  LEU A CB  1 
ATOM   69   C  CG  . LEU A 1 13  ? -7.334  -14.444 -19.706 1.00 34.32 ? 12  LEU A CG  1 
ATOM   70   C  CD1 . LEU A 1 13  ? -8.272  -15.530 -19.097 1.00 36.67 ? 12  LEU A CD1 1 
ATOM   71   C  CD2 . LEU A 1 13  ? -7.797  -14.026 -21.103 1.00 35.30 ? 12  LEU A CD2 1 
ATOM   72   N  N   . ARG A 1 14  ? -6.139  -10.703 -17.228 1.00 28.33 ? 13  ARG A N   1 
ATOM   73   C  CA  . ARG A 1 14  ? -6.334  -9.471  -16.466 1.00 27.66 ? 13  ARG A CA  1 
ATOM   74   C  C   . ARG A 1 14  ? -5.812  -8.218  -17.189 1.00 27.28 ? 13  ARG A C   1 
ATOM   75   O  O   . ARG A 1 14  ? -6.364  -7.117  -17.011 1.00 26.68 ? 13  ARG A O   1 
ATOM   76   C  CB  . ARG A 1 14  ? -5.673  -9.608  -15.077 1.00 28.35 ? 13  ARG A CB  1 
ATOM   77   C  CG  . ARG A 1 14  ? -6.550  -10.441 -14.058 1.00 28.80 ? 13  ARG A CG  1 
ATOM   78   C  CD  . ARG A 1 14  ? -7.846  -9.708  -13.748 1.00 33.81 ? 13  ARG A CD  1 
ATOM   79   N  NE  . ARG A 1 14  ? -8.515  -10.347 -12.608 1.00 40.13 ? 13  ARG A NE  1 
ATOM   80   C  CZ  . ARG A 1 14  ? -9.650  -11.048 -12.661 1.00 47.25 ? 13  ARG A CZ  1 
ATOM   81   N  NH1 . ARG A 1 14  ? -10.318 -11.221 -13.802 1.00 49.11 ? 13  ARG A NH1 1 
ATOM   82   N  NH2 . ARG A 1 14  ? -10.134 -11.581 -11.542 1.00 49.37 ? 13  ARG A NH2 1 
ATOM   83   N  N   . SER A 1 15  ? -4.747  -8.385  -17.973 1.00 25.98 ? 14  SER A N   1 
ATOM   84   C  CA  . SER A 1 15  ? -3.978  -7.276  -18.564 1.00 26.59 ? 14  SER A CA  1 
ATOM   85   C  C   . SER A 1 15  ? -4.477  -6.881  -19.958 1.00 27.41 ? 14  SER A C   1 
ATOM   86   O  O   . SER A 1 15  ? -4.025  -5.884  -20.522 1.00 25.54 ? 14  SER A O   1 
ATOM   87   C  CB  . SER A 1 15  ? -2.508  -7.692  -18.704 1.00 26.31 ? 14  SER A CB  1 
ATOM   88   O  OG  . SER A 1 15  ? -1.906  -7.823  -17.422 1.00 26.32 ? 14  SER A OG  1 
ATOM   89   N  N   . THR A 1 16  ? -5.400  -7.673  -20.492 1.00 28.05 ? 15  THR A N   1 
ATOM   90   C  CA  . THR A 1 16  ? -5.914  -7.405  -21.844 1.00 31.36 ? 15  THR A CA  1 
ATOM   91   C  C   . THR A 1 16  ? -7.444  -7.269  -21.904 1.00 34.98 ? 15  THR A C   1 
ATOM   92   O  O   . THR A 1 16  ? -8.068  -7.396  -22.972 1.00 35.67 ? 15  THR A O   1 
ATOM   93   C  CB  . THR A 1 16  ? -5.395  -8.471  -22.838 1.00 30.33 ? 15  THR A CB  1 
ATOM   94   O  OG1 . THR A 1 16  ? -5.815  -9.769  -22.410 1.00 29.97 ? 15  THR A OG1 1 
ATOM   95   C  CG2 . THR A 1 16  ? -3.880  -8.421  -22.934 1.00 30.48 ? 15  THR A CG2 1 
ATOM   96   N  N   . GLY A 1 17  ? -8.044  -6.971  -20.749 1.00 38.11 ? 16  GLY A N   1 
ATOM   97   C  CA  . GLY A 1 17  ? -9.391  -6.402  -20.700 1.00 41.26 ? 16  GLY A CA  1 
ATOM   98   C  C   . GLY A 1 17  ? -10.329 -7.023  -19.711 1.00 43.38 ? 16  GLY A C   1 
ATOM   99   O  O   . GLY A 1 17  ? -11.509 -6.629  -19.655 1.00 43.59 ? 16  GLY A O   1 
ATOM   100  N  N   . ASP A 1 18  ? -9.814  -7.970  -18.922 1.00 45.34 ? 17  ASP A N   1 
ATOM   101  C  CA  . ASP A 1 18  ? -10.599 -8.765  -17.962 1.00 47.88 ? 17  ASP A CA  1 
ATOM   102  C  C   . ASP A 1 18  ? -10.549 -8.208  -16.526 1.00 47.99 ? 17  ASP A C   1 
ATOM   103  O  O   . ASP A 1 18  ? -10.635 -8.986  -15.562 1.00 48.97 ? 17  ASP A O   1 
ATOM   104  C  CB  . ASP A 1 18  ? -10.092 -10.220 -17.900 1.00 49.02 ? 17  ASP A CB  1 
ATOM   105  C  CG  . ASP A 1 18  ? -10.713 -11.139 -18.958 1.00 53.17 ? 17  ASP A CG  1 
ATOM   106  O  OD1 . ASP A 1 18  ? -10.712 -10.808 -20.171 1.00 58.26 ? 17  ASP A OD1 1 
ATOM   107  O  OD2 . ASP A 1 18  ? -11.160 -12.242 -18.570 1.00 59.00 ? 17  ASP A OD2 1 
HETATM 108  N  N   . MSE A 1 19  ? -10.376 -6.897  -16.367 1.00 47.86 ? 18  MSE A N   1 
HETATM 109  C  CA  . MSE A 1 19  ? -10.466 -6.281  -15.025 1.00 46.11 ? 18  MSE A CA  1 
HETATM 110  C  C   . MSE A 1 19  ? -11.916 -6.043  -14.566 1.00 47.95 ? 18  MSE A C   1 
HETATM 111  O  O   . MSE A 1 19  ? -12.738 -5.551  -15.324 1.00 49.22 ? 18  MSE A O   1 
HETATM 112  C  CB  . MSE A 1 19  ? -9.688  -4.957  -14.964 1.00 47.06 ? 18  MSE A CB  1 
HETATM 113  C  CG  . MSE A 1 19  ? -8.227  -5.065  -15.380 1.00 44.60 ? 18  MSE A CG  1 
HETATM 114  SE SE  . MSE A 1 19  ? -7.352  -3.538  -15.209 1.00 38.21 ? 18  MSE A SE  1 
HETATM 115  C  CE  . MSE A 1 19  ? -7.289  -3.457  -13.481 1.00 37.33 ? 18  MSE A CE  1 
ATOM   116  N  N   . ARG A 1 20  ? -12.199 -6.377  -13.309 1.00 48.14 ? 19  ARG A N   1 
ATOM   117  C  CA  . ARG A 1 20  ? -13.508 -6.105  -12.674 1.00 47.33 ? 19  ARG A CA  1 
ATOM   118  C  C   . ARG A 1 20  ? -13.773 -4.625  -12.378 1.00 45.64 ? 19  ARG A C   1 
ATOM   119  O  O   . ARG A 1 20  ? -12.843 -3.810  -12.247 1.00 45.23 ? 19  ARG A O   1 
ATOM   120  C  CB  . ARG A 1 20  ? -13.593 -6.880  -11.365 1.00 47.99 ? 19  ARG A CB  1 
ATOM   121  C  CG  . ARG A 1 20  ? -13.256 -8.349  -11.502 1.00 51.94 ? 19  ARG A CG  1 
ATOM   122  C  CD  . ARG A 1 20  ? -13.172 -8.998  -10.141 1.00 57.85 ? 19  ARG A CD  1 
ATOM   123  N  NE  . ARG A 1 20  ? -14.485 -9.162  -9.528  1.00 60.86 ? 19  ARG A NE  1 
ATOM   124  C  CZ  . ARG A 1 20  ? -15.092 -10.337 -9.381  1.00 64.64 ? 19  ARG A CZ  1 
ATOM   125  N  NH1 . ARG A 1 20  ? -14.508 -11.460 -9.804  1.00 65.23 ? 19  ARG A NH1 1 
ATOM   126  N  NH2 . ARG A 1 20  ? -16.289 -10.396 -8.807  1.00 66.27 ? 19  ARG A NH2 1 
ATOM   127  N  N   . ARG A 1 21  ? -15.051 -4.271  -12.257 1.00 43.33 ? 20  ARG A N   1 
ATOM   128  C  CA  . ARG A 1 21  ? -15.440 -2.927  -11.838 1.00 42.42 ? 20  ARG A CA  1 
ATOM   129  C  C   . ARG A 1 21  ? -14.865 -2.674  -10.408 1.00 38.28 ? 20  ARG A C   1 
ATOM   130  O  O   . ARG A 1 21  ? -14.910 -3.580  -9.595  1.00 36.97 ? 20  ARG A O   1 
ATOM   131  C  CB  . ARG A 1 21  ? -16.964 -2.863  -11.779 1.00 42.63 ? 20  ARG A CB  1 
ATOM   132  C  CG  . ARG A 1 21  ? -17.519 -1.556  -11.263 1.00 45.31 ? 20  ARG A CG  1 
ATOM   133  C  CD  . ARG A 1 21  ? -19.067 -1.529  -11.362 1.00 47.55 ? 20  ARG A CD  1 
ATOM   134  N  NE  . ARG A 1 21  ? -19.741 -2.553  -10.548 1.00 56.54 ? 20  ARG A NE  1 
ATOM   135  C  CZ  . ARG A 1 21  ? -19.959 -2.470  -9.231  1.00 60.61 ? 20  ARG A CZ  1 
ATOM   136  N  NH1 . ARG A 1 21  ? -19.547 -1.411  -8.525  1.00 61.87 ? 20  ARG A NH1 1 
ATOM   137  N  NH2 . ARG A 1 21  ? -20.596 -3.460  -8.616  1.00 63.46 ? 20  ARG A NH2 1 
ATOM   138  N  N   . ALA A 1 22  ? -14.338 -1.474  -10.133 1.00 36.60 ? 21  ALA A N   1 
ATOM   139  C  CA  . ALA A 1 22  ? -13.717 -1.178  -8.811  1.00 34.48 ? 21  ALA A CA  1 
ATOM   140  C  C   . ALA A 1 22  ? -14.748 -1.144  -7.686  1.00 33.30 ? 21  ALA A C   1 
ATOM   141  O  O   . ALA A 1 22  ? -15.871 -0.669  -7.878  1.00 32.28 ? 21  ALA A O   1 
ATOM   142  C  CB  . ALA A 1 22  ? -12.969 0.122   -8.841  1.00 34.60 ? 21  ALA A CB  1 
ATOM   143  N  N   . LYS A 1 23  ? -14.354 -1.642  -6.514  1.00 30.11 ? 22  LYS A N   1 
ATOM   144  C  CA  . LYS A 1 23  ? -15.198 -1.659  -5.337  1.00 27.83 ? 22  LYS A CA  1 
ATOM   145  C  C   . LYS A 1 23  ? -14.339 -1.136  -4.186  1.00 26.04 ? 22  LYS A C   1 
ATOM   146  O  O   . LYS A 1 23  ? -13.124 -1.345  -4.176  1.00 24.40 ? 22  LYS A O   1 
ATOM   147  C  CB  . LYS A 1 23  ? -15.695 -3.062  -5.003  1.00 29.91 ? 22  LYS A CB  1 
ATOM   148  C  CG  . LYS A 1 23  ? -16.807 -3.569  -5.929  1.00 35.74 ? 22  LYS A CG  1 
ATOM   149  C  CD  . LYS A 1 23  ? -17.540 -4.744  -5.278  1.00 43.07 ? 22  LYS A CD  1 
ATOM   150  C  CE  . LYS A 1 23  ? -18.868 -5.066  -5.989  1.00 48.43 ? 22  LYS A CE  1 
ATOM   151  N  NZ  . LYS A 1 23  ? -18.675 -5.163  -7.495  1.00 52.40 ? 22  LYS A NZ  1 
ATOM   152  N  N   . SER A 1 24  ? -14.973 -0.472  -3.231  1.00 23.81 ? 23  SER A N   1 
ATOM   153  C  CA  . SER A 1 24  ? -14.237 0.074   -2.051  1.00 24.68 ? 23  SER A CA  1 
ATOM   154  C  C   . SER A 1 24  ? -13.690 -1.100  -1.243  1.00 23.72 ? 23  SER A C   1 
ATOM   155  O  O   . SER A 1 24  ? -14.448 -2.056  -0.963  1.00 23.05 ? 23  SER A O   1 
ATOM   156  C  CB  . SER A 1 24  ? -15.201 0.867   -1.155  1.00 25.66 ? 23  SER A CB  1 
ATOM   157  O  OG  . SER A 1 24  ? -15.588 2.086   -1.758  1.00 25.29 ? 23  SER A OG  1 
ATOM   158  N  N   . PRO A 1 25  ? -12.394 -1.045  -0.841  1.00 23.54 ? 24  PRO A N   1 
ATOM   159  C  CA  . PRO A 1 25  ? -11.835 -2.062  0.080   1.00 22.41 ? 24  PRO A CA  1 
ATOM   160  C  C   . PRO A 1 25  ? -12.575 -2.092  1.424   1.00 22.92 ? 24  PRO A C   1 
ATOM   161  O  O   . PRO A 1 25  ? -13.191 -1.096  1.824   1.00 23.09 ? 24  PRO A O   1 
ATOM   162  C  CB  . PRO A 1 25  ? -10.407 -1.551  0.305   1.00 22.34 ? 24  PRO A CB  1 
ATOM   163  C  CG  . PRO A 1 25  ? -10.071 -0.907  -1.057  1.00 23.65 ? 24  PRO A CG  1 
ATOM   164  C  CD  . PRO A 1 25  ? -11.340 -0.115  -1.320  1.00 22.24 ? 24  PRO A CD  1 
ATOM   165  N  N   . THR A 1 26  ? -12.500 -3.214  2.123   1.00 22.48 ? 25  THR A N   1 
ATOM   166  C  CA  . THR A 1 26  ? -13.244 -3.335  3.381   1.00 23.24 ? 25  THR A CA  1 
ATOM   167  C  C   . THR A 1 26  ? -12.219 -3.587  4.476   1.00 23.53 ? 25  THR A C   1 
ATOM   168  O  O   . THR A 1 26  ? -11.701 -2.633  5.054   1.00 23.22 ? 25  THR A O   1 
ATOM   169  C  CB  . THR A 1 26  ? -14.328 -4.475  3.295   1.00 24.44 ? 25  THR A CB  1 
ATOM   170  O  OG1 . THR A 1 26  ? -13.687 -5.701  2.870   1.00 26.72 ? 25  THR A OG1 1 
ATOM   171  C  CG2 . THR A 1 26  ? -15.432 -4.124  2.314   1.00 27.53 ? 25  THR A CG2 1 
ATOM   172  N  N   . ILE A 1 27  ? -11.874 -4.852  4.728   1.00 23.14 ? 26  ILE A N   1 
ATOM   173  C  CA  . ILE A 1 27  ? -10.974 -5.191  5.830   1.00 24.00 ? 26  ILE A CA  1 
ATOM   174  C  C   . ILE A 1 27  ? -9.544  -4.845  5.479   1.00 22.84 ? 26  ILE A C   1 
ATOM   175  O  O   . ILE A 1 27  ? -9.201  -4.718  4.280   1.00 21.71 ? 26  ILE A O   1 
ATOM   176  C  CB  . ILE A 1 27  ? -11.104 -6.693  6.257   1.00 25.44 ? 26  ILE A CB  1 
ATOM   177  C  CG1 . ILE A 1 27  ? -10.802 -7.612  5.053   1.00 27.22 ? 26  ILE A CG1 1 
ATOM   178  C  CG2 . ILE A 1 27  ? -12.484 -6.878  6.949   1.00 26.62 ? 26  ILE A CG2 1 
ATOM   179  C  CD1 . ILE A 1 27  ? -10.637 -9.126  5.384   1.00 26.91 ? 26  ILE A CD1 1 
HETATM 180  N  N   . MSE A 1 28  ? -8.697  -4.675  6.520   1.00 22.88 ? 27  MSE A N   1 
HETATM 181  C  CA  . MSE A 1 28  ? -7.246  -4.576  6.316   1.00 23.50 ? 27  MSE A CA  1 
HETATM 182  C  C   . MSE A 1 28  ? -6.674  -5.757  5.562   1.00 23.74 ? 27  MSE A C   1 
HETATM 183  O  O   . MSE A 1 28  ? -7.199  -6.870  5.702   1.00 25.60 ? 27  MSE A O   1 
HETATM 184  C  CB  . MSE A 1 28  ? -6.507  -4.577  7.688   1.00 25.01 ? 27  MSE A CB  1 
HETATM 185  C  CG  . MSE A 1 28  ? -6.271  -3.325  8.330   1.00 30.49 ? 27  MSE A CG  1 
HETATM 186  SE SE  . MSE A 1 28  ? -5.277  -3.694  9.882   1.00 15.96 ? 27  MSE A SE  1 
HETATM 187  C  CE  . MSE A 1 28  ? -3.709  -3.453  9.204   1.00 36.65 ? 27  MSE A CE  1 
ATOM   188  N  N   . THR A 1 29  ? -5.574  -5.552  4.818   1.00 23.37 ? 28  THR A N   1 
ATOM   189  C  CA  . THR A 1 29  ? -4.888  -6.639  4.145   1.00 23.96 ? 28  THR A CA  1 
ATOM   190  C  C   . THR A 1 29  ? -3.443  -6.723  4.633   1.00 24.83 ? 28  THR A C   1 
ATOM   191  O  O   . THR A 1 29  ? -2.675  -5.776  4.464   1.00 25.08 ? 28  THR A O   1 
ATOM   192  C  CB  . THR A 1 29  ? -4.873  -6.417  2.590   1.00 25.70 ? 28  THR A CB  1 
ATOM   193  O  OG1 . THR A 1 29  ? -6.230  -6.421  2.114   1.00 28.06 ? 28  THR A OG1 1 
ATOM   194  C  CG2 . THR A 1 29  ? -4.153  -7.504  1.885   1.00 23.16 ? 28  THR A CG2 1 
ATOM   195  N  N   . ARG A 1 30  ? -3.053  -7.891  5.168   1.00 24.32 ? 29  ARG A N   1 
ATOM   196  C  CA  . ARG A 1 30  ? -1.671  -8.098  5.549   1.00 24.03 ? 29  ARG A CA  1 
ATOM   197  C  C   . ARG A 1 30  ? -0.868  -8.338  4.292   1.00 25.50 ? 29  ARG A C   1 
ATOM   198  O  O   . ARG A 1 30  ? -1.178  -9.275  3.510   1.00 26.47 ? 29  ARG A O   1 
ATOM   199  C  CB  . ARG A 1 30  ? -1.594  -9.343  6.459   1.00 24.33 ? 29  ARG A CB  1 
ATOM   200  C  CG  . ARG A 1 30  ? -0.172  -9.565  7.021   1.00 25.38 ? 29  ARG A CG  1 
ATOM   201  C  CD  . ARG A 1 30  ? -0.275  -10.756 7.968   1.00 26.87 ? 29  ARG A CD  1 
ATOM   202  N  NE  . ARG A 1 30  ? 1.021   -11.013 8.620   1.00 26.34 ? 29  ARG A NE  1 
ATOM   203  C  CZ  . ARG A 1 30  ? 1.251   -12.093 9.368   1.00 28.82 ? 29  ARG A CZ  1 
ATOM   204  N  NH1 . ARG A 1 30  ? 0.292   -12.997 9.514   1.00 27.49 ? 29  ARG A NH1 1 
ATOM   205  N  NH2 . ARG A 1 30  ? 2.450   -12.252 9.936   1.00 27.78 ? 29  ARG A NH2 1 
ATOM   206  N  N   . VAL A 1 31  ? 0.174   -7.547  4.060   1.00 25.28 ? 30  VAL A N   1 
ATOM   207  C  CA  . VAL A 1 31  ? 0.953   -7.771  2.856   1.00 26.04 ? 30  VAL A CA  1 
ATOM   208  C  C   . VAL A 1 31  ? 2.288   -8.473  3.051   1.00 26.53 ? 30  VAL A C   1 
ATOM   209  O  O   . VAL A 1 31  ? 2.763   -9.170  2.128   1.00 26.38 ? 30  VAL A O   1 
ATOM   210  C  CB  . VAL A 1 31  ? 1.127   -6.491  1.987   1.00 28.26 ? 30  VAL A CB  1 
ATOM   211  C  CG1 . VAL A 1 31  ? -0.232  -5.768  1.879   1.00 28.28 ? 30  VAL A CG1 1 
ATOM   212  C  CG2 . VAL A 1 31  ? 2.131   -5.538  2.596   1.00 31.52 ? 30  VAL A CG2 1 
ATOM   213  N  N   . THR A 1 32  ? 2.913   -8.222  4.202   1.00 25.29 ? 31  THR A N   1 
ATOM   214  C  CA  . THR A 1 32  ? 4.134   -8.943  4.618   1.00 25.65 ? 31  THR A CA  1 
ATOM   215  C  C   . THR A 1 32  ? 4.000   -9.417  6.066   1.00 24.78 ? 31  THR A C   1 
ATOM   216  O  O   . THR A 1 32  ? 2.941   -9.267  6.675   1.00 23.96 ? 31  THR A O   1 
ATOM   217  C  CB  . THR A 1 32  ? 5.422   -8.098  4.471   1.00 24.44 ? 31  THR A CB  1 
ATOM   218  O  OG1 . THR A 1 32  ? 5.397   -6.987  5.390   1.00 23.45 ? 31  THR A OG1 1 
ATOM   219  C  CG2 . THR A 1 32  ? 5.599   -7.560  3.047   1.00 27.07 ? 31  THR A CG2 1 
ATOM   220  N  N   . ASN A 1 33  ? 5.074   -9.993  6.624   1.00 24.93 ? 32  ASN A N   1 
ATOM   221  C  CA  . ASN A 1 33  ? 4.988   -10.392 8.032   1.00 26.08 ? 32  ASN A CA  1 
ATOM   222  C  C   . ASN A 1 33  ? 4.456   -9.279  8.955   1.00 24.79 ? 32  ASN A C   1 
ATOM   223  O  O   . ASN A 1 33  ? 3.579   -9.544  9.823   1.00 25.76 ? 32  ASN A O   1 
ATOM   224  C  CB  . ASN A 1 33  ? 6.378   -10.830 8.521   1.00 26.39 ? 32  ASN A CB  1 
ATOM   225  C  CG  . ASN A 1 33  ? 6.333   -11.504 9.872   1.00 32.97 ? 32  ASN A CG  1 
ATOM   226  O  OD1 . ASN A 1 33  ? 5.274   -11.966 10.328  1.00 35.16 ? 32  ASN A OD1 1 
ATOM   227  N  ND2 . ASN A 1 33  ? 7.491   -11.522 10.561  1.00 35.96 ? 32  ASN A ND2 1 
ATOM   228  N  N   . ASN A 1 34  ? 4.955   -8.053  8.785   1.00 23.57 ? 33  ASN A N   1 
ATOM   229  C  CA  . ASN A 1 34  ? 4.573   -6.966  9.702   1.00 22.45 ? 33  ASN A CA  1 
ATOM   230  C  C   . ASN A 1 34  ? 3.816   -5.786  9.083   1.00 22.04 ? 33  ASN A C   1 
ATOM   231  O  O   . ASN A 1 34  ? 3.413   -4.883  9.798   1.00 22.06 ? 33  ASN A O   1 
ATOM   232  C  CB  . ASN A 1 34  ? 5.807   -6.432  10.453  1.00 24.31 ? 33  ASN A CB  1 
ATOM   233  C  CG  . ASN A 1 34  ? 6.368   -7.456  11.413  1.00 26.98 ? 33  ASN A CG  1 
ATOM   234  O  OD1 . ASN A 1 34  ? 5.899   -7.562  12.552  1.00 27.79 ? 33  ASN A OD1 1 
ATOM   235  N  ND2 . ASN A 1 34  ? 7.367   -8.225  10.964  1.00 28.02 ? 33  ASN A ND2 1 
ATOM   236  N  N   . VAL A 1 35  ? 3.670   -5.789  7.754   1.00 21.44 ? 34  VAL A N   1 
ATOM   237  C  CA  . VAL A 1 35  ? 3.149   -4.569  7.082   1.00 20.84 ? 34  VAL A CA  1 
ATOM   238  C  C   . VAL A 1 35  ? 1.731   -4.853  6.551   1.00 20.64 ? 34  VAL A C   1 
ATOM   239  O  O   . VAL A 1 35  ? 1.484   -5.863  5.855   1.00 21.10 ? 34  VAL A O   1 
ATOM   240  C  CB  . VAL A 1 35  ? 4.062   -4.164  5.899   1.00 21.78 ? 34  VAL A CB  1 
ATOM   241  C  CG1 . VAL A 1 35  ? 3.441   -2.918  5.208   1.00 20.60 ? 34  VAL A CG1 1 
ATOM   242  C  CG2 . VAL A 1 35  ? 5.431   -3.792  6.475   1.00 23.86 ? 34  VAL A CG2 1 
ATOM   243  N  N   . TYR A 1 36  ? 0.812   -3.932  6.857   1.00 20.96 ? 35  TYR A N   1 
ATOM   244  C  CA  . TYR A 1 36  ? -0.635  -4.096  6.560   1.00 19.60 ? 35  TYR A CA  1 
ATOM   245  C  C   . TYR A 1 36  ? -1.073  -2.841  5.774   1.00 19.68 ? 35  TYR A C   1 
ATOM   246  O  O   . TYR A 1 36  ? -0.493  -1.768  5.952   1.00 19.49 ? 35  TYR A O   1 
ATOM   247  C  CB  . TYR A 1 36  ? -1.453  -4.157  7.857   1.00 19.65 ? 35  TYR A CB  1 
ATOM   248  C  CG  . TYR A 1 36  ? -1.176  -5.390  8.686   1.00 21.15 ? 35  TYR A CG  1 
ATOM   249  C  CD1 . TYR A 1 36  ? -2.123  -6.405  8.783   1.00 22.31 ? 35  TYR A CD1 1 
ATOM   250  C  CD2 . TYR A 1 36  ? 0.014   -5.525  9.390   1.00 23.89 ? 35  TYR A CD2 1 
ATOM   251  C  CE1 . TYR A 1 36  ? -1.856  -7.580  9.570   1.00 23.03 ? 35  TYR A CE1 1 
ATOM   252  C  CE2 . TYR A 1 36  ? 0.293   -6.674  10.145  1.00 21.79 ? 35  TYR A CE2 1 
ATOM   253  C  CZ  . TYR A 1 36  ? -0.664  -7.691  10.227  1.00 22.89 ? 35  TYR A CZ  1 
ATOM   254  O  OH  . TYR A 1 36  ? -0.375  -8.845  10.965  1.00 24.31 ? 35  TYR A OH  1 
ATOM   255  N  N   . LEU A 1 37  ? -2.065  -3.026  4.888   1.00 19.73 ? 36  LEU A N   1 
ATOM   256  C  CA  . LEU A 1 37  ? -2.650  -1.935  4.079   1.00 19.22 ? 36  LEU A CA  1 
ATOM   257  C  C   . LEU A 1 37  ? -4.113  -1.752  4.489   1.00 19.02 ? 36  LEU A C   1 
ATOM   258  O  O   . LEU A 1 37  ? -4.851  -2.754  4.629   1.00 20.19 ? 36  LEU A O   1 
ATOM   259  C  CB  . LEU A 1 37  ? -2.593  -2.351  2.583   1.00 17.33 ? 36  LEU A CB  1 
ATOM   260  C  CG  . LEU A 1 37  ? -3.332  -1.494  1.519   1.00 20.11 ? 36  LEU A CG  1 
ATOM   261  C  CD1 . LEU A 1 37  ? -2.877  -0.023  1.520   1.00 19.94 ? 36  LEU A CD1 1 
ATOM   262  C  CD2 . LEU A 1 37  ? -3.130  -2.134  0.114   1.00 20.13 ? 36  LEU A CD2 1 
ATOM   263  N  N   . GLY A 1 38  ? -4.535  -0.504  4.715   1.00 18.98 ? 37  GLY A N   1 
ATOM   264  C  CA  . GLY A 1 38  ? -5.925  -0.293  5.082   1.00 19.16 ? 37  GLY A CA  1 
ATOM   265  C  C   . GLY A 1 38  ? -6.456  1.098   4.775   1.00 20.00 ? 37  GLY A C   1 
ATOM   266  O  O   . GLY A 1 38  ? -5.784  1.931   4.122   1.00 19.55 ? 37  GLY A O   1 
ATOM   267  N  N   . ASN A 1 39  ? -7.660  1.326   5.268   1.00 19.97 ? 38  ASN A N   1 
ATOM   268  C  CA  . ASN A 1 39  ? -8.378  2.595   5.024   1.00 21.00 ? 38  ASN A CA  1 
ATOM   269  C  C   . ASN A 1 39  ? -8.512  3.375   6.338   1.00 20.08 ? 38  ASN A C   1 
ATOM   270  O  O   . ASN A 1 39  ? -7.909  2.984   7.365   1.00 20.40 ? 38  ASN A O   1 
ATOM   271  C  CB  . ASN A 1 39  ? -9.722  2.272   4.375   1.00 20.79 ? 38  ASN A CB  1 
ATOM   272  C  CG  . ASN A 1 39  ? -10.679 1.538   5.319   1.00 22.53 ? 38  ASN A CG  1 
ATOM   273  O  OD1 . ASN A 1 39  ? -10.384 1.345   6.495   1.00 20.37 ? 38  ASN A OD1 1 
ATOM   274  N  ND2 . ASN A 1 39  ? -11.852 1.124   4.784   1.00 24.16 ? 38  ASN A ND2 1 
ATOM   275  N  N   . TYR A 1 40  ? -9.336  4.447   6.376   1.00 19.39 ? 39  TYR A N   1 
ATOM   276  C  CA  . TYR A 1 40  ? -9.399  5.277   7.584   1.00 20.18 ? 39  TYR A CA  1 
ATOM   277  C  C   . TYR A 1 40  ? -10.053 4.495   8.743   1.00 19.23 ? 39  TYR A C   1 
ATOM   278  O  O   . TYR A 1 40  ? -9.617  4.561   9.878   1.00 19.62 ? 39  TYR A O   1 
ATOM   279  C  CB  . TYR A 1 40  ? -10.252 6.532   7.305   1.00 20.39 ? 39  TYR A CB  1 
ATOM   280  C  CG  . TYR A 1 40  ? -9.862  7.665   8.217   1.00 19.64 ? 39  TYR A CG  1 
ATOM   281  C  CD1 . TYR A 1 40  ? -8.695  8.393   7.930   1.00 20.19 ? 39  TYR A CD1 1 
ATOM   282  C  CD2 . TYR A 1 40  ? -10.610 7.976   9.342   1.00 22.33 ? 39  TYR A CD2 1 
ATOM   283  C  CE1 . TYR A 1 40  ? -8.289  9.438   8.757   1.00 23.84 ? 39  TYR A CE1 1 
ATOM   284  C  CE2 . TYR A 1 40  ? -10.241 9.032   10.169  1.00 22.63 ? 39  TYR A CE2 1 
ATOM   285  C  CZ  . TYR A 1 40  ? -9.061  9.753   9.852   1.00 23.70 ? 39  TYR A CZ  1 
ATOM   286  O  OH  . TYR A 1 40  ? -8.667  10.822  10.666  1.00 26.09 ? 39  TYR A OH  1 
ATOM   287  N  N   . LYS A 1 41  ? -11.107 3.724   8.445   1.00 18.79 ? 40  LYS A N   1 
ATOM   288  C  CA  . LYS A 1 41  ? -11.778 2.960   9.500   1.00 19.22 ? 40  LYS A CA  1 
ATOM   289  C  C   . LYS A 1 41  ? -10.786 1.937   10.141  1.00 19.63 ? 40  LYS A C   1 
ATOM   290  O  O   . LYS A 1 41  ? -10.777 1.733   11.404  1.00 20.07 ? 40  LYS A O   1 
ATOM   291  C  CB  . LYS A 1 41  ? -12.946 2.208   8.872   1.00 19.74 ? 40  LYS A CB  1 
ATOM   292  C  CG  . LYS A 1 41  ? -13.737 1.386   9.910   1.00 21.26 ? 40  LYS A CG  1 
ATOM   293  C  CD  . LYS A 1 41  ? -15.004 0.890   9.233   1.00 25.08 ? 40  LYS A CD  1 
ATOM   294  C  CE  . LYS A 1 41  ? -15.871 0.245   10.245  1.00 33.81 ? 40  LYS A CE  1 
ATOM   295  N  NZ  . LYS A 1 41  ? -15.200 -0.938  10.802  1.00 32.41 ? 40  LYS A NZ  1 
ATOM   296  N  N   . ASN A 1 42  ? -9.976  1.301   9.300   1.00 19.45 ? 41  ASN A N   1 
ATOM   297  C  CA  . ASN A 1 42  ? -8.949  0.349   9.806   1.00 19.89 ? 41  ASN A CA  1 
ATOM   298  C  C   . ASN A 1 42  ? -7.982  1.073   10.762  1.00 20.08 ? 41  ASN A C   1 
ATOM   299  O  O   . ASN A 1 42  ? -7.569  0.501   11.799  1.00 20.94 ? 41  ASN A O   1 
ATOM   300  C  CB  . ASN A 1 42  ? -8.159  -0.216  8.645   1.00 20.25 ? 41  ASN A CB  1 
ATOM   301  C  CG  . ASN A 1 42  ? -9.019  -1.038  7.686   1.00 22.82 ? 41  ASN A CG  1 
ATOM   302  O  OD1 . ASN A 1 42  ? -10.117 -1.584  8.018   1.00 25.96 ? 41  ASN A OD1 1 
ATOM   303  N  ND2 . ASN A 1 42  ? -8.504  -1.167  6.509   1.00 17.08 ? 41  ASN A ND2 1 
ATOM   304  N  N   . ALA A 1 43  ? -7.603  2.319   10.398  1.00 19.48 ? 42  ALA A N   1 
ATOM   305  C  CA  . ALA A 1 43  ? -6.694  3.093   11.282  1.00 20.48 ? 42  ALA A CA  1 
ATOM   306  C  C   . ALA A 1 43  ? -7.374  3.398   12.615  1.00 21.15 ? 42  ALA A C   1 
ATOM   307  O  O   . ALA A 1 43  ? -6.752  3.278   13.671  1.00 21.81 ? 42  ALA A O   1 
ATOM   308  C  CB  . ALA A 1 43  ? -6.221  4.380   10.594  1.00 20.35 ? 42  ALA A CB  1 
HETATM 309  N  N   . MSE A 1 44  ? -8.644  3.817   12.574  1.00 21.12 ? 43  MSE A N   1 
HETATM 310  C  CA  . MSE A 1 44  ? -9.395  4.112   13.811  1.00 21.33 ? 43  MSE A CA  1 
HETATM 311  C  C   . MSE A 1 44  ? -9.474  2.859   14.698  1.00 22.43 ? 43  MSE A C   1 
HETATM 312  O  O   . MSE A 1 44  ? -9.525  2.969   15.944  1.00 22.67 ? 43  MSE A O   1 
HETATM 313  C  CB  . MSE A 1 44  ? -10.786 4.609   13.538  1.00 21.06 ? 43  MSE A CB  1 
HETATM 314  C  CG  . MSE A 1 44  ? -10.852 6.014   12.825  1.00 20.67 ? 43  MSE A CG  1 
HETATM 315  SE SE  . MSE A 1 44  ? -9.975  7.398   13.720  1.00 16.12 ? 43  MSE A SE  1 
HETATM 316  C  CE  . MSE A 1 44  ? -8.507  7.479   12.907  1.00 24.08 ? 43  MSE A CE  1 
ATOM   317  N  N   . ASN A 1 45  ? -9.522  1.705   14.047  1.00 22.23 ? 44  ASN A N   1 
ATOM   318  C  CA  . ASN A 1 45  ? -9.571  0.424   14.785  1.00 23.08 ? 44  ASN A CA  1 
ATOM   319  C  C   . ASN A 1 45  ? -8.234  -0.151  15.139  1.00 21.70 ? 44  ASN A C   1 
ATOM   320  O  O   . ASN A 1 45  ? -8.177  -1.154  15.866  1.00 23.32 ? 44  ASN A O   1 
ATOM   321  C  CB  . ASN A 1 45  ? -10.355 -0.607  14.010  1.00 22.46 ? 44  ASN A CB  1 
ATOM   322  C  CG  . ASN A 1 45  ? -11.825 -0.264  13.983  1.00 28.78 ? 44  ASN A CG  1 
ATOM   323  O  OD1 . ASN A 1 45  ? -12.357 0.323   14.946  1.00 35.02 ? 44  ASN A OD1 1 
ATOM   324  N  ND2 . ASN A 1 45  ? -12.465 -0.581  12.901  1.00 28.58 ? 44  ASN A ND2 1 
ATOM   325  N  N   . ALA A 1 46  ? -7.146  0.466   14.703  1.00 21.79 ? 45  ALA A N   1 
ATOM   326  C  CA  . ALA A 1 46  ? -5.815  -0.097  14.974  1.00 21.77 ? 45  ALA A CA  1 
ATOM   327  C  C   . ALA A 1 46  ? -5.516  -0.275  16.504  1.00 22.02 ? 45  ALA A C   1 
ATOM   328  O  O   . ALA A 1 46  ? -4.934  -1.324  16.873  1.00 22.13 ? 45  ALA A O   1 
ATOM   329  C  CB  . ALA A 1 46  ? -4.703  0.795   14.283  1.00 21.39 ? 45  ALA A CB  1 
ATOM   330  N  N   . PRO A 1 47  ? -5.876  0.703   17.361  1.00 24.00 ? 46  PRO A N   1 
ATOM   331  C  CA  . PRO A 1 47  ? -5.563  0.536   18.801  1.00 25.90 ? 46  PRO A CA  1 
ATOM   332  C  C   . PRO A 1 47  ? -6.212  -0.717  19.384  1.00 26.56 ? 46  PRO A C   1 
ATOM   333  O  O   . PRO A 1 47  ? -5.636  -1.324  20.329  1.00 28.65 ? 46  PRO A O   1 
ATOM   334  C  CB  . PRO A 1 47  ? -6.133  1.802   19.445  1.00 26.64 ? 46  PRO A CB  1 
ATOM   335  C  CG  . PRO A 1 47  ? -6.187  2.812   18.358  1.00 27.10 ? 46  PRO A CG  1 
ATOM   336  C  CD  . PRO A 1 47  ? -6.519  2.017   17.111  1.00 23.76 ? 46  PRO A CD  1 
ATOM   337  N  N   . SER A 1 48  ? -7.363  -1.149  18.833  1.00 24.96 ? 47  SER A N   1 
ATOM   338  C  CA  . SER A 1 48  ? -8.062  -2.321  19.395  1.00 26.64 ? 47  SER A CA  1 
ATOM   339  C  C   . SER A 1 48  ? -7.768  -3.646  18.659  1.00 26.58 ? 47  SER A C   1 
ATOM   340  O  O   . SER A 1 48  ? -8.363  -4.687  18.932  1.00 25.95 ? 47  SER A O   1 
ATOM   341  C  CB  . SER A 1 48  ? -9.567  -2.061  19.527  1.00 28.09 ? 47  SER A CB  1 
ATOM   342  O  OG  . SER A 1 48  ? -10.135 -1.722  18.279  1.00 33.07 ? 47  SER A OG  1 
ATOM   343  N  N   . SER A 1 49  ? -6.821  -3.615  17.728  1.00 24.85 ? 48  SER A N   1 
ATOM   344  C  CA  . SER A 1 49  ? -6.543  -4.796  16.945  1.00 25.15 ? 48  SER A CA  1 
ATOM   345  C  C   . SER A 1 49  ? -5.599  -5.742  17.699  1.00 24.47 ? 48  SER A C   1 
ATOM   346  O  O   . SER A 1 49  ? -4.578  -5.323  18.279  1.00 24.26 ? 48  SER A O   1 
ATOM   347  C  CB  . SER A 1 49  ? -5.927  -4.422  15.586  1.00 24.50 ? 48  SER A CB  1 
ATOM   348  O  OG  . SER A 1 49  ? -5.544  -5.598  14.868  1.00 24.73 ? 48  SER A OG  1 
ATOM   349  N  N   . GLU A 1 50  ? -5.888  -7.030  17.593  1.00 23.55 ? 49  GLU A N   1 
ATOM   350  C  CA  . GLU A 1 50  ? -5.024  -8.014  18.226  1.00 22.60 ? 49  GLU A CA  1 
ATOM   351  C  C   . GLU A 1 50  ? -3.678  -8.165  17.480  1.00 23.42 ? 49  GLU A C   1 
ATOM   352  O  O   . GLU A 1 50  ? -2.809  -8.920  17.944  1.00 24.08 ? 49  GLU A O   1 
ATOM   353  C  CB  . GLU A 1 50  ? -5.739  -9.373  18.304  1.00 24.01 ? 49  GLU A CB  1 
ATOM   354  C  CG  . GLU A 1 50  ? -6.840  -9.391  19.384  1.00 25.00 ? 49  GLU A CG  1 
ATOM   355  C  CD  . GLU A 1 50  ? -6.260  -9.516  20.823  1.00 26.14 ? 49  GLU A CD  1 
ATOM   356  O  OE1 . GLU A 1 50  ? -5.395  -10.401 21.035  1.00 25.76 ? 49  GLU A OE1 1 
ATOM   357  O  OE2 . GLU A 1 50  ? -6.664  -8.727  21.715  1.00 27.64 ? 49  GLU A OE2 1 
ATOM   358  N  N   . VAL A 1 51  ? -3.519  -7.505  16.316  1.00 22.72 ? 50  VAL A N   1 
ATOM   359  C  CA  . VAL A 1 51  ? -2.181  -7.453  15.647  1.00 23.70 ? 50  VAL A CA  1 
ATOM   360  C  C   . VAL A 1 51  ? -1.062  -6.808  16.500  1.00 24.06 ? 50  VAL A C   1 
ATOM   361  O  O   . VAL A 1 51  ? 0.114   -7.150  16.342  1.00 26.00 ? 50  VAL A O   1 
ATOM   362  C  CB  . VAL A 1 51  ? -2.264  -6.696  14.287  1.00 23.13 ? 50  VAL A CB  1 
ATOM   363  C  CG1 . VAL A 1 51  ? -0.888  -6.444  13.713  1.00 27.40 ? 50  VAL A CG1 1 
ATOM   364  C  CG2 . VAL A 1 51  ? -3.074  -7.500  13.268  1.00 23.79 ? 50  VAL A CG2 1 
ATOM   365  N  N   . LYS A 1 52  ? -1.424  -5.893  17.382  1.00 23.59 ? 51  LYS A N   1 
ATOM   366  C  CA  . LYS A 1 52  ? -0.458  -5.161  18.234  1.00 24.28 ? 51  LYS A CA  1 
ATOM   367  C  C   . LYS A 1 52  ? 0.429   -4.220  17.403  1.00 23.78 ? 51  LYS A C   1 
ATOM   368  O  O   . LYS A 1 52  ? 1.669   -4.344  17.377  1.00 23.20 ? 51  LYS A O   1 
ATOM   369  C  CB  . LYS A 1 52  ? 0.387   -6.123  19.059  1.00 25.03 ? 51  LYS A CB  1 
ATOM   370  C  CG  . LYS A 1 52  ? -0.432  -7.077  19.959  1.00 25.84 ? 51  LYS A CG  1 
ATOM   371  C  CD  . LYS A 1 52  ? 0.438   -8.242  20.504  1.00 27.88 ? 51  LYS A CD  1 
ATOM   372  C  CE  . LYS A 1 52  ? 0.895   -9.210  19.417  1.00 34.65 ? 51  LYS A CE  1 
ATOM   373  N  NZ  . LYS A 1 52  ? -0.209  -10.089 18.900  1.00 40.68 ? 51  LYS A NZ  1 
ATOM   374  N  N   . PHE A 1 53  ? -0.225  -3.271  16.722  1.00 23.29 ? 52  PHE A N   1 
ATOM   375  C  CA  . PHE A 1 53  ? 0.506   -2.274  15.936  1.00 22.18 ? 52  PHE A CA  1 
ATOM   376  C  C   . PHE A 1 53  ? 1.418   -1.427  16.829  1.00 23.30 ? 52  PHE A C   1 
ATOM   377  O  O   . PHE A 1 53  ? 1.025   -1.055  17.923  1.00 23.96 ? 52  PHE A O   1 
ATOM   378  C  CB  . PHE A 1 53  ? -0.480  -1.379  15.214  1.00 21.76 ? 52  PHE A CB  1 
ATOM   379  C  CG  . PHE A 1 53  ? -1.159  -2.094  14.103  1.00 21.30 ? 52  PHE A CG  1 
ATOM   380  C  CD1 . PHE A 1 53  ? -0.415  -2.392  12.942  1.00 20.98 ? 52  PHE A CD1 1 
ATOM   381  C  CD2 . PHE A 1 53  ? -2.473  -2.498  14.210  1.00 23.21 ? 52  PHE A CD2 1 
ATOM   382  C  CE1 . PHE A 1 53  ? -0.988  -3.078  11.873  1.00 20.79 ? 52  PHE A CE1 1 
ATOM   383  C  CE2 . PHE A 1 53  ? -3.060  -3.202  13.126  1.00 25.48 ? 52  PHE A CE2 1 
ATOM   384  C  CZ  . PHE A 1 53  ? -2.321  -3.478  11.982  1.00 22.29 ? 52  PHE A CZ  1 
ATOM   385  N  N   . LYS A 1 54  ? 2.634   -1.174  16.335  1.00 22.86 ? 53  LYS A N   1 
ATOM   386  C  CA  . LYS A 1 54  ? 3.572   -0.272  16.954  1.00 24.31 ? 53  LYS A CA  1 
ATOM   387  C  C   . LYS A 1 54  ? 3.514   1.091   16.230  1.00 24.07 ? 53  LYS A C   1 
ATOM   388  O  O   . LYS A 1 54  ? 3.691   2.158   16.857  1.00 22.65 ? 53  LYS A O   1 
ATOM   389  C  CB  . LYS A 1 54  ? 4.967   -0.886  16.860  1.00 26.41 ? 53  LYS A CB  1 
ATOM   390  C  CG  . LYS A 1 54  ? 5.100   -2.107  17.791  1.00 30.05 ? 53  LYS A CG  1 
ATOM   391  C  CD  . LYS A 1 54  ? 5.225   -1.630  19.279  1.00 36.95 ? 53  LYS A CD  1 
ATOM   392  C  CE  . LYS A 1 54  ? 5.375   -2.796  20.283  1.00 37.99 ? 53  LYS A CE  1 
ATOM   393  N  NZ  . LYS A 1 54  ? 4.030   -3.418  20.499  1.00 44.09 ? 53  LYS A NZ  1 
ATOM   394  N  N   . TYR A 1 55  ? 3.248   1.037   14.922  1.00 23.13 ? 54  TYR A N   1 
ATOM   395  C  CA  . TYR A 1 55  ? 3.213   2.248   14.092  1.00 22.06 ? 54  TYR A CA  1 
ATOM   396  C  C   . TYR A 1 55  ? 1.984   2.281   13.214  1.00 21.87 ? 54  TYR A C   1 
ATOM   397  O  O   . TYR A 1 55  ? 1.512   1.235   12.769  1.00 22.18 ? 54  TYR A O   1 
ATOM   398  C  CB  . TYR A 1 55  ? 4.390   2.246   13.117  1.00 23.46 ? 54  TYR A CB  1 
ATOM   399  C  CG  . TYR A 1 55  ? 5.744   2.441   13.793  1.00 23.08 ? 54  TYR A CG  1 
ATOM   400  C  CD1 . TYR A 1 55  ? 6.206   3.716   14.079  1.00 26.35 ? 54  TYR A CD1 1 
ATOM   401  C  CD2 . TYR A 1 55  ? 6.548   1.342   14.090  1.00 27.62 ? 54  TYR A CD2 1 
ATOM   402  C  CE1 . TYR A 1 55  ? 7.457   3.915   14.745  1.00 27.39 ? 54  TYR A CE1 1 
ATOM   403  C  CE2 . TYR A 1 55  ? 7.820   1.531   14.732  1.00 29.65 ? 54  TYR A CE2 1 
ATOM   404  C  CZ  . TYR A 1 55  ? 8.236   2.811   15.038  1.00 29.76 ? 54  TYR A CZ  1 
ATOM   405  O  OH  . TYR A 1 55  ? 9.464   3.035   15.652  1.00 30.30 ? 54  TYR A OH  1 
ATOM   406  N  N   . VAL A 1 56  ? 1.538   3.499   12.894  1.00 21.07 ? 55  VAL A N   1 
ATOM   407  C  CA  . VAL A 1 56  ? 0.593   3.710   11.784  1.00 22.21 ? 55  VAL A CA  1 
ATOM   408  C  C   . VAL A 1 56  ? 1.166   4.796   10.896  1.00 22.02 ? 55  VAL A C   1 
ATOM   409  O  O   . VAL A 1 56  ? 1.561   5.859   11.390  1.00 22.91 ? 55  VAL A O   1 
ATOM   410  C  CB  . VAL A 1 56  ? -0.801  4.124   12.284  1.00 22.43 ? 55  VAL A CB  1 
ATOM   411  C  CG1 . VAL A 1 56  ? -1.706  4.505   11.065  1.00 20.69 ? 55  VAL A CG1 1 
ATOM   412  C  CG2 . VAL A 1 56  ? -1.458  2.967   13.103  1.00 23.14 ? 55  VAL A CG2 1 
ATOM   413  N  N   . LEU A 1 57  ? 1.213   4.528   9.598   1.00 21.57 ? 56  LEU A N   1 
ATOM   414  C  CA  . LEU A 1 57  ? 1.658   5.522   8.591   1.00 23.13 ? 56  LEU A CA  1 
ATOM   415  C  C   . LEU A 1 57  ? 0.424   6.120   7.965   1.00 21.86 ? 56  LEU A C   1 
ATOM   416  O  O   . LEU A 1 57  ? -0.254  5.471   7.152   1.00 21.92 ? 56  LEU A O   1 
ATOM   417  C  CB  . LEU A 1 57  ? 2.542   4.847   7.538   1.00 22.78 ? 56  LEU A CB  1 
ATOM   418  C  CG  . LEU A 1 57  ? 3.049   5.698   6.357   1.00 24.44 ? 56  LEU A CG  1 
ATOM   419  C  CD1 . LEU A 1 57  ? 3.782   6.961   6.926   1.00 25.48 ? 56  LEU A CD1 1 
ATOM   420  C  CD2 . LEU A 1 57  ? 3.992   4.857   5.498   1.00 26.41 ? 56  LEU A CD2 1 
ATOM   421  N  N   . ASN A 1 58  ? 0.125   7.334   8.404   1.00 21.23 ? 57  ASN A N   1 
ATOM   422  C  CA  . ASN A 1 58  ? -1.071  8.088   7.996   1.00 20.33 ? 57  ASN A CA  1 
ATOM   423  C  C   . ASN A 1 58  ? -0.721  8.923   6.749   1.00 20.91 ? 57  ASN A C   1 
ATOM   424  O  O   . ASN A 1 58  ? 0.033   9.908   6.850   1.00 21.21 ? 57  ASN A O   1 
ATOM   425  C  CB  . ASN A 1 58  ? -1.490  9.010   9.146   1.00 21.10 ? 57  ASN A CB  1 
ATOM   426  C  CG  . ASN A 1 58  ? -2.507  10.117  8.730   1.00 21.13 ? 57  ASN A CG  1 
ATOM   427  O  OD1 . ASN A 1 58  ? -3.259  9.971   7.766   1.00 22.48 ? 57  ASN A OD1 1 
ATOM   428  N  ND2 . ASN A 1 58  ? -2.573  11.200  9.528   1.00 23.64 ? 57  ASN A ND2 1 
ATOM   429  N  N   . LEU A 1 59  ? -1.260  8.512   5.599   1.00 18.87 ? 58  LEU A N   1 
ATOM   430  C  CA  . LEU A 1 59  ? -0.965  9.216   4.329   1.00 20.01 ? 58  LEU A CA  1 
ATOM   431  C  C   . LEU A 1 59  ? -2.069  10.187  3.937   1.00 20.61 ? 58  LEU A C   1 
ATOM   432  O  O   . LEU A 1 59  ? -2.069  10.732  2.823   1.00 22.54 ? 58  LEU A O   1 
ATOM   433  C  CB  . LEU A 1 59  ? -0.687  8.176   3.210   1.00 19.97 ? 58  LEU A CB  1 
ATOM   434  C  CG  . LEU A 1 59  ? 0.443   7.185   3.530   1.00 19.36 ? 58  LEU A CG  1 
ATOM   435  C  CD1 . LEU A 1 59  ? 0.539   6.089   2.476   1.00 22.90 ? 58  LEU A CD1 1 
ATOM   436  C  CD2 . LEU A 1 59  ? 1.766   7.914   3.641   1.00 21.48 ? 58  LEU A CD2 1 
ATOM   437  N  N   . THR A 1 60  ? -3.043  10.406  4.822   1.00 21.10 ? 59  THR A N   1 
ATOM   438  C  CA  . THR A 1 60  ? -4.132  11.388  4.516   1.00 21.82 ? 59  THR A CA  1 
ATOM   439  C  C   . THR A 1 60  ? -3.631  12.828  4.682   1.00 23.09 ? 59  THR A C   1 
ATOM   440  O  O   . THR A 1 60  ? -2.519  13.042  5.153   1.00 23.25 ? 59  THR A O   1 
ATOM   441  C  CB  . THR A 1 60  ? -5.354  11.214  5.472   1.00 22.88 ? 59  THR A CB  1 
ATOM   442  O  OG1 . THR A 1 60  ? -5.042  11.749  6.769   1.00 24.78 ? 59  THR A OG1 1 
ATOM   443  C  CG2 . THR A 1 60  ? -5.746  9.711   5.593   1.00 22.30 ? 59  THR A CG2 1 
HETATM 444  N  N   . MSE A 1 61  ? -4.475  13.802  4.335   1.00 23.32 ? 60  MSE A N   1 
HETATM 445  C  CA  . MSE A 1 61  ? -4.016  15.193  4.357   1.00 25.46 ? 60  MSE A CA  1 
HETATM 446  C  C   . MSE A 1 61  ? -3.993  15.782  5.767   1.00 26.25 ? 60  MSE A C   1 
HETATM 447  O  O   . MSE A 1 61  ? -3.399  16.891  5.982   1.00 26.30 ? 60  MSE A O   1 
HETATM 448  C  CB  . MSE A 1 61  ? -4.852  16.063  3.369   1.00 23.66 ? 60  MSE A CB  1 
HETATM 449  C  CG  . MSE A 1 61  ? -4.844  15.646  1.842   1.00 28.04 ? 60  MSE A CG  1 
HETATM 450  SE SE  . MSE A 1 61  ? -3.268  16.058  1.081   1.00 22.71 ? 60  MSE A SE  1 
HETATM 451  C  CE  . MSE A 1 61  ? -3.678  17.782  0.553   1.00 33.19 ? 60  MSE A CE  1 
ATOM   452  N  N   . ASP A 1 62  ? -4.617  15.096  6.742   1.00 26.65 ? 61  ASP A N   1 
ATOM   453  C  CA  . ASP A 1 62  ? -4.685  15.664  8.098   1.00 29.70 ? 61  ASP A CA  1 
ATOM   454  C  C   . ASP A 1 62  ? -4.094  14.815  9.174   1.00 29.86 ? 61  ASP A C   1 
ATOM   455  O  O   . ASP A 1 62  ? -4.181  13.590  9.137   1.00 27.89 ? 61  ASP A O   1 
ATOM   456  C  CB  . ASP A 1 62  ? -6.111  16.011  8.526   1.00 31.90 ? 61  ASP A CB  1 
ATOM   457  C  CG  . ASP A 1 62  ? -6.139  17.162  9.583   1.00 36.13 ? 61  ASP A CG  1 
ATOM   458  O  OD1 . ASP A 1 62  ? -5.084  17.797  9.912   1.00 43.79 ? 61  ASP A OD1 1 
ATOM   459  O  OD2 . ASP A 1 62  ? -7.231  17.451  10.074  1.00 44.48 ? 61  ASP A OD2 1 
ATOM   460  N  N   . LYS A 1 63  ? -3.472  15.484  10.135  1.00 29.45 ? 62  LYS A N   1 
ATOM   461  C  CA  . LYS A 1 63  ? -2.933  14.782  11.282  1.00 32.10 ? 62  LYS A CA  1 
ATOM   462  C  C   . LYS A 1 63  ? -4.114  14.320  12.138  1.00 31.74 ? 62  LYS A C   1 
ATOM   463  O  O   . LYS A 1 63  ? -5.122  15.010  12.225  1.00 35.57 ? 62  LYS A O   1 
ATOM   464  C  CB  . LYS A 1 63  ? -1.979  15.747  12.033  1.00 34.11 ? 62  LYS A CB  1 
ATOM   465  C  CG  . LYS A 1 63  ? -1.237  15.122  13.221  1.00 35.89 ? 62  LYS A CG  1 
ATOM   466  C  CD  . LYS A 1 63  ? -0.250  16.098  13.861  1.00 36.02 ? 62  LYS A CD  1 
ATOM   467  C  CE  . LYS A 1 63  ? 0.496   15.429  15.100  1.00 39.70 ? 62  LYS A CE  1 
ATOM   468  N  NZ  . LYS A 1 63  ? -0.296  15.016  16.389  1.00 40.15 ? 62  LYS A NZ  1 
ATOM   469  N  N   . TYR A 1 64  ? -4.049  13.165  12.770  1.00 31.30 ? 63  TYR A N   1 
ATOM   470  C  CA  . TYR A 1 64  ? -5.014  12.832  13.829  1.00 29.51 ? 63  TYR A CA  1 
ATOM   471  C  C   . TYR A 1 64  ? -4.221  12.178  14.966  1.00 30.10 ? 63  TYR A C   1 
ATOM   472  O  O   . TYR A 1 64  ? -3.052  11.841  14.782  1.00 30.39 ? 63  TYR A O   1 
ATOM   473  C  CB  . TYR A 1 64  ? -6.145  11.870  13.299  1.00 28.19 ? 63  TYR A CB  1 
ATOM   474  C  CG  . TYR A 1 64  ? -5.559  10.525  12.810  1.00 24.53 ? 63  TYR A CG  1 
ATOM   475  C  CD1 . TYR A 1 64  ? -5.255  9.516   13.705  1.00 27.03 ? 63  TYR A CD1 1 
ATOM   476  C  CD2 . TYR A 1 64  ? -5.287  10.314  11.432  1.00 25.83 ? 63  TYR A CD2 1 
ATOM   477  C  CE1 . TYR A 1 64  ? -4.686  8.299   13.265  1.00 24.38 ? 63  TYR A CE1 1 
ATOM   478  C  CE2 . TYR A 1 64  ? -4.698  9.105   10.994  1.00 23.38 ? 63  TYR A CE2 1 
ATOM   479  C  CZ  . TYR A 1 64  ? -4.420  8.114   11.921  1.00 23.90 ? 63  TYR A CZ  1 
ATOM   480  O  OH  . TYR A 1 64  ? -3.834  6.919   11.554  1.00 23.51 ? 63  TYR A OH  1 
ATOM   481  N  N   . THR A 1 65  ? -4.854  11.992  16.126  1.00 31.16 ? 64  THR A N   1 
ATOM   482  C  CA  . THR A 1 65  ? -4.259  11.234  17.251  1.00 32.66 ? 64  THR A CA  1 
ATOM   483  C  C   . THR A 1 65  ? -5.138  10.054  17.649  1.00 33.35 ? 64  THR A C   1 
ATOM   484  O  O   . THR A 1 65  ? -6.308  9.973   17.235  1.00 32.17 ? 64  THR A O   1 
ATOM   485  C  CB  . THR A 1 65  ? -4.045  12.138  18.525  1.00 33.26 ? 64  THR A CB  1 
ATOM   486  O  OG1 . THR A 1 65  ? -5.320  12.605  18.986  1.00 34.39 ? 64  THR A OG1 1 
ATOM   487  C  CG2 . THR A 1 65  ? -3.161  13.320  18.220  1.00 35.17 ? 64  THR A CG2 1 
ATOM   488  N  N   . LEU A 1 66  ? -4.575  9.104   18.402  1.00 33.09 ? 65  LEU A N   1 
ATOM   489  C  CA  . LEU A 1 66  ? -5.315  7.963   18.892  1.00 36.17 ? 65  LEU A CA  1 
ATOM   490  C  C   . LEU A 1 66  ? -5.165  7.924   20.432  1.00 38.17 ? 65  LEU A C   1 
ATOM   491  O  O   . LEU A 1 66  ? -4.155  7.470   20.919  1.00 37.67 ? 65  LEU A O   1 
ATOM   492  C  CB  . LEU A 1 66  ? -4.817  6.658   18.251  1.00 34.49 ? 65  LEU A CB  1 
ATOM   493  C  CG  . LEU A 1 66  ? -5.037  6.516   16.729  1.00 32.34 ? 65  LEU A CG  1 
ATOM   494  C  CD1 . LEU A 1 66  ? -4.181  5.373   16.134  1.00 32.18 ? 65  LEU A CD1 1 
ATOM   495  C  CD2 . LEU A 1 66  ? -6.496  6.299   16.400  1.00 33.10 ? 65  LEU A CD2 1 
ATOM   496  N  N   . PRO A 1 67  ? -6.201  8.384   21.163  1.00 41.80 ? 66  PRO A N   1 
ATOM   497  C  CA  . PRO A 1 67  ? -6.239  8.640   22.624  1.00 42.84 ? 66  PRO A CA  1 
ATOM   498  C  C   . PRO A 1 67  ? -5.627  7.546   23.506  1.00 45.22 ? 66  PRO A C   1 
ATOM   499  O  O   . PRO A 1 67  ? -4.594  7.804   24.138  1.00 47.15 ? 66  PRO A O   1 
ATOM   500  C  CB  . PRO A 1 67  ? -7.756  8.792   22.926  1.00 44.44 ? 66  PRO A CB  1 
ATOM   501  C  CG  . PRO A 1 67  ? -8.481  8.261   21.653  1.00 44.57 ? 66  PRO A CG  1 
ATOM   502  C  CD  . PRO A 1 67  ? -7.526  8.628   20.546  1.00 42.61 ? 66  PRO A CD  1 
ATOM   503  N  N   . ASN A 1 68  ? -6.221  6.351   23.556  1.00 46.09 ? 67  ASN A N   1 
ATOM   504  C  CA  . ASN A 1 68  ? -5.731  5.322   24.502  1.00 47.02 ? 67  ASN A CA  1 
ATOM   505  C  C   . ASN A 1 68  ? -4.387  4.733   24.123  1.00 45.74 ? 67  ASN A C   1 
ATOM   506  O  O   . ASN A 1 68  ? -3.785  3.988   24.892  1.00 47.54 ? 67  ASN A O   1 
ATOM   507  C  CB  . ASN A 1 68  ? -6.731  4.155   24.673  1.00 48.39 ? 67  ASN A CB  1 
ATOM   508  C  CG  . ASN A 1 68  ? -6.515  3.375   25.993  1.00 51.58 ? 67  ASN A CG  1 
ATOM   509  O  OD1 . ASN A 1 68  ? -6.300  2.139   26.004  1.00 49.51 ? 67  ASN A OD1 1 
ATOM   510  N  ND2 . ASN A 1 68  ? -6.554  4.115   27.121  1.00 55.01 ? 67  ASN A ND2 1 
ATOM   511  N  N   . SER A 1 69  ? -3.898  5.075   22.943  1.00 42.71 ? 68  SER A N   1 
ATOM   512  C  CA  . SER A 1 69  ? -2.958  4.211   22.282  1.00 39.46 ? 68  SER A CA  1 
ATOM   513  C  C   . SER A 1 69  ? -1.552  4.733   22.399  1.00 38.27 ? 68  SER A C   1 
ATOM   514  O  O   . SER A 1 69  ? -1.330  5.934   22.261  1.00 38.89 ? 68  SER A O   1 
ATOM   515  C  CB  . SER A 1 69  ? -3.339  4.115   20.801  1.00 38.47 ? 68  SER A CB  1 
ATOM   516  O  OG  . SER A 1 69  ? -2.507  3.193   20.167  1.00 37.35 ? 68  SER A OG  1 
ATOM   517  N  N   . ASN A 1 70  ? -0.612  3.812   22.584  1.00 36.25 ? 69  ASN A N   1 
ATOM   518  C  CA  . ASN A 1 70  ? 0.812   4.145   22.504  1.00 34.63 ? 69  ASN A CA  1 
ATOM   519  C  C   . ASN A 1 70  ? 1.381   3.994   21.089  1.00 32.52 ? 69  ASN A C   1 
ATOM   520  O  O   . ASN A 1 70  ? 2.581   4.143   20.892  1.00 30.91 ? 69  ASN A O   1 
ATOM   521  C  CB  . ASN A 1 70  ? 1.626   3.327   23.504  1.00 36.66 ? 69  ASN A CB  1 
ATOM   522  C  CG  . ASN A 1 70  ? 1.311   3.693   24.968  1.00 39.58 ? 69  ASN A CG  1 
ATOM   523  O  OD1 . ASN A 1 70  ? 1.159   2.804   25.822  1.00 48.10 ? 69  ASN A OD1 1 
ATOM   524  N  ND2 . ASN A 1 70  ? 1.204   4.974   25.253  1.00 40.67 ? 69  ASN A ND2 1 
ATOM   525  N  N   . ILE A 1 71  ? 0.518   3.711   20.106  1.00 29.38 ? 70  ILE A N   1 
ATOM   526  C  CA  . ILE A 1 71  ? 0.965   3.679   18.689  1.00 27.34 ? 70  ILE A CA  1 
ATOM   527  C  C   . ILE A 1 71  ? 1.667   4.984   18.269  1.00 25.65 ? 70  ILE A C   1 
ATOM   528  O  O   . ILE A 1 71  ? 1.201   6.076   18.590  1.00 27.78 ? 70  ILE A O   1 
ATOM   529  C  CB  . ILE A 1 71  ? -0.261  3.372   17.729  1.00 25.53 ? 70  ILE A CB  1 
ATOM   530  C  CG1 . ILE A 1 71  ? -0.735  1.937   17.937  1.00 25.82 ? 70  ILE A CG1 1 
ATOM   531  C  CG2 . ILE A 1 71  ? 0.124   3.669   16.259  1.00 26.94 ? 70  ILE A CG2 1 
ATOM   532  C  CD1 . ILE A 1 71  ? -2.109  1.575   17.292  1.00 27.36 ? 70  ILE A CD1 1 
ATOM   533  N  N   . ASN A 1 72  ? 2.755   4.862   17.513  1.00 26.59 ? 71  ASN A N   1 
ATOM   534  C  CA  . ASN A 1 72  ? 3.457   6.010   16.972  1.00 26.31 ? 71  ASN A CA  1 
ATOM   535  C  C   . ASN A 1 72  ? 2.874   6.268   15.576  1.00 25.61 ? 71  ASN A C   1 
ATOM   536  O  O   . ASN A 1 72  ? 3.057   5.432   14.677  1.00 26.94 ? 71  ASN A O   1 
ATOM   537  C  CB  . ASN A 1 72  ? 4.952   5.659   16.902  1.00 27.15 ? 71  ASN A CB  1 
ATOM   538  C  CG  . ASN A 1 72  ? 5.815   6.804   16.432  1.00 32.74 ? 71  ASN A CG  1 
ATOM   539  O  OD1 . ASN A 1 72  ? 5.333   7.782   15.862  1.00 38.03 ? 71  ASN A OD1 1 
ATOM   540  N  ND2 . ASN A 1 72  ? 7.125   6.701   16.699  1.00 37.42 ? 71  ASN A ND2 1 
ATOM   541  N  N   . ILE A 1 73  ? 2.170   7.391   15.425  1.00 25.10 ? 72  ILE A N   1 
ATOM   542  C  CA  . ILE A 1 73  ? 1.495   7.726   14.144  1.00 25.33 ? 72  ILE A CA  1 
ATOM   543  C  C   . ILE A 1 73  ? 2.415   8.653   13.392  1.00 26.01 ? 72  ILE A C   1 
ATOM   544  O  O   . ILE A 1 73  ? 2.751   9.766   13.892  1.00 26.75 ? 72  ILE A O   1 
ATOM   545  C  CB  . ILE A 1 73  ? 0.130   8.438   14.338  1.00 25.62 ? 72  ILE A CB  1 
ATOM   546  C  CG1 . ILE A 1 73  ? -0.753  7.672   15.339  1.00 27.14 ? 72  ILE A CG1 1 
ATOM   547  C  CG2 . ILE A 1 73  ? -0.567  8.570   12.962  1.00 28.16 ? 72  ILE A CG2 1 
ATOM   548  C  CD1 . ILE A 1 73  ? -1.875  8.487   15.914  1.00 28.07 ? 72  ILE A CD1 1 
ATOM   549  N  N   . ILE A 1 74  ? 2.826   8.214   12.202  1.00 26.57 ? 73  ILE A N   1 
ATOM   550  C  CA  . ILE A 1 74  ? 3.715   8.992   11.323  1.00 27.54 ? 73  ILE A CA  1 
ATOM   551  C  C   . ILE A 1 74  ? 2.875   9.593   10.214  1.00 27.03 ? 73  ILE A C   1 
ATOM   552  O  O   . ILE A 1 74  ? 2.106   8.881   9.542   1.00 26.06 ? 73  ILE A O   1 
ATOM   553  C  CB  . ILE A 1 74  ? 4.848   8.102   10.757  1.00 27.83 ? 73  ILE A CB  1 
ATOM   554  C  CG1 . ILE A 1 74  ? 5.680   7.531   11.928  1.00 28.28 ? 73  ILE A CG1 1 
ATOM   555  C  CG2 . ILE A 1 74  ? 5.707   8.924   9.742   1.00 28.73 ? 73  ILE A CG2 1 
ATOM   556  C  CD1 . ILE A 1 74  ? 6.661   6.412   11.547  1.00 32.63 ? 73  ILE A CD1 1 
ATOM   557  N  N   . HIS A 1 75  ? 2.923   10.920  10.090  1.00 26.43 ? 74  HIS A N   1 
ATOM   558  C  CA  . HIS A 1 75  ? 2.097   11.610  9.105   1.00 26.55 ? 74  HIS A CA  1 
ATOM   559  C  C   . HIS A 1 75  ? 2.854   12.053  7.858   1.00 28.32 ? 74  HIS A C   1 
ATOM   560  O  O   . HIS A 1 75  ? 3.758   12.905  7.939   1.00 27.32 ? 74  HIS A O   1 
ATOM   561  C  CB  . HIS A 1 75  ? 1.406   12.826  9.754   1.00 26.78 ? 74  HIS A CB  1 
ATOM   562  C  CG  . HIS A 1 75  ? 0.459   13.538  8.836   1.00 27.41 ? 74  HIS A CG  1 
ATOM   563  N  ND1 . HIS A 1 75  ? 0.250   14.902  8.893   1.00 29.47 ? 74  HIS A ND1 1 
ATOM   564  C  CD2 . HIS A 1 75  ? -0.357  13.070  7.856   1.00 24.85 ? 74  HIS A CD2 1 
ATOM   565  C  CE1 . HIS A 1 75  ? -0.649  15.248  7.983   1.00 30.78 ? 74  HIS A CE1 1 
ATOM   566  N  NE2 . HIS A 1 75  ? -1.033  14.153  7.333   1.00 26.53 ? 74  HIS A NE2 1 
ATOM   567  N  N   . ILE A 1 76  ? 2.500   11.503  6.705   1.00 27.37 ? 75  ILE A N   1 
ATOM   568  C  CA  . ILE A 1 76  ? 3.108   11.912  5.429   1.00 29.71 ? 75  ILE A CA  1 
ATOM   569  C  C   . ILE A 1 76  ? 1.975   12.237  4.486   1.00 29.18 ? 75  ILE A C   1 
ATOM   570  O  O   . ILE A 1 76  ? 1.445   11.361  3.778   1.00 29.00 ? 75  ILE A O   1 
ATOM   571  C  CB  . ILE A 1 76  ? 4.135   10.839  4.846   1.00 29.53 ? 75  ILE A CB  1 
ATOM   572  C  CG1 . ILE A 1 76  ? 5.127   10.410  5.917   1.00 31.88 ? 75  ILE A CG1 1 
ATOM   573  C  CG2 . ILE A 1 76  ? 4.859   11.395  3.624   1.00 32.08 ? 75  ILE A CG2 1 
ATOM   574  C  CD1 . ILE A 1 76  ? 6.111   9.369   5.446   1.00 33.21 ? 75  ILE A CD1 1 
ATOM   575  N  N   . PRO A 1 77  ? 1.522   13.500  4.497   1.00 29.77 ? 76  PRO A N   1 
ATOM   576  C  CA  . PRO A 1 77  ? 0.400   13.837  3.640   1.00 29.49 ? 76  PRO A CA  1 
ATOM   577  C  C   . PRO A 1 77  ? 0.770   13.723  2.169   1.00 29.67 ? 76  PRO A C   1 
ATOM   578  O  O   . PRO A 1 77  ? 1.747   14.370  1.749   1.00 31.33 ? 76  PRO A O   1 
ATOM   579  C  CB  . PRO A 1 77  ? 0.091   15.288  4.017   1.00 30.12 ? 76  PRO A CB  1 
ATOM   580  C  CG  . PRO A 1 77  ? 1.445   15.827  4.554   1.00 30.14 ? 76  PRO A CG  1 
ATOM   581  C  CD  . PRO A 1 77  ? 1.989   14.655  5.306   1.00 29.86 ? 76  PRO A CD  1 
ATOM   582  N  N   . LEU A 1 78  ? 0.063   12.859  1.432   1.00 26.61 ? 77  LEU A N   1 
ATOM   583  C  CA  . LEU A 1 78  ? 0.242   12.672  -0.010  1.00 27.55 ? 77  LEU A CA  1 
ATOM   584  C  C   . LEU A 1 78  ? -0.997  13.230  -0.692  1.00 27.61 ? 77  LEU A C   1 
ATOM   585  O  O   . LEU A 1 78  ? -2.083  13.186  -0.129  1.00 27.64 ? 77  LEU A O   1 
ATOM   586  C  CB  . LEU A 1 78  ? 0.400   11.182  -0.368  1.00 26.72 ? 77  LEU A CB  1 
ATOM   587  C  CG  . LEU A 1 78  ? 1.594   10.421  0.212   1.00 26.84 ? 77  LEU A CG  1 
ATOM   588  C  CD1 . LEU A 1 78  ? 1.642   9.006   -0.332  1.00 29.68 ? 77  LEU A CD1 1 
ATOM   589  C  CD2 . LEU A 1 78  ? 2.887   11.196  -0.135  1.00 31.22 ? 77  LEU A CD2 1 
ATOM   590  N  N   . VAL A 1 79  ? -0.829  13.761  -1.910  1.00 28.56 ? 78  VAL A N   1 
ATOM   591  C  CA  . VAL A 1 79  ? -1.969  14.302  -2.661  1.00 28.78 ? 78  VAL A CA  1 
ATOM   592  C  C   . VAL A 1 79  ? -2.424  13.321  -3.751  1.00 28.01 ? 78  VAL A C   1 
ATOM   593  O  O   . VAL A 1 79  ? -1.670  13.019  -4.688  1.00 29.60 ? 78  VAL A O   1 
ATOM   594  C  CB  . VAL A 1 79  ? -1.566  15.641  -3.369  1.00 28.58 ? 78  VAL A CB  1 
ATOM   595  C  CG1 . VAL A 1 79  ? -2.750  16.234  -4.108  1.00 28.79 ? 78  VAL A CG1 1 
ATOM   596  C  CG2 . VAL A 1 79  ? -1.025  16.620  -2.340  1.00 31.03 ? 78  VAL A CG2 1 
ATOM   597  N  N   . ASP A 1 80  ? -3.675  12.873  -3.674  1.00 27.04 ? 79  ASP A N   1 
ATOM   598  C  CA  . ASP A 1 80  ? -4.220  11.905  -4.629  1.00 27.01 ? 79  ASP A CA  1 
ATOM   599  C  C   . ASP A 1 80  ? -4.780  12.677  -5.826  1.00 27.51 ? 79  ASP A C   1 
ATOM   600  O  O   . ASP A 1 80  ? -5.984  12.795  -5.990  1.00 27.59 ? 79  ASP A O   1 
ATOM   601  C  CB  . ASP A 1 80  ? -5.353  11.120  -3.946  1.00 26.18 ? 79  ASP A CB  1 
ATOM   602  C  CG  . ASP A 1 80  ? -5.886  9.951   -4.803  1.00 28.93 ? 79  ASP A CG  1 
ATOM   603  O  OD1 . ASP A 1 80  ? -5.348  9.696   -5.901  1.00 26.11 ? 79  ASP A OD1 1 
ATOM   604  O  OD2 . ASP A 1 80  ? -6.839  9.256   -4.347  1.00 29.26 ? 79  ASP A OD2 1 
ATOM   605  N  N   . ASP A 1 81  ? -3.906  13.191  -6.661  1.00 29.23 ? 80  ASP A N   1 
ATOM   606  C  CA  . ASP A 1 81  ? -4.362  13.766  -7.928  1.00 31.69 ? 80  ASP A CA  1 
ATOM   607  C  C   . ASP A 1 81  ? -3.375  13.362  -9.018  1.00 32.31 ? 80  ASP A C   1 
ATOM   608  O  O   . ASP A 1 81  ? -2.509  12.498  -8.795  1.00 32.41 ? 80  ASP A O   1 
ATOM   609  C  CB  . ASP A 1 81  ? -4.600  15.286  -7.806  1.00 31.64 ? 80  ASP A CB  1 
ATOM   610  C  CG  . ASP A 1 81  ? -3.341  16.085  -7.607  1.00 34.51 ? 80  ASP A CG  1 
ATOM   611  O  OD1 . ASP A 1 81  ? -2.206  15.605  -7.830  1.00 36.72 ? 80  ASP A OD1 1 
ATOM   612  O  OD2 . ASP A 1 81  ? -3.510  17.268  -7.203  1.00 40.92 ? 80  ASP A OD2 1 
ATOM   613  N  N   . THR A 1 82  ? -3.520  13.915  -10.209 1.00 34.08 ? 81  THR A N   1 
ATOM   614  C  CA  . THR A 1 82  ? -2.705  13.382  -11.282 1.00 35.54 ? 81  THR A CA  1 
ATOM   615  C  C   . THR A 1 82  ? -1.512  14.220  -11.667 1.00 35.92 ? 81  THR A C   1 
ATOM   616  O  O   . THR A 1 82  ? -0.853  13.909  -12.634 1.00 35.48 ? 81  THR A O   1 
ATOM   617  C  CB  . THR A 1 82  ? -3.541  13.042  -12.504 1.00 36.71 ? 81  THR A CB  1 
ATOM   618  O  OG1 . THR A 1 82  ? -4.260  14.216  -12.905 1.00 38.08 ? 81  THR A OG1 1 
ATOM   619  C  CG2 . THR A 1 82  ? -4.497  11.872  -12.165 1.00 37.04 ? 81  THR A CG2 1 
ATOM   620  N  N   . THR A 1 83  ? -1.194  15.242  -10.893 1.00 35.95 ? 82  THR A N   1 
ATOM   621  C  CA  . THR A 1 83  ? -0.037  16.051  -11.227 1.00 37.73 ? 82  THR A CA  1 
ATOM   622  C  C   . THR A 1 83  ? 1.101   15.987  -10.207 1.00 37.61 ? 82  THR A C   1 
ATOM   623  O  O   . THR A 1 83  ? 2.276   16.211  -10.554 1.00 38.69 ? 82  THR A O   1 
ATOM   624  C  CB  . THR A 1 83  ? -0.457  17.511  -11.564 1.00 37.50 ? 82  THR A CB  1 
ATOM   625  O  OG1 . THR A 1 83  ? -1.364  17.991  -10.569 1.00 39.85 ? 82  THR A OG1 1 
ATOM   626  C  CG2 . THR A 1 83  ? -1.216  17.506  -12.868 1.00 39.04 ? 82  THR A CG2 1 
ATOM   627  N  N   . THR A 1 84  ? 0.772   15.627  -8.972  1.00 35.16 ? 83  THR A N   1 
ATOM   628  C  CA  . THR A 1 84  ? 1.690   15.798  -7.834  1.00 34.55 ? 83  THR A CA  1 
ATOM   629  C  C   . THR A 1 84  ? 2.661   14.611  -7.699  1.00 32.93 ? 83  THR A C   1 
ATOM   630  O  O   . THR A 1 84  ? 2.275   13.436  -7.850  1.00 31.44 ? 83  THR A O   1 
ATOM   631  C  CB  . THR A 1 84  ? 0.863   16.037  -6.515  1.00 34.87 ? 83  THR A CB  1 
ATOM   632  O  OG1 . THR A 1 84  ? -0.043  17.139  -6.719  1.00 37.61 ? 83  THR A OG1 1 
ATOM   633  C  CG2 . THR A 1 84  ? 1.754   16.393  -5.353  1.00 36.04 ? 83  THR A CG2 1 
ATOM   634  N  N   . ASP A 1 85  ? 3.924   14.926  -7.424  1.00 31.44 ? 84  ASP A N   1 
ATOM   635  C  CA  . ASP A 1 85  ? 4.926   13.913  -7.270  1.00 29.76 ? 84  ASP A CA  1 
ATOM   636  C  C   . ASP A 1 85  ? 4.761   13.150  -5.964  1.00 29.15 ? 84  ASP A C   1 
ATOM   637  O  O   . ASP A 1 85  ? 4.567   13.771  -4.922  1.00 29.77 ? 84  ASP A O   1 
ATOM   638  C  CB  . ASP A 1 85  ? 6.312   14.559  -7.226  1.00 30.25 ? 84  ASP A CB  1 
ATOM   639  C  CG  . ASP A 1 85  ? 7.389   13.538  -6.983  1.00 30.32 ? 84  ASP A CG  1 
ATOM   640  O  OD1 . ASP A 1 85  ? 7.541   12.644  -7.830  1.00 32.32 ? 84  ASP A OD1 1 
ATOM   641  O  OD2 . ASP A 1 85  ? 8.054   13.597  -5.930  1.00 30.11 ? 84  ASP A OD2 1 
ATOM   642  N  N   . ILE A 1 86  ? 4.902   11.829  -6.016  1.00 28.74 ? 85  ILE A N   1 
ATOM   643  C  CA  . ILE A 1 86  ? 5.026   10.994  -4.800  1.00 28.72 ? 85  ILE A CA  1 
ATOM   644  C  C   . ILE A 1 86  ? 6.354   10.264  -4.761  1.00 28.77 ? 85  ILE A C   1 
ATOM   645  O  O   . ILE A 1 86  ? 6.704   9.632   -3.747  1.00 28.78 ? 85  ILE A O   1 
ATOM   646  C  CB  . ILE A 1 86  ? 3.852   9.975   -4.604  1.00 29.03 ? 85  ILE A CB  1 
ATOM   647  C  CG1 . ILE A 1 86  ? 3.868   8.949   -5.759  1.00 29.32 ? 85  ILE A CG1 1 
ATOM   648  C  CG2 . ILE A 1 86  ? 2.560   10.775  -4.406  1.00 28.07 ? 85  ILE A CG2 1 
ATOM   649  C  CD1 . ILE A 1 86  ? 2.961   7.701   -5.552  1.00 28.51 ? 85  ILE A CD1 1 
ATOM   650  N  N   . SER A 1 87  ? 7.104   10.341  -5.859  1.00 29.51 ? 86  SER A N   1 
ATOM   651  C  CA  . SER A 1 87  ? 8.359   9.586   -5.937  1.00 30.00 ? 86  SER A CA  1 
ATOM   652  C  C   . SER A 1 87  ? 9.412   10.028  -4.926  1.00 29.92 ? 86  SER A C   1 
ATOM   653  O  O   . SER A 1 87  ? 10.236  9.215   -4.540  1.00 29.84 ? 86  SER A O   1 
ATOM   654  C  CB  . SER A 1 87  ? 8.938   9.567   -7.367  1.00 30.65 ? 86  SER A CB  1 
ATOM   655  O  OG  . SER A 1 87  ? 9.498   10.822  -7.689  1.00 32.12 ? 86  SER A OG  1 
ATOM   656  N  N   . LYS A 1 88  ? 9.377   11.288  -4.488  1.00 30.14 ? 87  LYS A N   1 
ATOM   657  C  CA  . LYS A 1 88  ? 10.371  11.769  -3.517  1.00 31.29 ? 87  LYS A CA  1 
ATOM   658  C  C   . LYS A 1 88  ? 10.247  11.031  -2.165  1.00 30.56 ? 87  LYS A C   1 
ATOM   659  O  O   . LYS A 1 88  ? 11.119  11.141  -1.303  1.00 30.16 ? 87  LYS A O   1 
ATOM   660  C  CB  . LYS A 1 88  ? 10.238  13.277  -3.301  1.00 31.89 ? 87  LYS A CB  1 
ATOM   661  C  CG  . LYS A 1 88  ? 8.901   13.773  -2.663  1.00 34.28 ? 87  LYS A CG  1 
ATOM   662  C  CD  . LYS A 1 88  ? 8.836   15.302  -2.544  1.00 36.05 ? 87  LYS A CD  1 
ATOM   663  C  CE  . LYS A 1 88  ? 8.512   15.928  -3.908  1.00 42.06 ? 87  LYS A CE  1 
ATOM   664  N  NZ  . LYS A 1 88  ? 8.214   17.359  -3.733  1.00 51.95 ? 87  LYS A NZ  1 
ATOM   665  N  N   . TYR A 1 89  ? 9.115   10.352  -1.962  1.00 28.37 ? 88  TYR A N   1 
ATOM   666  C  CA  . TYR A 1 89  ? 8.889   9.606   -0.718  1.00 27.76 ? 88  TYR A CA  1 
ATOM   667  C  C   . TYR A 1 89  ? 9.243   8.148   -0.793  1.00 27.80 ? 88  TYR A C   1 
ATOM   668  O  O   . TYR A 1 89  ? 9.317   7.496   0.251   1.00 28.41 ? 88  TYR A O   1 
ATOM   669  C  CB  . TYR A 1 89  ? 7.426   9.741   -0.288  1.00 28.83 ? 88  TYR A CB  1 
ATOM   670  C  CG  . TYR A 1 89  ? 7.013   11.161  -0.067  1.00 27.67 ? 88  TYR A CG  1 
ATOM   671  C  CD1 . TYR A 1 89  ? 7.488   11.873  1.039   1.00 29.53 ? 88  TYR A CD1 1 
ATOM   672  C  CD2 . TYR A 1 89  ? 6.215   11.820  -0.994  1.00 30.39 ? 88  TYR A CD2 1 
ATOM   673  C  CE1 . TYR A 1 89  ? 7.131   13.196  1.228   1.00 29.44 ? 88  TYR A CE1 1 
ATOM   674  C  CE2 . TYR A 1 89  ? 5.860   13.166  -0.806  1.00 31.02 ? 88  TYR A CE2 1 
ATOM   675  C  CZ  . TYR A 1 89  ? 6.326   13.820  0.317   1.00 31.30 ? 88  TYR A CZ  1 
ATOM   676  O  OH  . TYR A 1 89  ? 5.995   15.127  0.539   1.00 32.69 ? 88  TYR A OH  1 
ATOM   677  N  N   . PHE A 1 90  ? 9.404   7.597   -1.997  1.00 27.23 ? 89  PHE A N   1 
ATOM   678  C  CA  . PHE A 1 90  ? 9.602   6.118   -2.121  1.00 27.41 ? 89  PHE A CA  1 
ATOM   679  C  C   . PHE A 1 90  ? 10.723  5.532   -1.235  1.00 27.63 ? 89  PHE A C   1 
ATOM   680  O  O   . PHE A 1 90  ? 10.493  4.626   -0.426  1.00 25.52 ? 89  PHE A O   1 
ATOM   681  C  CB  . PHE A 1 90  ? 9.870   5.669   -3.561  1.00 27.69 ? 89  PHE A CB  1 
ATOM   682  C  CG  . PHE A 1 90  ? 8.703   5.802   -4.511  1.00 29.06 ? 89  PHE A CG  1 
ATOM   683  C  CD1 . PHE A 1 90  ? 7.379   5.628   -4.110  1.00 29.33 ? 89  PHE A CD1 1 
ATOM   684  C  CD2 . PHE A 1 90  ? 8.952   6.058   -5.869  1.00 29.86 ? 89  PHE A CD2 1 
ATOM   685  C  CE1 . PHE A 1 90  ? 6.334   5.732   -5.031  1.00 31.23 ? 89  PHE A CE1 1 
ATOM   686  C  CE2 . PHE A 1 90  ? 7.888   6.174   -6.801  1.00 29.06 ? 89  PHE A CE2 1 
ATOM   687  C  CZ  . PHE A 1 90  ? 6.590   6.005   -6.376  1.00 29.86 ? 89  PHE A CZ  1 
ATOM   688  N  N   . ASP A 1 91  ? 11.950  6.022   -1.395  1.00 28.49 ? 90  ASP A N   1 
ATOM   689  C  CA  . ASP A 1 91  ? 13.049  5.435   -0.634  1.00 29.45 ? 90  ASP A CA  1 
ATOM   690  C  C   . ASP A 1 91  ? 12.918  5.561   0.881   1.00 28.32 ? 90  ASP A C   1 
ATOM   691  O  O   . ASP A 1 91  ? 13.205  4.621   1.580   1.00 29.77 ? 90  ASP A O   1 
ATOM   692  C  CB  . ASP A 1 91  ? 14.392  6.029   -1.096  1.00 29.76 ? 90  ASP A CB  1 
ATOM   693  C  CG  . ASP A 1 91  ? 14.783  5.554   -2.496  1.00 34.57 ? 90  ASP A CG  1 
ATOM   694  O  OD1 . ASP A 1 91  ? 14.260  4.517   -2.967  1.00 36.61 ? 90  ASP A OD1 1 
ATOM   695  O  OD2 . ASP A 1 91  ? 15.621  6.234   -3.139  1.00 37.98 ? 90  ASP A OD2 1 
ATOM   696  N  N   . ASP A 1 92  ? 12.481  6.704   1.381   1.00 28.39 ? 91  ASP A N   1 
ATOM   697  C  CA  . ASP A 1 92  ? 12.343  6.906   2.827   1.00 28.30 ? 91  ASP A CA  1 
ATOM   698  C  C   . ASP A 1 92  ? 11.225  6.006   3.350   1.00 28.24 ? 91  ASP A C   1 
ATOM   699  O  O   . ASP A 1 92  ? 11.367  5.401   4.414   1.00 27.61 ? 91  ASP A O   1 
ATOM   700  C  CB  . ASP A 1 92  ? 12.034  8.377   3.173   1.00 29.35 ? 91  ASP A CB  1 
ATOM   701  C  CG  . ASP A 1 92  ? 13.258  9.274   3.051   1.00 34.24 ? 91  ASP A CG  1 
ATOM   702  O  OD1 . ASP A 1 92  ? 14.378  8.722   2.984   1.00 36.71 ? 91  ASP A OD1 1 
ATOM   703  O  OD2 . ASP A 1 92  ? 13.082  10.511  3.027   1.00 38.92 ? 91  ASP A OD2 1 
ATOM   704  N  N   . VAL A 1 93  ? 10.146  5.883   2.567   1.00 26.83 ? 92  VAL A N   1 
ATOM   705  C  CA  . VAL A 1 93  ? 9.016   5.030   3.030   1.00 26.04 ? 92  VAL A CA  1 
ATOM   706  C  C   . VAL A 1 93  ? 9.356   3.551   3.017   1.00 26.01 ? 92  VAL A C   1 
ATOM   707  O  O   . VAL A 1 93  ? 9.135   2.840   4.016   1.00 26.57 ? 92  VAL A O   1 
ATOM   708  C  CB  . VAL A 1 93  ? 7.698   5.358   2.289   1.00 25.48 ? 92  VAL A CB  1 
ATOM   709  C  CG1 . VAL A 1 93  ? 6.600   4.331   2.650   1.00 26.98 ? 92  VAL A CG1 1 
ATOM   710  C  CG2 . VAL A 1 93  ? 7.244   6.781   2.691   1.00 25.27 ? 92  VAL A CG2 1 
ATOM   711  N  N   . THR A 1 94  ? 9.938   3.066   1.921   1.00 24.92 ? 93  THR A N   1 
ATOM   712  C  CA  . THR A 1 94  ? 10.299  1.654   1.855   1.00 26.50 ? 93  THR A CA  1 
ATOM   713  C  C   . THR A 1 94  ? 11.378  1.288   2.893   1.00 27.20 ? 93  THR A C   1 
ATOM   714  O  O   . THR A 1 94  ? 11.350  0.192   3.435   1.00 27.52 ? 93  THR A O   1 
ATOM   715  C  CB  . THR A 1 94  ? 10.672  1.181   0.428   1.00 27.45 ? 93  THR A CB  1 
ATOM   716  O  OG1 . THR A 1 94  ? 11.925  1.781   0.034   1.00 27.43 ? 93  THR A OG1 1 
ATOM   717  C  CG2 . THR A 1 94  ? 9.536   1.546   -0.608  1.00 26.42 ? 93  THR A CG2 1 
ATOM   718  N  N   . ALA A 1 95  ? 12.317  2.200   3.171   1.00 27.59 ? 94  ALA A N   1 
ATOM   719  C  CA  . ALA A 1 95  ? 13.325  1.916   4.209   1.00 28.20 ? 94  ALA A CA  1 
ATOM   720  C  C   . ALA A 1 95  ? 12.711  1.799   5.601   1.00 27.47 ? 94  ALA A C   1 
ATOM   721  O  O   . ALA A 1 95  ? 13.107  0.947   6.376   1.00 27.87 ? 94  ALA A O   1 
ATOM   722  C  CB  . ALA A 1 95  ? 14.429  2.963   4.204   1.00 28.11 ? 94  ALA A CB  1 
ATOM   723  N  N   . PHE A 1 96  ? 11.735  2.643   5.901   1.00 27.40 ? 95  PHE A N   1 
ATOM   724  C  CA  . PHE A 1 96  ? 11.025  2.580   7.176   1.00 27.47 ? 95  PHE A CA  1 
ATOM   725  C  C   . PHE A 1 96  ? 10.217  1.273   7.262   1.00 26.69 ? 95  PHE A C   1 
ATOM   726  O  O   . PHE A 1 96  ? 10.229  0.618   8.317   1.00 26.91 ? 95  PHE A O   1 
ATOM   727  C  CB  . PHE A 1 96  ? 10.111  3.809   7.349   1.00 27.92 ? 95  PHE A CB  1 
ATOM   728  C  CG  . PHE A 1 96  ? 9.077   3.653   8.433   1.00 29.53 ? 95  PHE A CG  1 
ATOM   729  C  CD1 . PHE A 1 96  ? 9.451   3.586   9.762   1.00 32.24 ? 95  PHE A CD1 1 
ATOM   730  C  CD2 . PHE A 1 96  ? 7.700   3.608   8.096   1.00 31.19 ? 95  PHE A CD2 1 
ATOM   731  C  CE1 . PHE A 1 96  ? 8.437   3.413   10.791  1.00 29.81 ? 95  PHE A CE1 1 
ATOM   732  C  CE2 . PHE A 1 96  ? 6.711   3.484   9.083   1.00 34.62 ? 95  PHE A CE2 1 
ATOM   733  C  CZ  . PHE A 1 96  ? 7.095   3.385   10.424  1.00 31.50 ? 95  PHE A CZ  1 
ATOM   734  N  N   . LEU A 1 97  ? 9.508   0.899   6.185   1.00 25.50 ? 96  LEU A N   1 
ATOM   735  C  CA  . LEU A 1 97  ? 8.705   -0.339  6.208   1.00 24.99 ? 96  LEU A CA  1 
ATOM   736  C  C   . LEU A 1 97  ? 9.630   -1.557  6.332   1.00 25.53 ? 96  LEU A C   1 
ATOM   737  O  O   . LEU A 1 97  ? 9.359   -2.497  7.095   1.00 24.02 ? 96  LEU A O   1 
ATOM   738  C  CB  . LEU A 1 97  ? 7.793   -0.479  4.964   1.00 23.96 ? 96  LEU A CB  1 
ATOM   739  C  CG  . LEU A 1 97  ? 6.765   0.656   4.921   1.00 23.81 ? 96  LEU A CG  1 
ATOM   740  C  CD1 . LEU A 1 97  ? 5.868   0.564   3.574   1.00 25.01 ? 96  LEU A CD1 1 
ATOM   741  C  CD2 . LEU A 1 97  ? 5.833   0.623   6.186   1.00 24.79 ? 96  LEU A CD2 1 
ATOM   742  N  N   . SER A 1 98  ? 10.752  -1.501  5.621   1.00 25.08 ? 97  SER A N   1 
ATOM   743  C  CA  . SER A 1 98  ? 11.729  -2.574  5.733   1.00 26.40 ? 97  SER A CA  1 
ATOM   744  C  C   . SER A 1 98  ? 12.204  -2.718  7.189   1.00 26.06 ? 97  SER A C   1 
ATOM   745  O  O   . SER A 1 98  ? 12.337  -3.840  7.663   1.00 27.71 ? 97  SER A O   1 
ATOM   746  C  CB  . SER A 1 98  ? 12.925  -2.278  4.817   1.00 25.79 ? 97  SER A CB  1 
ATOM   747  O  OG  . SER A 1 98  ? 13.782  -3.405  4.875   1.00 33.17 ? 97  SER A OG  1 
ATOM   748  N  N   . LYS A 1 99  ? 12.464  -1.594  7.864   1.00 26.35 ? 98  LYS A N   1 
ATOM   749  C  CA  . LYS A 1 99  ? 12.896  -1.606  9.274   1.00 27.65 ? 98  LYS A CA  1 
ATOM   750  C  C   . LYS A 1 99  ? 11.834  -2.223  10.197  1.00 27.98 ? 98  LYS A C   1 
ATOM   751  O  O   . LYS A 1 99  ? 12.128  -3.059  11.082  1.00 27.27 ? 98  LYS A O   1 
ATOM   752  C  CB  . LYS A 1 99  ? 13.213  -0.210  9.751   1.00 28.60 ? 98  LYS A CB  1 
ATOM   753  C  CG  . LYS A 1 99  ? 13.701  -0.157  11.200  1.00 30.50 ? 98  LYS A CG  1 
ATOM   754  C  CD  . LYS A 1 99  ? 14.271  1.208   11.556  1.00 39.05 ? 98  LYS A CD  1 
ATOM   755  C  CE  . LYS A 1 99  ? 13.233  2.306   11.567  1.00 43.25 ? 98  LYS A CE  1 
ATOM   756  N  NZ  . LYS A 1 99  ? 12.255  2.161   12.692  1.00 43.32 ? 98  LYS A NZ  1 
ATOM   757  N  N   . CYS A 1 100 ? 10.583  -1.851  9.964   1.00 27.84 ? 99  CYS A N   1 
ATOM   758  C  CA  . CYS A 1 100 ? 9.503   -2.485  10.729  1.00 27.55 ? 99  CYS A CA  1 
ATOM   759  C  C   . CYS A 1 100 ? 9.484   -4.016  10.565  1.00 28.03 ? 99  CYS A C   1 
ATOM   760  O  O   . CYS A 1 100 ? 9.260   -4.759  11.547  1.00 29.33 ? 99  CYS A O   1 
ATOM   761  C  CB  . CYS A 1 100 ? 8.129   -1.869  10.318  1.00 27.06 ? 99  CYS A CB  1 
ATOM   762  S  SG  . CYS A 1 100 ? 7.950   -0.178  10.753  1.00 29.55 ? 99  CYS A SG  1 
ATOM   763  N  N   . ASP A 1 101 ? 9.660   -4.511  9.329   1.00 27.77 ? 100 ASP A N   1 
ATOM   764  C  CA  . ASP A 1 101 ? 9.693   -5.936  9.094   1.00 28.11 ? 100 ASP A CA  1 
ATOM   765  C  C   . ASP A 1 101 ? 10.927  -6.563  9.767   1.00 30.34 ? 100 ASP A C   1 
ATOM   766  O  O   . ASP A 1 101 ? 10.817  -7.656  10.326  1.00 30.59 ? 100 ASP A O   1 
ATOM   767  C  CB  . ASP A 1 101 ? 9.684   -6.261  7.600   1.00 27.97 ? 100 ASP A CB  1 
ATOM   768  C  CG  . ASP A 1 101 ? 8.296   -6.698  7.113   1.00 29.17 ? 100 ASP A CG  1 
ATOM   769  O  OD1 . ASP A 1 101 ? 7.961   -6.473  5.924   1.00 28.57 ? 100 ASP A OD1 1 
ATOM   770  O  OD2 . ASP A 1 101 ? 7.565   -7.313  7.918   1.00 26.79 ? 100 ASP A OD2 1 
ATOM   771  N  N   . GLN A 1 102 ? 12.069  -5.869  9.717   1.00 31.07 ? 101 GLN A N   1 
ATOM   772  C  CA  . GLN A 1 102 ? 13.317  -6.416  10.342  1.00 33.71 ? 101 GLN A CA  1 
ATOM   773  C  C   . GLN A 1 102 ? 13.169  -6.535  11.867  1.00 33.51 ? 101 GLN A C   1 
ATOM   774  O  O   . GLN A 1 102 ? 13.617  -7.536  12.490  1.00 34.61 ? 101 GLN A O   1 
ATOM   775  C  CB  . GLN A 1 102 ? 14.515  -5.525  10.017  1.00 34.56 ? 101 GLN A CB  1 
ATOM   776  C  CG  . GLN A 1 102 ? 15.810  -6.020  10.661  1.00 41.57 ? 101 GLN A CG  1 
ATOM   777  C  CD  . GLN A 1 102 ? 16.759  -4.891  10.930  1.00 52.85 ? 101 GLN A CD  1 
ATOM   778  O  OE1 . GLN A 1 102 ? 16.413  -3.918  11.628  1.00 56.09 ? 101 GLN A OE1 1 
ATOM   779  N  NE2 . GLN A 1 102 ? 17.981  -4.996  10.378  1.00 56.93 ? 101 GLN A NE2 1 
ATOM   780  N  N   . ARG A 1 103 ? 12.542  -5.519  12.451  1.00 31.08 ? 102 ARG A N   1 
ATOM   781  C  CA  . ARG A 1 103 ? 12.347  -5.407  13.902  1.00 31.59 ? 102 ARG A CA  1 
ATOM   782  C  C   . ARG A 1 103 ? 11.095  -6.113  14.423  1.00 30.94 ? 102 ARG A C   1 
ATOM   783  O  O   . ARG A 1 103 ? 10.900  -6.154  15.647  1.00 31.94 ? 102 ARG A O   1 
ATOM   784  C  CB  . ARG A 1 103 ? 12.364  -3.940  14.346  1.00 30.64 ? 102 ARG A CB  1 
ATOM   785  C  CG  . ARG A 1 103 ? 13.695  -3.200  14.053  1.00 34.34 ? 102 ARG A CG  1 
ATOM   786  C  CD  . ARG A 1 103 ? 13.556  -1.743  14.379  1.00 36.79 ? 102 ARG A CD  1 
ATOM   787  N  NE  . ARG A 1 103 ? 13.251  -1.540  15.793  1.00 42.57 ? 102 ARG A NE  1 
ATOM   788  C  CZ  . ARG A 1 103 ? 14.151  -1.480  16.773  1.00 47.76 ? 102 ARG A CZ  1 
ATOM   789  N  NH1 . ARG A 1 103 ? 15.453  -1.597  16.515  1.00 47.77 ? 102 ARG A NH1 1 
ATOM   790  N  NH2 . ARG A 1 103 ? 13.745  -1.292  18.023  1.00 48.49 ? 102 ARG A NH2 1 
ATOM   791  N  N   . ASN A 1 104 ? 10.290  -6.696  13.522  1.00 29.82 ? 103 ASN A N   1 
ATOM   792  C  CA  . ASN A 1 104 ? 8.965   -7.260  13.862  1.00 29.97 ? 103 ASN A CA  1 
ATOM   793  C  C   . ASN A 1 104 ? 8.107   -6.288  14.658  1.00 29.38 ? 103 ASN A C   1 
ATOM   794  O  O   . ASN A 1 104 ? 7.601   -6.610  15.764  1.00 29.43 ? 103 ASN A O   1 
ATOM   795  C  CB  . ASN A 1 104 ? 9.103   -8.581  14.604  1.00 30.88 ? 103 ASN A CB  1 
ATOM   796  C  CG  . ASN A 1 104 ? 9.670   -9.639  13.750  1.00 33.86 ? 103 ASN A CG  1 
ATOM   797  O  OD1 . ASN A 1 104 ? 9.275   -9.808  12.593  1.00 33.36 ? 103 ASN A OD1 1 
ATOM   798  N  ND2 . ASN A 1 104 ? 10.644  -10.377 14.301  1.00 37.46 ? 103 ASN A ND2 1 
ATOM   799  N  N   . GLU A 1 105 ? 7.957   -5.078  14.113  1.00 27.66 ? 104 GLU A N   1 
ATOM   800  C  CA  . GLU A 1 105 ? 7.126   -4.025  14.716  1.00 27.52 ? 104 GLU A CA  1 
ATOM   801  C  C   . GLU A 1 105 ? 5.983   -3.782  13.728  1.00 25.57 ? 104 GLU A C   1 
ATOM   802  O  O   . GLU A 1 105 ? 6.200   -3.125  12.714  1.00 27.01 ? 104 GLU A O   1 
ATOM   803  C  CB  . GLU A 1 105 ? 7.947   -2.746  14.940  1.00 27.97 ? 104 GLU A CB  1 
ATOM   804  C  CG  . GLU A 1 105 ? 9.011   -2.957  16.059  1.00 28.62 ? 104 GLU A CG  1 
ATOM   805  C  CD  . GLU A 1 105 ? 10.015  -1.818  16.237  1.00 32.14 ? 104 GLU A CD  1 
ATOM   806  O  OE1 . GLU A 1 105 ? 10.160  -0.939  15.362  1.00 33.51 ? 104 GLU A OE1 1 
ATOM   807  O  OE2 . GLU A 1 105 ? 10.718  -1.842  17.285  1.00 36.72 ? 104 GLU A OE2 1 
ATOM   808  N  N   . PRO A 1 106 ? 4.795   -4.342  13.990  1.00 24.18 ? 105 PRO A N   1 
ATOM   809  C  CA  . PRO A 1 106 ? 3.717   -4.207  13.024  1.00 22.41 ? 105 PRO A CA  1 
ATOM   810  C  C   . PRO A 1 106 ? 3.345   -2.759  12.721  1.00 20.94 ? 105 PRO A C   1 
ATOM   811  O  O   . PRO A 1 106 ? 3.301   -1.900  13.611  1.00 21.51 ? 105 PRO A O   1 
ATOM   812  C  CB  . PRO A 1 106 ? 2.532   -4.969  13.678  1.00 21.70 ? 105 PRO A CB  1 
ATOM   813  C  CG  . PRO A 1 106 ? 3.304   -6.108  14.543  1.00 23.41 ? 105 PRO A CG  1 
ATOM   814  C  CD  . PRO A 1 106 ? 4.375   -5.145  15.168  1.00 24.01 ? 105 PRO A CD  1 
ATOM   815  N  N   . VAL A 1 107 ? 3.036   -2.516  11.435  1.00 21.17 ? 106 VAL A N   1 
ATOM   816  C  CA  . VAL A 1 107 ? 2.743   -1.176  10.956  1.00 20.82 ? 106 VAL A CA  1 
ATOM   817  C  C   . VAL A 1 107 ? 1.554   -1.240  9.983   1.00 20.23 ? 106 VAL A C   1 
ATOM   818  O  O   . VAL A 1 107 ? 1.530   -2.110  9.087   1.00 19.85 ? 106 VAL A O   1 
ATOM   819  C  CB  . VAL A 1 107 ? 3.974   -0.487  10.277  1.00 21.37 ? 106 VAL A CB  1 
ATOM   820  C  CG1 . VAL A 1 107 ? 4.593   -1.386  9.186   1.00 22.74 ? 106 VAL A CG1 1 
ATOM   821  C  CG2 . VAL A 1 107 ? 3.634   0.892   9.747   1.00 22.89 ? 106 VAL A CG2 1 
ATOM   822  N  N   . LEU A 1 108 ? 0.634   -0.304  10.144  1.00 19.45 ? 107 LEU A N   1 
ATOM   823  C  CA  . LEU A 1 108 ? -0.518  -0.159  9.212   1.00 20.36 ? 107 LEU A CA  1 
ATOM   824  C  C   . LEU A 1 108 ? -0.290  1.087   8.350   1.00 19.55 ? 107 LEU A C   1 
ATOM   825  O  O   . LEU A 1 108 ? -0.098  2.196   8.888   1.00 21.17 ? 107 LEU A O   1 
ATOM   826  C  CB  . LEU A 1 108 ? -1.846  0.040   9.972   1.00 19.13 ? 107 LEU A CB  1 
ATOM   827  C  CG  . LEU A 1 108 ? -3.067  0.432   9.096   1.00 21.09 ? 107 LEU A CG  1 
ATOM   828  C  CD1 . LEU A 1 108 ? -3.471  -0.725  8.125   1.00 21.76 ? 107 LEU A CD1 1 
ATOM   829  C  CD2 . LEU A 1 108 ? -4.262  0.771   9.977   1.00 20.99 ? 107 LEU A CD2 1 
ATOM   830  N  N   . VAL A 1 109 ? -0.316  0.885   7.035   1.00 18.59 ? 108 VAL A N   1 
ATOM   831  C  CA  . VAL A 1 109 ? -0.202  1.997   6.076   1.00 18.87 ? 108 VAL A CA  1 
ATOM   832  C  C   . VAL A 1 109 ? -1.590  2.269   5.544   1.00 18.69 ? 108 VAL A C   1 
ATOM   833  O  O   . VAL A 1 109 ? -2.244  1.354   5.013   1.00 19.30 ? 108 VAL A O   1 
ATOM   834  C  CB  . VAL A 1 109 ? 0.723   1.569   4.914   1.00 20.29 ? 108 VAL A CB  1 
ATOM   835  C  CG1 . VAL A 1 109 ? 0.841   2.698   3.856   1.00 21.02 ? 108 VAL A CG1 1 
ATOM   836  C  CG2 . VAL A 1 109 ? 2.116   1.148   5.424   1.00 19.89 ? 108 VAL A CG2 1 
ATOM   837  N  N   . HIS A 1 110 ? -2.059  3.514   5.664   1.00 18.20 ? 109 HIS A N   1 
ATOM   838  C  CA  . HIS A 1 110 ? -3.448  3.795   5.280   1.00 17.96 ? 109 HIS A CA  1 
ATOM   839  C  C   . HIS A 1 110 ? -3.602  5.198   4.698   1.00 19.77 ? 109 HIS A C   1 
ATOM   840  O  O   . HIS A 1 110 ? -2.758  6.090   4.936   1.00 19.51 ? 109 HIS A O   1 
ATOM   841  C  CB  . HIS A 1 110 ? -4.410  3.620   6.488   1.00 16.97 ? 109 HIS A CB  1 
ATOM   842  C  CG  . HIS A 1 110 ? -4.438  4.810   7.389   1.00 17.69 ? 109 HIS A CG  1 
ATOM   843  N  ND1 . HIS A 1 110 ? -5.336  5.853   7.221   1.00 19.63 ? 109 HIS A ND1 1 
ATOM   844  C  CD2 . HIS A 1 110 ? -3.620  5.163   8.417   1.00 19.29 ? 109 HIS A CD2 1 
ATOM   845  C  CE1 . HIS A 1 110 ? -5.082  6.790   8.136   1.00 20.72 ? 109 HIS A CE1 1 
ATOM   846  N  NE2 . HIS A 1 110 ? -4.056  6.395   8.879   1.00 20.71 ? 109 HIS A NE2 1 
ATOM   847  N  N   . CYS A 1 111 ? -4.659  5.351   3.912   1.00 19.24 ? 110 CYS A N   1 
ATOM   848  C  CA  . CYS A 1 111 ? -5.165  6.698   3.559   1.00 18.88 ? 110 CYS A CA  1 
ATOM   849  C  C   . CYS A 1 111 ? -6.649  6.752   3.919   1.00 19.43 ? 110 CYS A C   1 
ATOM   850  O  O   . CYS A 1 111 ? -7.076  6.246   4.993   1.00 21.17 ? 110 CYS A O   1 
ATOM   851  C  CB  . CYS A 1 111 ? -4.869  7.014   2.073   1.00 19.78 ? 110 CYS A CB  1 
ATOM   852  S  SG  . CYS A 1 111 ? -5.412  5.802   0.862   1.00 21.03 ? 110 CYS A SG  1 
ATOM   853  N  N   . VAL A 1 112 ? -7.466  7.414   3.124   1.00 19.30 ? 111 VAL A N   1 
ATOM   854  C  CA  . VAL A 1 112 ? -8.875  7.481   3.524   1.00 19.15 ? 111 VAL A CA  1 
ATOM   855  C  C   . VAL A 1 112 ? -9.598  6.229   2.979   1.00 20.65 ? 111 VAL A C   1 
ATOM   856  O  O   . VAL A 1 112 ? -10.242 5.505   3.755   1.00 20.99 ? 111 VAL A O   1 
ATOM   857  C  CB  . VAL A 1 112 ? -9.530  8.799   3.002   1.00 18.43 ? 111 VAL A CB  1 
ATOM   858  C  CG1 . VAL A 1 112 ? -11.041 8.765   3.357   1.00 20.65 ? 111 VAL A CG1 1 
ATOM   859  C  CG2 . VAL A 1 112 ? -8.873  10.052  3.706   1.00 18.83 ? 111 VAL A CG2 1 
ATOM   860  N  N   . ALA A 1 113 ? -9.527  5.976   1.671   1.00 20.26 ? 112 ALA A N   1 
ATOM   861  C  CA  . ALA A 1 113 ? -10.227 4.799   1.102   1.00 20.86 ? 112 ALA A CA  1 
ATOM   862  C  C   . ALA A 1 113 ? -9.351  3.544   1.097   1.00 20.60 ? 112 ALA A C   1 
ATOM   863  O  O   . ALA A 1 113 ? -9.844  2.441   0.823   1.00 19.64 ? 112 ALA A O   1 
ATOM   864  C  CB  . ALA A 1 113 ? -10.663 5.105   -0.360  1.00 22.28 ? 112 ALA A CB  1 
ATOM   865  N  N   . GLY A 1 114 ? -8.022  3.726   1.289   1.00 20.25 ? 113 GLY A N   1 
ATOM   866  C  CA  . GLY A 1 114 ? -7.054  2.590   1.257   1.00 19.76 ? 113 GLY A CA  1 
ATOM   867  C  C   . GLY A 1 114 ? -6.860  2.101   -0.171  1.00 20.62 ? 113 GLY A C   1 
ATOM   868  O  O   . GLY A 1 114 ? -6.615  0.923   -0.378  1.00 21.64 ? 113 GLY A O   1 
ATOM   869  N  N   . VAL A 1 115 ? -6.923  3.012   -1.149  1.00 20.06 ? 114 VAL A N   1 
ATOM   870  C  CA  . VAL A 1 115 ? -6.733  2.629   -2.571  1.00 21.24 ? 114 VAL A CA  1 
ATOM   871  C  C   . VAL A 1 115 ? -5.482  3.212   -3.216  1.00 21.84 ? 114 VAL A C   1 
ATOM   872  O  O   . VAL A 1 115 ? -4.618  2.442   -3.665  1.00 22.92 ? 114 VAL A O   1 
ATOM   873  C  CB  . VAL A 1 115 ? -8.006  2.953   -3.432  1.00 21.84 ? 114 VAL A CB  1 
ATOM   874  C  CG1 . VAL A 1 115 ? -7.779  2.640   -4.923  1.00 20.74 ? 114 VAL A CG1 1 
ATOM   875  C  CG2 . VAL A 1 115 ? -9.193  2.164   -2.858  1.00 22.42 ? 114 VAL A CG2 1 
ATOM   876  N  N   . ASN A 1 116 ? -5.385  4.545   -3.277  1.00 21.11 ? 115 ASN A N   1 
ATOM   877  C  CA  . ASN A 1 116 ? -4.351  5.189   -4.077  1.00 20.46 ? 115 ASN A CA  1 
ATOM   878  C  C   . ASN A 1 116 ? -3.071  5.539   -3.324  1.00 20.71 ? 115 ASN A C   1 
ATOM   879  O  O   . ASN A 1 116 ? -1.987  5.028   -3.669  1.00 22.28 ? 115 ASN A O   1 
ATOM   880  C  CB  . ASN A 1 116 ? -4.923  6.425   -4.820  1.00 21.56 ? 115 ASN A CB  1 
ATOM   881  C  CG  . ASN A 1 116 ? -5.946  6.022   -5.860  1.00 23.08 ? 115 ASN A CG  1 
ATOM   882  O  OD1 . ASN A 1 116 ? -5.721  5.058   -6.615  1.00 22.55 ? 115 ASN A OD1 1 
ATOM   883  N  ND2 . ASN A 1 116 ? -7.060  6.750   -5.919  1.00 26.55 ? 115 ASN A ND2 1 
ATOM   884  N  N   . ARG A 1 117 ? -3.174  6.427   -2.337  1.00 18.91 ? 116 ARG A N   1 
ATOM   885  C  CA  . ARG A 1 117 ? -1.938  6.863   -1.627  1.00 19.51 ? 116 ARG A CA  1 
ATOM   886  C  C   . ARG A 1 117 ? -1.298  5.701   -0.864  1.00 20.90 ? 116 ARG A C   1 
ATOM   887  O  O   . ARG A 1 117 ? -0.100  5.409   -1.028  1.00 21.14 ? 116 ARG A O   1 
ATOM   888  C  CB  . ARG A 1 117 ? -2.276  8.021   -0.683  1.00 20.26 ? 116 ARG A CB  1 
ATOM   889  C  CG  . ARG A 1 117 ? -2.615  9.306   -1.486  1.00 19.60 ? 116 ARG A CG  1 
ATOM   890  C  CD  . ARG A 1 117 ? -3.325  10.298  -0.515  1.00 21.45 ? 116 ARG A CD  1 
ATOM   891  N  NE  . ARG A 1 117 ? -4.708  9.924   -0.222  1.00 24.03 ? 116 ARG A NE  1 
ATOM   892  C  CZ  . ARG A 1 117 ? -5.540  10.684  0.490   1.00 24.26 ? 116 ARG A CZ  1 
ATOM   893  N  NH1 . ARG A 1 117 ? -5.117  11.843  1.011   1.00 24.15 ? 116 ARG A NH1 1 
ATOM   894  N  NH2 . ARG A 1 117 ? -6.765  10.269  0.722   1.00 22.01 ? 116 ARG A NH2 1 
ATOM   895  N  N   . SER A 1 118 ? -2.098  5.023   -0.038  1.00 19.82 ? 117 SER A N   1 
ATOM   896  C  CA  . SER A 1 118 ? -1.571  3.851   0.651   1.00 20.47 ? 117 SER A CA  1 
ATOM   897  C  C   . SER A 1 118 ? -1.229  2.692   -0.286  1.00 20.29 ? 117 SER A C   1 
ATOM   898  O  O   . SER A 1 118 ? -0.173  2.022   -0.094  1.00 20.28 ? 117 SER A O   1 
ATOM   899  C  CB  . SER A 1 118 ? -2.545  3.415   1.785   1.00 21.43 ? 117 SER A CB  1 
ATOM   900  O  OG  . SER A 1 118 ? -3.848  3.174   1.247   1.00 21.89 ? 117 SER A OG  1 
ATOM   901  N  N   . GLY A 1 119 ? -2.087  2.432   -1.291  1.00 19.66 ? 118 GLY A N   1 
ATOM   902  C  CA  . GLY A 1 119 ? -1.801  1.357   -2.244  1.00 20.06 ? 118 GLY A CA  1 
ATOM   903  C  C   . GLY A 1 119 ? -0.438  1.599   -2.908  1.00 21.41 ? 118 GLY A C   1 
ATOM   904  O  O   . GLY A 1 119 ? 0.337   0.671   -3.144  1.00 20.56 ? 118 GLY A O   1 
ATOM   905  N  N   . ALA A 1 120 ? -0.159  2.853   -3.231  1.00 20.79 ? 119 ALA A N   1 
ATOM   906  C  CA  . ALA A 1 120 ? 1.109   3.175   -3.977  1.00 21.02 ? 119 ALA A CA  1 
ATOM   907  C  C   . ALA A 1 120 ? 2.338   2.957   -3.112  1.00 22.75 ? 119 ALA A C   1 
ATOM   908  O  O   . ALA A 1 120 ? 3.376   2.433   -3.590  1.00 22.49 ? 119 ALA A O   1 
ATOM   909  C  CB  . ALA A 1 120 ? 1.060   4.633   -4.491  1.00 22.90 ? 119 ALA A CB  1 
HETATM 910  N  N   . MSE A 1 121 ? 2.239   3.340   -1.839  1.00 22.03 ? 120 MSE A N   1 
HETATM 911  C  CA  . MSE A 1 121 ? 3.380   3.110   -0.935  1.00 21.72 ? 120 MSE A CA  1 
HETATM 912  C  C   . MSE A 1 121 ? 3.595   1.605   -0.727  1.00 22.15 ? 120 MSE A C   1 
HETATM 913  O  O   . MSE A 1 121 ? 4.746   1.147   -0.662  1.00 21.35 ? 120 MSE A O   1 
HETATM 914  C  CB  . MSE A 1 121 ? 3.235   3.848   0.430   1.00 21.35 ? 120 MSE A CB  1 
HETATM 915  C  CG  . MSE A 1 121 ? 3.334   5.410   0.321   1.00 22.90 ? 120 MSE A CG  1 
HETATM 916  SE SE  . MSE A 1 121 ? 4.935   6.044   -0.450  1.00 17.27 ? 120 MSE A SE  1 
HETATM 917  C  CE  . MSE A 1 121 ? 4.431   6.541   -2.049  1.00 29.76 ? 120 MSE A CE  1 
ATOM   918  N  N   . ILE A 1 122 ? 2.515   0.830   -0.607  1.00 21.13 ? 121 ILE A N   1 
ATOM   919  C  CA  . ILE A 1 122 ? 2.621   -0.632  -0.450  1.00 21.93 ? 121 ILE A CA  1 
ATOM   920  C  C   . ILE A 1 122 ? 3.180   -1.286  -1.731  1.00 23.08 ? 121 ILE A C   1 
ATOM   921  O  O   . ILE A 1 122 ? 4.004   -2.207  -1.676  1.00 22.89 ? 121 ILE A O   1 
ATOM   922  C  CB  . ILE A 1 122 ? 1.234   -1.231  -0.093  1.00 22.19 ? 121 ILE A CB  1 
ATOM   923  C  CG1 . ILE A 1 122 ? 0.918   -0.855  1.367   1.00 23.41 ? 121 ILE A CG1 1 
ATOM   924  C  CG2 . ILE A 1 122 ? 1.148   -2.737  -0.436  1.00 23.88 ? 121 ILE A CG2 1 
ATOM   925  C  CD1 . ILE A 1 122 ? 1.817   -1.536  2.431   1.00 25.24 ? 121 ILE A CD1 1 
ATOM   926  N  N   . LEU A 1 123 ? 2.737   -0.800  -2.891  1.00 22.20 ? 122 LEU A N   1 
ATOM   927  C  CA  . LEU A 1 123 ? 3.261   -1.302  -4.165  1.00 22.03 ? 122 LEU A CA  1 
ATOM   928  C  C   . LEU A 1 123 ? 4.750   -1.017  -4.263  1.00 21.39 ? 122 LEU A C   1 
ATOM   929  O  O   . LEU A 1 123 ? 5.521   -1.938  -4.598  1.00 22.65 ? 122 LEU A O   1 
ATOM   930  C  CB  . LEU A 1 123 ? 2.530   -0.690  -5.352  1.00 23.10 ? 122 LEU A CB  1 
ATOM   931  C  CG  . LEU A 1 123 ? 2.772   -1.212  -6.772  1.00 24.97 ? 122 LEU A CG  1 
ATOM   932  C  CD1 . LEU A 1 123 ? 2.889   -2.706  -6.881  1.00 26.19 ? 122 LEU A CD1 1 
ATOM   933  C  CD2 . LEU A 1 123 ? 1.618   -0.763  -7.698  1.00 22.94 ? 122 LEU A CD2 1 
ATOM   934  N  N   . ALA A 1 124 ? 5.162   0.202   -3.906  1.00 22.28 ? 123 ALA A N   1 
ATOM   935  C  CA  . ALA A 1 124 ? 6.600   0.561   -3.860  1.00 21.43 ? 123 ALA A CA  1 
ATOM   936  C  C   . ALA A 1 124 ? 7.381   -0.377  -2.934  1.00 23.25 ? 123 ALA A C   1 
ATOM   937  O  O   . ALA A 1 124 ? 8.459   -0.895  -3.301  1.00 24.06 ? 123 ALA A O   1 
ATOM   938  C  CB  . ALA A 1 124 ? 6.786   1.998   -3.424  1.00 22.81 ? 123 ALA A CB  1 
ATOM   939  N  N   . TYR A 1 125 ? 6.874   -0.581  -1.720  1.00 22.48 ? 124 TYR A N   1 
ATOM   940  C  CA  . TYR A 1 125 ? 7.530   -1.523  -0.789  1.00 23.32 ? 124 TYR A CA  1 
ATOM   941  C  C   . TYR A 1 125 ? 7.680   -2.929  -1.386  1.00 24.08 ? 124 TYR A C   1 
ATOM   942  O  O   . TYR A 1 125 ? 8.767   -3.526  -1.348  1.00 23.43 ? 124 TYR A O   1 
ATOM   943  C  CB  . TYR A 1 125 ? 6.755   -1.559  0.525   1.00 23.68 ? 124 TYR A CB  1 
ATOM   944  C  CG  . TYR A 1 125 ? 7.425   -2.425  1.569   1.00 23.88 ? 124 TYR A CG  1 
ATOM   945  C  CD1 . TYR A 1 125 ? 8.786   -2.226  1.886   1.00 25.71 ? 124 TYR A CD1 1 
ATOM   946  C  CD2 . TYR A 1 125 ? 6.716   -3.395  2.251   1.00 25.30 ? 124 TYR A CD2 1 
ATOM   947  C  CE1 . TYR A 1 125 ? 9.430   -3.030  2.840   1.00 28.62 ? 124 TYR A CE1 1 
ATOM   948  C  CE2 . TYR A 1 125 ? 7.351   -4.225  3.212   1.00 26.33 ? 124 TYR A CE2 1 
ATOM   949  C  CZ  . TYR A 1 125 ? 8.715   -3.998  3.501   1.00 27.02 ? 124 TYR A CZ  1 
ATOM   950  O  OH  . TYR A 1 125 ? 9.368   -4.778  4.451   1.00 26.10 ? 124 TYR A OH  1 
ATOM   951  N  N   . LEU A 1 126 ? 6.617   -3.479  -1.962  1.00 23.41 ? 125 LEU A N   1 
ATOM   952  C  CA  . LEU A 1 126 ? 6.716   -4.831  -2.499  1.00 25.55 ? 125 LEU A CA  1 
ATOM   953  C  C   . LEU A 1 126 ? 7.724   -4.884  -3.675  1.00 25.92 ? 125 LEU A C   1 
ATOM   954  O  O   . LEU A 1 126 ? 8.521   -5.843  -3.787  1.00 26.20 ? 125 LEU A O   1 
ATOM   955  C  CB  . LEU A 1 126 ? 5.330   -5.324  -2.915  1.00 25.37 ? 125 LEU A CB  1 
ATOM   956  C  CG  . LEU A 1 126 ? 4.393   -5.638  -1.733  1.00 27.35 ? 125 LEU A CG  1 
ATOM   957  C  CD1 . LEU A 1 126 ? 3.010   -5.890  -2.265  1.00 28.15 ? 125 LEU A CD1 1 
ATOM   958  C  CD2 . LEU A 1 126 ? 4.946   -6.857  -0.919  1.00 31.42 ? 125 LEU A CD2 1 
HETATM 959  N  N   . MSE A 1 127 ? 7.714   -3.842  -4.511  1.00 26.23 ? 126 MSE A N   1 
HETATM 960  C  CA  . MSE A 1 127 ? 8.704   -3.747  -5.610  1.00 27.31 ? 126 MSE A CA  1 
HETATM 961  C  C   . MSE A 1 127 ? 10.134  -3.682  -5.043  1.00 27.98 ? 126 MSE A C   1 
HETATM 962  O  O   . MSE A 1 127 ? 11.054  -4.344  -5.573  1.00 28.90 ? 126 MSE A O   1 
HETATM 963  C  CB  . MSE A 1 127 ? 8.432   -2.535  -6.501  1.00 27.20 ? 126 MSE A CB  1 
HETATM 964  C  CG  . MSE A 1 127 ? 7.114   -2.655  -7.360  1.00 25.84 ? 126 MSE A CG  1 
HETATM 965  SE SE  . MSE A 1 127 ? 6.904   -4.102  -8.418  1.00 18.81 ? 126 MSE A SE  1 
HETATM 966  C  CE  . MSE A 1 127 ? 8.218   -3.842  -9.676  1.00 28.31 ? 126 MSE A CE  1 
ATOM   967  N  N   . SER A 1 128 ? 10.321  -2.909  -3.968  1.00 28.84 ? 127 SER A N   1 
ATOM   968  C  CA  . SER A 1 128 ? 11.656  -2.737  -3.365  1.00 30.01 ? 127 SER A CA  1 
ATOM   969  C  C   . SER A 1 128 ? 12.209  -4.052  -2.790  1.00 32.52 ? 127 SER A C   1 
ATOM   970  O  O   . SER A 1 128 ? 13.441  -4.244  -2.732  1.00 33.93 ? 127 SER A O   1 
ATOM   971  C  CB  . SER A 1 128 ? 11.655  -1.641  -2.300  1.00 30.09 ? 127 SER A CB  1 
ATOM   972  O  OG  . SER A 1 128 ? 11.138  -2.167  -1.075  1.00 29.17 ? 127 SER A OG  1 
ATOM   973  N  N   . LYS A 1 129 ? 11.314  -4.967  -2.423  1.00 33.44 ? 128 LYS A N   1 
ATOM   974  C  CA  . LYS A 1 129 ? 11.677  -6.241  -1.775  1.00 35.99 ? 128 LYS A CA  1 
ATOM   975  C  C   . LYS A 1 129 ? 11.840  -7.362  -2.798  1.00 37.52 ? 128 LYS A C   1 
ATOM   976  O  O   . LYS A 1 129 ? 12.310  -8.455  -2.459  1.00 38.37 ? 128 LYS A O   1 
ATOM   977  C  CB  . LYS A 1 129 ? 10.634  -6.626  -0.691  1.00 35.86 ? 128 LYS A CB  1 
ATOM   978  C  CG  . LYS A 1 129 ? 10.757  -5.821  0.623   1.00 36.55 ? 128 LYS A CG  1 
ATOM   979  C  CD  . LYS A 1 129 ? 11.989  -6.282  1.431   1.00 40.22 ? 128 LYS A CD  1 
ATOM   980  C  CE  . LYS A 1 129 ? 12.195  -5.412  2.676   1.00 40.45 ? 128 LYS A CE  1 
ATOM   981  N  NZ  . LYS A 1 129 ? 13.335  -5.917  3.508   1.00 44.52 ? 128 LYS A NZ  1 
ATOM   982  N  N   . ASN A 1 130 ? 11.442  -7.111  -4.039  1.00 37.81 ? 129 ASN A N   1 
ATOM   983  C  CA  . ASN A 1 130 ? 11.563  -8.119  -5.077  1.00 39.72 ? 129 ASN A CA  1 
ATOM   984  C  C   . ASN A 1 130 ? 13.013  -8.268  -5.491  1.00 41.52 ? 129 ASN A C   1 
ATOM   985  O  O   . ASN A 1 130 ? 13.595  -7.336  -6.056  1.00 41.47 ? 129 ASN A O   1 
ATOM   986  C  CB  . ASN A 1 130 ? 10.723  -7.760  -6.307  1.00 38.75 ? 129 ASN A CB  1 
ATOM   987  C  CG  . ASN A 1 130 ? 11.077  -8.590  -7.529  1.00 39.34 ? 129 ASN A CG  1 
ATOM   988  O  OD1 . ASN A 1 130 ? 11.275  -9.818  -7.432  1.00 40.38 ? 129 ASN A OD1 1 
ATOM   989  N  ND2 . ASN A 1 130 ? 11.138  -7.932  -8.700  1.00 37.53 ? 129 ASN A ND2 1 
ATOM   990  N  N   . LYS A 1 131 ? 13.571  -9.443  -5.207  1.00 43.77 ? 130 LYS A N   1 
ATOM   991  C  CA  . LYS A 1 131 ? 14.960  -9.748  -5.551  1.00 46.69 ? 130 LYS A CA  1 
ATOM   992  C  C   . LYS A 1 131 ? 15.117  -10.838 -6.594  1.00 47.61 ? 130 LYS A C   1 
ATOM   993  O  O   . LYS A 1 131 ? 16.168  -10.899 -7.215  1.00 49.54 ? 130 LYS A O   1 
ATOM   994  C  CB  . LYS A 1 131 ? 15.780  -10.111 -4.305  1.00 47.13 ? 130 LYS A CB  1 
ATOM   995  C  CG  . LYS A 1 131 ? 16.151  -8.905  -3.448  1.00 49.85 ? 130 LYS A CG  1 
ATOM   996  C  CD  . LYS A 1 131 ? 16.340  -9.321  -1.993  1.00 55.40 ? 130 LYS A CD  1 
ATOM   997  C  CE  . LYS A 1 131 ? 17.832  -9.530  -1.630  1.00 59.43 ? 130 LYS A CE  1 
ATOM   998  N  NZ  . LYS A 1 131 ? 18.441  -10.844 -2.065  1.00 60.61 ? 130 LYS A NZ  1 
ATOM   999  N  N   . GLU A 1 132 ? 14.086  -11.654 -6.815  1.00 47.92 ? 131 GLU A N   1 
ATOM   1000 C  CA  . GLU A 1 132 ? 14.195  -12.820 -7.697  1.00 48.61 ? 131 GLU A CA  1 
ATOM   1001 C  C   . GLU A 1 132 ? 13.436  -12.764 -9.024  1.00 47.64 ? 131 GLU A C   1 
ATOM   1002 O  O   . GLU A 1 132 ? 13.760  -13.532 -9.928  1.00 48.68 ? 131 GLU A O   1 
ATOM   1003 C  CB  . GLU A 1 132 ? 13.845  -14.111 -6.943  1.00 49.32 ? 131 GLU A CB  1 
ATOM   1004 C  CG  . GLU A 1 132 ? 14.928  -14.568 -5.940  1.00 54.05 ? 131 GLU A CG  1 
ATOM   1005 C  CD  . GLU A 1 132 ? 16.194  -15.131 -6.614  1.00 59.29 ? 131 GLU A CD  1 
ATOM   1006 O  OE1 . GLU A 1 132 ? 16.084  -16.154 -7.335  1.00 62.11 ? 131 GLU A OE1 1 
ATOM   1007 O  OE2 . GLU A 1 132 ? 17.299  -14.560 -6.409  1.00 61.81 ? 131 GLU A OE2 1 
ATOM   1008 N  N   . SER A 1 133 ? 12.448  -11.875 -9.150  1.00 45.55 ? 132 SER A N   1 
ATOM   1009 C  CA  . SER A 1 133 ? 11.600  -11.805 -10.343 1.00 43.63 ? 132 SER A CA  1 
ATOM   1010 C  C   . SER A 1 133 ? 11.896  -10.592 -11.227 1.00 42.28 ? 132 SER A C   1 
ATOM   1011 O  O   . SER A 1 133 ? 12.313  -9.537  -10.750 1.00 42.19 ? 132 SER A O   1 
ATOM   1012 C  CB  . SER A 1 133 ? 10.104  -11.774 -9.963  1.00 44.18 ? 132 SER A CB  1 
ATOM   1013 O  OG  . SER A 1 133 ? 9.695   -12.924 -9.244  1.00 45.69 ? 132 SER A OG  1 
ATOM   1014 N  N   . SER A 1 134 ? 11.676  -10.761 -12.528 1.00 41.02 ? 133 SER A N   1 
ATOM   1015 C  CA  . SER A 1 134 ? 11.601  -9.653  -13.472 1.00 40.25 ? 133 SER A CA  1 
ATOM   1016 C  C   . SER A 1 134 ? 10.698  -8.545  -12.912 1.00 38.53 ? 133 SER A C   1 
ATOM   1017 O  O   . SER A 1 134 ? 9.544   -8.829  -12.592 1.00 38.00 ? 133 SER A O   1 
ATOM   1018 C  CB  . SER A 1 134 ? 10.992  -10.186 -14.781 1.00 40.48 ? 133 SER A CB  1 
ATOM   1019 O  OG  . SER A 1 134 ? 10.391  -9.165  -15.551 1.00 43.57 ? 133 SER A OG  1 
ATOM   1020 N  N   . PRO A 1 135 ? 11.205  -7.312  -12.774 1.00 38.27 ? 134 PRO A N   1 
ATOM   1021 C  CA  . PRO A 1 135 ? 10.311  -6.249  -12.290 1.00 37.52 ? 134 PRO A CA  1 
ATOM   1022 C  C   . PRO A 1 135 ? 9.013   -6.059  -13.094 1.00 37.81 ? 134 PRO A C   1 
ATOM   1023 O  O   . PRO A 1 135 ? 7.993   -5.793  -12.478 1.00 35.38 ? 134 PRO A O   1 
ATOM   1024 C  CB  . PRO A 1 135 ? 11.198  -4.989  -12.316 1.00 37.82 ? 134 PRO A CB  1 
ATOM   1025 C  CG  . PRO A 1 135 ? 12.560  -5.506  -12.138 1.00 38.69 ? 134 PRO A CG  1 
ATOM   1026 C  CD  . PRO A 1 135 ? 12.577  -6.806  -12.938 1.00 37.85 ? 134 PRO A CD  1 
HETATM 1027 N  N   . MSE A 1 136 ? 9.031   -6.195  -14.430 1.00 37.81 ? 135 MSE A N   1 
HETATM 1028 C  CA  . MSE A 1 136 ? 7.795   -6.040  -15.245 1.00 40.15 ? 135 MSE A CA  1 
HETATM 1029 C  C   . MSE A 1 136 ? 6.710   -7.063  -14.863 1.00 37.81 ? 135 MSE A C   1 
HETATM 1030 O  O   . MSE A 1 136 ? 5.544   -6.703  -14.619 1.00 36.86 ? 135 MSE A O   1 
HETATM 1031 C  CB  . MSE A 1 136 ? 8.107   -6.076  -16.765 1.00 39.81 ? 135 MSE A CB  1 
HETATM 1032 C  CG  . MSE A 1 136 ? 7.056   -6.771  -17.725 1.00 42.55 ? 135 MSE A CG  1 
HETATM 1033 SE SE  . MSE A 1 136 ? 7.107   -5.844  -19.320 1.00 49.78 ? 135 MSE A SE  1 
HETATM 1034 C  CE  . MSE A 1 136 ? 5.371   -5.605  -19.672 1.00 46.02 ? 135 MSE A CE  1 
ATOM   1035 N  N   . LEU A 1 137 ? 7.106   -8.329  -14.817 1.00 36.04 ? 136 LEU A N   1 
ATOM   1036 C  CA  . LEU A 1 137 ? 6.234   -9.421  -14.442 1.00 36.30 ? 136 LEU A CA  1 
ATOM   1037 C  C   . LEU A 1 137 ? 5.737   -9.243  -12.994 1.00 34.59 ? 136 LEU A C   1 
ATOM   1038 O  O   . LEU A 1 137 ? 4.562   -9.463  -12.710 1.00 33.56 ? 136 LEU A O   1 
ATOM   1039 C  CB  . LEU A 1 137 ? 7.022   -10.726 -14.501 1.00 37.31 ? 136 LEU A CB  1 
ATOM   1040 C  CG  . LEU A 1 137 ? 6.241   -12.005 -14.666 1.00 42.27 ? 136 LEU A CG  1 
ATOM   1041 C  CD1 . LEU A 1 137 ? 6.066   -12.187 -16.183 1.00 47.51 ? 136 LEU A CD1 1 
ATOM   1042 C  CD2 . LEU A 1 137 ? 7.009   -13.199 -14.055 1.00 46.04 ? 136 LEU A CD2 1 
ATOM   1043 N  N   . TYR A 1 138 ? 6.650   -8.881  -12.096 1.00 32.73 ? 137 TYR A N   1 
ATOM   1044 C  CA  . TYR A 1 138 ? 6.298   -8.770  -10.667 1.00 31.99 ? 137 TYR A CA  1 
ATOM   1045 C  C   . TYR A 1 138 ? 5.308   -7.631  -10.464 1.00 30.24 ? 137 TYR A C   1 
ATOM   1046 O  O   . TYR A 1 138 ? 4.359   -7.757  -9.676  1.00 29.22 ? 137 TYR A O   1 
ATOM   1047 C  CB  . TYR A 1 138 ? 7.537   -8.563  -9.776  1.00 32.79 ? 137 TYR A CB  1 
ATOM   1048 C  CG  . TYR A 1 138 ? 7.263   -8.857  -8.311  1.00 33.33 ? 137 TYR A CG  1 
ATOM   1049 C  CD1 . TYR A 1 138 ? 6.874   -10.126 -7.900  1.00 35.61 ? 137 TYR A CD1 1 
ATOM   1050 C  CD2 . TYR A 1 138 ? 7.366   -7.861  -7.349  1.00 31.76 ? 137 TYR A CD2 1 
ATOM   1051 C  CE1 . TYR A 1 138 ? 6.612   -10.397 -6.566  1.00 33.99 ? 137 TYR A CE1 1 
ATOM   1052 C  CE2 . TYR A 1 138 ? 7.104   -8.124  -6.002  1.00 31.29 ? 137 TYR A CE2 1 
ATOM   1053 C  CZ  . TYR A 1 138 ? 6.743   -9.379  -5.622  1.00 35.14 ? 137 TYR A CZ  1 
ATOM   1054 O  OH  . TYR A 1 138 ? 6.484   -9.629  -4.289  1.00 36.65 ? 137 TYR A OH  1 
ATOM   1055 N  N   . PHE A 1 139 ? 5.518   -6.525  -11.178 1.00 28.94 ? 138 PHE A N   1 
ATOM   1056 C  CA  . PHE A 1 139 ? 4.569   -5.418  -11.113 1.00 28.22 ? 138 PHE A CA  1 
ATOM   1057 C  C   . PHE A 1 139 ? 3.175   -5.892  -11.507 1.00 26.99 ? 138 PHE A C   1 
ATOM   1058 O  O   . PHE A 1 139 ? 2.198   -5.597  -10.818 1.00 26.01 ? 138 PHE A O   1 
ATOM   1059 C  CB  . PHE A 1 139 ? 5.028   -4.276  -12.029 1.00 28.83 ? 138 PHE A CB  1 
ATOM   1060 C  CG  . PHE A 1 139 ? 4.104   -3.065  -12.009 1.00 28.85 ? 138 PHE A CG  1 
ATOM   1061 C  CD1 . PHE A 1 139 ? 4.305   -2.031  -11.080 1.00 29.93 ? 138 PHE A CD1 1 
ATOM   1062 C  CD2 . PHE A 1 139 ? 3.035   -2.969  -12.887 1.00 32.28 ? 138 PHE A CD2 1 
ATOM   1063 C  CE1 . PHE A 1 139 ? 3.452   -0.890  -11.064 1.00 30.03 ? 138 PHE A CE1 1 
ATOM   1064 C  CE2 . PHE A 1 139 ? 2.177   -1.836  -12.857 1.00 29.51 ? 138 PHE A CE2 1 
ATOM   1065 C  CZ  . PHE A 1 139 ? 2.404   -0.809  -11.965 1.00 29.53 ? 138 PHE A CZ  1 
ATOM   1066 N  N   . LEU A 1 140 ? 3.057   -6.605  -12.637 1.00 26.34 ? 139 LEU A N   1 
ATOM   1067 C  CA  . LEU A 1 140 ? 1.737   -7.084  -13.070 1.00 25.91 ? 139 LEU A CA  1 
ATOM   1068 C  C   . LEU A 1 140 ? 1.127   -8.021  -12.068 1.00 25.33 ? 139 LEU A C   1 
ATOM   1069 O  O   . LEU A 1 140 ? -0.062  -7.959  -11.788 1.00 24.90 ? 139 LEU A O   1 
ATOM   1070 C  CB  . LEU A 1 140 ? 1.804   -7.817  -14.428 1.00 26.70 ? 139 LEU A CB  1 
ATOM   1071 C  CG  . LEU A 1 140 ? 2.089   -6.902  -15.623 1.00 30.39 ? 139 LEU A CG  1 
ATOM   1072 C  CD1 . LEU A 1 140 ? 2.281   -7.786  -16.894 1.00 33.72 ? 139 LEU A CD1 1 
ATOM   1073 C  CD2 . LEU A 1 140 ? 0.948   -5.906  -15.831 1.00 30.25 ? 139 LEU A CD2 1 
ATOM   1074 N  N   . TYR A 1 141 ? 1.948   -8.929  -11.541 1.00 26.38 ? 140 TYR A N   1 
ATOM   1075 C  CA  . TYR A 1 141 ? 1.440   -9.887  -10.561 1.00 27.92 ? 140 TYR A CA  1 
ATOM   1076 C  C   . TYR A 1 141 ? 0.926   -9.190  -9.293  1.00 26.37 ? 140 TYR A C   1 
ATOM   1077 O  O   . TYR A 1 141 ? -0.186  -9.470  -8.834  1.00 27.30 ? 140 TYR A O   1 
ATOM   1078 C  CB  . TYR A 1 141 ? 2.535   -10.887 -10.190 1.00 30.62 ? 140 TYR A CB  1 
ATOM   1079 C  CG  . TYR A 1 141 ? 2.168   -11.742 -9.002  1.00 34.69 ? 140 TYR A CG  1 
ATOM   1080 C  CD1 . TYR A 1 141 ? 1.128   -12.669 -9.078  1.00 35.96 ? 140 TYR A CD1 1 
ATOM   1081 C  CD2 . TYR A 1 141 ? 2.856   -11.593 -7.801  1.00 38.64 ? 140 TYR A CD2 1 
ATOM   1082 C  CE1 . TYR A 1 141 ? 0.783   -13.456 -7.962  1.00 40.14 ? 140 TYR A CE1 1 
ATOM   1083 C  CE2 . TYR A 1 141 ? 2.532   -12.356 -6.699  1.00 41.15 ? 140 TYR A CE2 1 
ATOM   1084 C  CZ  . TYR A 1 141 ? 1.505   -13.279 -6.784  1.00 39.29 ? 140 TYR A CZ  1 
ATOM   1085 O  OH  . TYR A 1 141 ? 1.232   -14.019 -5.632  1.00 44.51 ? 140 TYR A OH  1 
ATOM   1086 N  N   . VAL A 1 142 ? 1.750   -8.349  -8.699  1.00 25.64 ? 141 VAL A N   1 
ATOM   1087 C  CA  . VAL A 1 142 ? 1.339   -7.635  -7.478  1.00 25.67 ? 141 VAL A CA  1 
ATOM   1088 C  C   . VAL A 1 142 ? 0.120   -6.770  -7.773  1.00 24.46 ? 141 VAL A C   1 
ATOM   1089 O  O   . VAL A 1 142 ? -0.880  -6.809  -7.022  1.00 24.33 ? 141 VAL A O   1 
ATOM   1090 C  CB  . VAL A 1 142 ? 2.483   -6.795  -6.890  1.00 26.33 ? 141 VAL A CB  1 
ATOM   1091 C  CG1 . VAL A 1 142 ? 1.957   -5.912  -5.739  1.00 28.19 ? 141 VAL A CG1 1 
ATOM   1092 C  CG2 . VAL A 1 142 ? 3.661   -7.733  -6.480  1.00 26.62 ? 141 VAL A CG2 1 
ATOM   1093 N  N   . TYR A 1 143 ? 0.156   -6.011  -8.872  1.00 23.84 ? 142 TYR A N   1 
ATOM   1094 C  CA  . TYR A 1 143 ? -0.978  -5.120  -9.186  1.00 22.90 ? 142 TYR A CA  1 
ATOM   1095 C  C   . TYR A 1 143 ? -2.301  -5.902  -9.270  1.00 22.33 ? 142 TYR A C   1 
ATOM   1096 O  O   . TYR A 1 143 ? -3.284  -5.602  -8.550  1.00 22.62 ? 142 TYR A O   1 
ATOM   1097 C  CB  . TYR A 1 143 ? -0.754  -4.292  -10.500 1.00 23.17 ? 142 TYR A CB  1 
ATOM   1098 C  CG  . TYR A 1 143 ? -1.901  -3.320  -10.656 1.00 22.51 ? 142 TYR A CG  1 
ATOM   1099 C  CD1 . TYR A 1 143 ? -1.869  -2.114  -10.028 1.00 24.86 ? 142 TYR A CD1 1 
ATOM   1100 C  CD2 . TYR A 1 143 ? -3.064  -3.681  -11.340 1.00 23.65 ? 142 TYR A CD2 1 
ATOM   1101 C  CE1 . TYR A 1 143 ? -2.941  -1.250  -10.109 1.00 22.45 ? 142 TYR A CE1 1 
ATOM   1102 C  CE2 . TYR A 1 143 ? -4.133  -2.835  -11.403 1.00 23.48 ? 142 TYR A CE2 1 
ATOM   1103 C  CZ  . TYR A 1 143 ? -4.060  -1.626  -10.769 1.00 24.19 ? 142 TYR A CZ  1 
ATOM   1104 O  OH  . TYR A 1 143 ? -5.140  -0.792  -10.822 1.00 26.96 ? 142 TYR A OH  1 
ATOM   1105 N  N   . HIS A 1 144 ? -2.357  -6.912  -10.135 1.00 21.67 ? 143 HIS A N   1 
ATOM   1106 C  CA  . HIS A 1 144 ? -3.626  -7.588  -10.365 1.00 22.39 ? 143 HIS A CA  1 
ATOM   1107 C  C   . HIS A 1 144 ? -4.082  -8.394  -9.161  1.00 23.18 ? 143 HIS A C   1 
ATOM   1108 O  O   . HIS A 1 144 ? -5.278  -8.435  -8.849  1.00 24.18 ? 143 HIS A O   1 
ATOM   1109 C  CB  . HIS A 1 144 ? -3.510  -8.474  -11.607 1.00 23.28 ? 143 HIS A CB  1 
ATOM   1110 C  CG  . HIS A 1 144 ? -3.590  -7.659  -12.869 1.00 22.52 ? 143 HIS A CG  1 
ATOM   1111 N  ND1 . HIS A 1 144 ? -4.655  -6.813  -13.106 1.00 24.32 ? 143 HIS A ND1 1 
ATOM   1112 C  CD2 . HIS A 1 144 ? -2.723  -7.480  -13.895 1.00 26.02 ? 143 HIS A CD2 1 
ATOM   1113 C  CE1 . HIS A 1 144 ? -4.454  -6.170  -14.246 1.00 27.67 ? 143 HIS A CE1 1 
ATOM   1114 N  NE2 . HIS A 1 144 ? -3.294  -6.562  -14.747 1.00 23.81 ? 143 HIS A NE2 1 
ATOM   1115 N  N   . SER A 1 145 ? -3.133  -9.033  -8.512  1.00 24.01 ? 144 SER A N   1 
ATOM   1116 C  CA  . SER A 1 145 ? -3.489  -9.840  -7.315  1.00 24.45 ? 144 SER A CA  1 
ATOM   1117 C  C   . SER A 1 145 ? -4.025  -8.975  -6.183  1.00 24.09 ? 144 SER A C   1 
ATOM   1118 O  O   . SER A 1 145 ? -5.036  -9.333  -5.593  1.00 24.00 ? 144 SER A O   1 
ATOM   1119 C  CB  . SER A 1 145 ? -2.338  -10.782 -6.909  1.00 25.05 ? 144 SER A CB  1 
ATOM   1120 O  OG  . SER A 1 145 ? -1.254  -10.070 -6.413  1.00 31.17 ? 144 SER A OG  1 
HETATM 1121 N  N   . MSE A 1 146 ? -3.387  -7.837  -5.897  1.00 23.81 ? 145 MSE A N   1 
HETATM 1122 C  CA  . MSE A 1 146 ? -3.878  -6.939  -4.839  1.00 23.53 ? 145 MSE A CA  1 
HETATM 1123 C  C   . MSE A 1 146 ? -5.211  -6.298  -5.224  1.00 23.74 ? 145 MSE A C   1 
HETATM 1124 O  O   . MSE A 1 146 ? -6.094  -6.119  -4.384  1.00 22.59 ? 145 MSE A O   1 
HETATM 1125 C  CB  . MSE A 1 146 ? -2.838  -5.862  -4.475  1.00 23.28 ? 145 MSE A CB  1 
HETATM 1126 C  CG  . MSE A 1 146 ? -1.526  -6.306  -3.802  1.00 23.86 ? 145 MSE A CG  1 
HETATM 1127 SE SE  . MSE A 1 146 ? -1.869  -6.957  -2.071  1.00 20.93 ? 145 MSE A SE  1 
HETATM 1128 C  CE  . MSE A 1 146 ? -2.782  -5.723  -1.469  1.00 24.85 ? 145 MSE A CE  1 
ATOM   1129 N  N   . ARG A 1 147 ? -5.395  -5.962  -6.518  1.00 22.14 ? 146 ARG A N   1 
ATOM   1130 C  CA  . ARG A 1 147 ? -6.654  -5.355  -6.889  1.00 22.62 ? 146 ARG A CA  1 
ATOM   1131 C  C   . ARG A 1 147 ? -7.788  -6.345  -6.743  1.00 23.26 ? 146 ARG A C   1 
ATOM   1132 O  O   . ARG A 1 147 ? -8.890  -5.982  -6.342  1.00 24.55 ? 146 ARG A O   1 
ATOM   1133 C  CB  . ARG A 1 147 ? -6.589  -4.832  -8.323  1.00 22.36 ? 146 ARG A CB  1 
ATOM   1134 C  CG  . ARG A 1 147 ? -7.744  -3.910  -8.632  1.00 24.98 ? 146 ARG A CG  1 
ATOM   1135 C  CD  . ARG A 1 147 ? -7.632  -3.417  -10.102 1.00 25.83 ? 146 ARG A CD  1 
ATOM   1136 N  NE  . ARG A 1 147 ? -8.634  -2.356  -10.349 1.00 26.82 ? 146 ARG A NE  1 
ATOM   1137 C  CZ  . ARG A 1 147 ? -9.844  -2.555  -10.858 1.00 27.43 ? 146 ARG A CZ  1 
ATOM   1138 N  NH1 . ARG A 1 147 ? -10.253 -3.797  -11.161 1.00 28.19 ? 146 ARG A NH1 1 
ATOM   1139 N  NH2 . ARG A 1 147 ? -10.664 -1.499  -11.052 1.00 27.44 ? 146 ARG A NH2 1 
ATOM   1140 N  N   . ASP A 1 148 ? -7.507  -7.610  -7.021  1.00 23.82 ? 147 ASP A N   1 
ATOM   1141 C  CA  . ASP A 1 148 ? -8.544  -8.617  -6.901  1.00 25.38 ? 147 ASP A CA  1 
ATOM   1142 C  C   . ASP A 1 148 ? -8.854  -8.897  -5.427  1.00 24.62 ? 147 ASP A C   1 
ATOM   1143 O  O   . ASP A 1 148 ? -9.994  -9.091  -5.065  1.00 24.65 ? 147 ASP A O   1 
ATOM   1144 C  CB  . ASP A 1 148 ? -8.094  -9.914  -7.587  1.00 27.22 ? 147 ASP A CB  1 
ATOM   1145 C  CG  . ASP A 1 148 ? -8.337  -9.888  -9.091  1.00 34.39 ? 147 ASP A CG  1 
ATOM   1146 O  OD1 . ASP A 1 148 ? -9.163  -9.074  -9.578  1.00 43.79 ? 147 ASP A OD1 1 
ATOM   1147 O  OD2 . ASP A 1 148 ? -7.692  -10.713 -9.775  1.00 45.00 ? 147 ASP A OD2 1 
ATOM   1148 N  N   . LEU A 1 149 ? -7.844  -8.856  -4.597  1.00 24.06 ? 148 LEU A N   1 
ATOM   1149 C  CA  . LEU A 1 149 ? -8.057  -9.090  -3.153  1.00 25.45 ? 148 LEU A CA  1 
ATOM   1150 C  C   . LEU A 1 149 ? -8.812  -7.899  -2.529  1.00 24.61 ? 148 LEU A C   1 
ATOM   1151 O  O   . LEU A 1 149 ? -9.740  -8.108  -1.740  1.00 25.63 ? 148 LEU A O   1 
ATOM   1152 C  CB  . LEU A 1 149 ? -6.726  -9.210  -2.454  1.00 26.28 ? 148 LEU A CB  1 
ATOM   1153 C  CG  . LEU A 1 149 ? -6.780  -9.728  -1.020  1.00 33.35 ? 148 LEU A CG  1 
ATOM   1154 C  CD1 . LEU A 1 149 ? -7.011  -11.250 -0.998  1.00 38.20 ? 148 LEU A CD1 1 
ATOM   1155 C  CD2 . LEU A 1 149 ? -5.465  -9.426  -0.335  1.00 38.40 ? 148 LEU A CD2 1 
ATOM   1156 N  N   . ARG A 1 150 ? -8.454  -6.676  -2.913  1.00 22.64 ? 149 ARG A N   1 
ATOM   1157 C  CA  . ARG A 1 150 ? -8.975  -5.528  -2.211  1.00 23.42 ? 149 ARG A CA  1 
ATOM   1158 C  C   . ARG A 1 150 ? -10.218 -4.915  -2.824  1.00 23.60 ? 149 ARG A C   1 
ATOM   1159 O  O   . ARG A 1 150 ? -10.981 -4.288  -2.110  1.00 25.42 ? 149 ARG A O   1 
ATOM   1160 C  CB  . ARG A 1 150 ? -7.888  -4.488  -2.010  1.00 23.54 ? 149 ARG A CB  1 
ATOM   1161 C  CG  . ARG A 1 150 ? -7.051  -5.069  -0.828  1.00 29.48 ? 149 ARG A CG  1 
ATOM   1162 C  CD  . ARG A 1 150 ? -6.068  -4.192  -0.344  1.00 25.69 ? 149 ARG A CD  1 
ATOM   1163 N  NE  . ARG A 1 150 ? -6.549  -2.876  0.111   1.00 22.19 ? 149 ARG A NE  1 
ATOM   1164 C  CZ  . ARG A 1 150 ? -7.090  -2.588  1.286   1.00 22.40 ? 149 ARG A CZ  1 
ATOM   1165 N  NH1 . ARG A 1 150 ? -7.349  -3.539  2.183   1.00 21.69 ? 149 ARG A NH1 1 
ATOM   1166 N  NH2 . ARG A 1 150 ? -7.399  -1.300  1.542   1.00 21.93 ? 149 ARG A NH2 1 
ATOM   1167 N  N   . GLY A 1 151 ? -10.401 -5.107  -4.125  1.00 22.75 ? 150 GLY A N   1 
ATOM   1168 C  CA  . GLY A 1 151 ? -11.521 -4.490  -4.837  1.00 23.40 ? 150 GLY A CA  1 
ATOM   1169 C  C   . GLY A 1 151 ? -11.092 -3.332  -5.712  1.00 22.32 ? 150 GLY A C   1 
ATOM   1170 O  O   . GLY A 1 151 ? -11.718 -3.088  -6.756  1.00 23.96 ? 150 GLY A O   1 
ATOM   1171 N  N   . ALA A 1 152 ? -10.081 -2.565  -5.260  1.00 22.38 ? 151 ALA A N   1 
ATOM   1172 C  CA  . ALA A 1 152 ? -9.525  -1.401  -5.968  1.00 22.00 ? 151 ALA A CA  1 
ATOM   1173 C  C   . ALA A 1 152 ? -8.111  -1.209  -5.398  1.00 21.91 ? 151 ALA A C   1 
ATOM   1174 O  O   . ALA A 1 152 ? -7.895  -1.402  -4.191  1.00 21.60 ? 151 ALA A O   1 
ATOM   1175 C  CB  . ALA A 1 152 ? -10.371 -0.131  -5.723  1.00 22.40 ? 151 ALA A CB  1 
ATOM   1176 N  N   . PHE A 1 153 ? -7.162  -0.835  -6.258  1.00 20.82 ? 152 PHE A N   1 
ATOM   1177 C  CA  . PHE A 1 153 ? -5.759  -0.716  -5.827  1.00 21.41 ? 152 PHE A CA  1 
ATOM   1178 C  C   . PHE A 1 153 ? -5.037  0.156   -6.822  1.00 22.71 ? 152 PHE A C   1 
ATOM   1179 O  O   . PHE A 1 153 ? -5.020  -0.178  -8.022  1.00 23.44 ? 152 PHE A O   1 
ATOM   1180 C  CB  . PHE A 1 153 ? -5.139  -2.123  -5.802  1.00 20.82 ? 152 PHE A CB  1 
ATOM   1181 C  CG  . PHE A 1 153 ? -3.692  -2.168  -5.343  1.00 23.16 ? 152 PHE A CG  1 
ATOM   1182 C  CD1 . PHE A 1 153 ? -3.344  -1.908  -4.011  1.00 21.81 ? 152 PHE A CD1 1 
ATOM   1183 C  CD2 . PHE A 1 153 ? -2.700  -2.544  -6.230  1.00 24.78 ? 152 PHE A CD2 1 
ATOM   1184 C  CE1 . PHE A 1 153 ? -2.000  -1.975  -3.567  1.00 24.02 ? 152 PHE A CE1 1 
ATOM   1185 C  CE2 . PHE A 1 153 ? -1.323  -2.643  -5.799  1.00 25.22 ? 152 PHE A CE2 1 
ATOM   1186 C  CZ  . PHE A 1 153 ? -0.971  -2.355  -4.486  1.00 23.12 ? 152 PHE A CZ  1 
ATOM   1187 N  N   . VAL A 1 154 ? -4.438  1.261   -6.335  1.00 21.91 ? 153 VAL A N   1 
ATOM   1188 C  CA  . VAL A 1 154 ? -3.709  2.237   -7.165  1.00 21.84 ? 153 VAL A CA  1 
ATOM   1189 C  C   . VAL A 1 154 ? -4.438  2.494   -8.512  1.00 22.73 ? 153 VAL A C   1 
ATOM   1190 O  O   . VAL A 1 154 ? -3.898  2.208   -9.608  1.00 23.30 ? 153 VAL A O   1 
ATOM   1191 C  CB  . VAL A 1 154 ? -2.223  1.907   -7.356  1.00 21.00 ? 153 VAL A CB  1 
ATOM   1192 C  CG1 . VAL A 1 154 ? -1.488  3.222   -7.675  1.00 23.23 ? 153 VAL A CG1 1 
ATOM   1193 C  CG2 . VAL A 1 154 ? -1.610  1.255   -6.070  1.00 21.65 ? 153 VAL A CG2 1 
ATOM   1194 N  N   . GLU A 1 155 ? -5.686  2.935   -8.408  1.00 23.46 ? 154 GLU A N   1 
ATOM   1195 C  CA  . GLU A 1 155 ? -6.453  3.331   -9.605  1.00 25.14 ? 154 GLU A CA  1 
ATOM   1196 C  C   . GLU A 1 155 ? -5.834  4.570   -10.250 1.00 26.81 ? 154 GLU A C   1 
ATOM   1197 O  O   . GLU A 1 155 ? -5.962  4.765   -11.490 1.00 27.54 ? 154 GLU A O   1 
ATOM   1198 C  CB  . GLU A 1 155 ? -7.917  3.553   -9.262  1.00 26.26 ? 154 GLU A CB  1 
ATOM   1199 C  CG  . GLU A 1 155 ? -8.533  2.343   -8.534  1.00 27.14 ? 154 GLU A CG  1 
ATOM   1200 C  CD  . GLU A 1 155 ? -8.606  1.052   -9.365  1.00 31.17 ? 154 GLU A CD  1 
ATOM   1201 O  OE1 . GLU A 1 155 ? -9.135  1.135   -10.498 1.00 27.59 ? 154 GLU A OE1 1 
ATOM   1202 O  OE2 . GLU A 1 155 ? -8.187  -0.063  -8.884  1.00 26.60 ? 154 GLU A OE2 1 
ATOM   1203 N  N   . ASN A 1 156 ? -5.125  5.375   -9.444  1.00 25.89 ? 155 ASN A N   1 
ATOM   1204 C  CA  . ASN A 1 156 ? -4.487  6.643   -9.912  1.00 25.78 ? 155 ASN A CA  1 
ATOM   1205 C  C   . ASN A 1 156 ? -3.389  6.373   -10.967 1.00 25.58 ? 155 ASN A C   1 
ATOM   1206 O  O   . ASN A 1 156 ? -2.370  5.743   -10.673 1.00 24.08 ? 155 ASN A O   1 
ATOM   1207 C  CB  . ASN A 1 156 ? -3.898  7.401   -8.696  1.00 26.31 ? 155 ASN A CB  1 
ATOM   1208 C  CG  . ASN A 1 156 ? -3.356  8.791   -9.061  1.00 27.86 ? 155 ASN A CG  1 
ATOM   1209 O  OD1 . ASN A 1 156 ? -2.732  8.946   -10.086 1.00 28.79 ? 155 ASN A OD1 1 
ATOM   1210 N  ND2 . ASN A 1 156 ? -3.540  9.776   -8.176  1.00 24.46 ? 155 ASN A ND2 1 
ATOM   1211 N  N   . PRO A 1 157 ? -3.600  6.808   -12.243 1.00 27.20 ? 156 PRO A N   1 
ATOM   1212 C  CA  . PRO A 1 157 ? -2.595  6.404   -13.239 1.00 27.04 ? 156 PRO A CA  1 
ATOM   1213 C  C   . PRO A 1 157 ? -1.264  7.172   -13.139 1.00 27.66 ? 156 PRO A C   1 
ATOM   1214 O  O   . PRO A 1 157 ? -0.219  6.627   -13.571 1.00 26.38 ? 156 PRO A O   1 
ATOM   1215 C  CB  . PRO A 1 157 ? -3.311  6.642   -14.597 1.00 28.61 ? 156 PRO A CB  1 
ATOM   1216 C  CG  . PRO A 1 157 ? -4.189  7.811   -14.323 1.00 27.74 ? 156 PRO A CG  1 
ATOM   1217 C  CD  . PRO A 1 157 ? -4.691  7.603   -12.840 1.00 27.06 ? 156 PRO A CD  1 
ATOM   1218 N  N   . SER A 1 158 ? -1.282  8.386   -12.567 1.00 25.76 ? 157 SER A N   1 
ATOM   1219 C  CA  . SER A 1 158 ? -0.010  9.077   -12.302 1.00 25.61 ? 157 SER A CA  1 
ATOM   1220 C  C   . SER A 1 158 ? 0.843   8.291   -11.292 1.00 24.92 ? 157 SER A C   1 
ATOM   1221 O  O   . SER A 1 158 ? 2.069   8.183   -11.401 1.00 23.73 ? 157 SER A O   1 
ATOM   1222 C  CB  . SER A 1 158 ? -0.290  10.476  -11.789 1.00 26.19 ? 157 SER A CB  1 
ATOM   1223 O  OG  . SER A 1 158 ? 0.908   11.137  -11.383 1.00 28.13 ? 157 SER A OG  1 
ATOM   1224 N  N   . PHE A 1 159 ? 0.176   7.745   -10.266 1.00 23.74 ? 158 PHE A N   1 
ATOM   1225 C  CA  . PHE A 1 159 ? 0.896   7.011   -9.249  1.00 23.81 ? 158 PHE A CA  1 
ATOM   1226 C  C   . PHE A 1 159 ? 1.511   5.781   -9.897  1.00 22.90 ? 158 PHE A C   1 
ATOM   1227 O  O   . PHE A 1 159 ? 2.668   5.459   -9.624  1.00 23.98 ? 158 PHE A O   1 
ATOM   1228 C  CB  . PHE A 1 159 ? -0.076  6.616   -8.112  1.00 23.11 ? 158 PHE A CB  1 
ATOM   1229 C  CG  . PHE A 1 159 ? -0.432  7.735   -7.164  1.00 25.29 ? 158 PHE A CG  1 
ATOM   1230 C  CD1 . PHE A 1 159 ? -0.023  9.061   -7.373  1.00 23.94 ? 158 PHE A CD1 1 
ATOM   1231 C  CD2 . PHE A 1 159 ? -1.205  7.437   -6.003  1.00 22.57 ? 158 PHE A CD2 1 
ATOM   1232 C  CE1 . PHE A 1 159 ? -0.349  10.078  -6.456  1.00 22.96 ? 158 PHE A CE1 1 
ATOM   1233 C  CE2 . PHE A 1 159 ? -1.563  8.470   -5.084  1.00 23.98 ? 158 PHE A CE2 1 
ATOM   1234 C  CZ  . PHE A 1 159 ? -1.138  9.772   -5.290  1.00 23.86 ? 158 PHE A CZ  1 
ATOM   1235 N  N   . LYS A 1 160 ? 0.754   5.082   -10.735 1.00 24.13 ? 159 LYS A N   1 
ATOM   1236 C  CA  . LYS A 1 160 ? 1.312   3.857   -11.382 1.00 24.00 ? 159 LYS A CA  1 
ATOM   1237 C  C   . LYS A 1 160 ? 2.493   4.219   -12.254 1.00 25.29 ? 159 LYS A C   1 
ATOM   1238 O  O   . LYS A 1 160 ? 3.527   3.528   -12.260 1.00 24.79 ? 159 LYS A O   1 
ATOM   1239 C  CB  . LYS A 1 160 ? 0.270   3.098   -12.202 1.00 24.49 ? 159 LYS A CB  1 
ATOM   1240 C  CG  . LYS A 1 160 ? -0.771  2.362   -11.302 1.00 25.21 ? 159 LYS A CG  1 
ATOM   1241 C  CD  . LYS A 1 160 ? -1.881  1.621   -12.102 1.00 25.77 ? 159 LYS A CD  1 
ATOM   1242 C  CE  . LYS A 1 160 ? -2.962  2.561   -12.624 1.00 31.41 ? 159 LYS A CE  1 
ATOM   1243 N  NZ  . LYS A 1 160 ? -4.315  1.884   -12.702 1.00 31.97 ? 159 LYS A NZ  1 
ATOM   1244 N  N   . ARG A 1 161 ? 2.357   5.335   -12.963 1.00 26.43 ? 160 ARG A N   1 
ATOM   1245 C  CA  . ARG A 1 161 ? 3.473   5.793   -13.821 1.00 27.63 ? 160 ARG A CA  1 
ATOM   1246 C  C   . ARG A 1 161 ? 4.743   6.017   -12.988 1.00 26.68 ? 160 ARG A C   1 
ATOM   1247 O  O   . ARG A 1 161 ? 5.829   5.588   -13.384 1.00 27.65 ? 160 ARG A O   1 
ATOM   1248 C  CB  . ARG A 1 161 ? 3.068   7.082   -14.574 1.00 27.26 ? 160 ARG A CB  1 
ATOM   1249 C  CG  . ARG A 1 161 ? 4.149   7.549   -15.617 1.00 32.38 ? 160 ARG A CG  1 
ATOM   1250 C  CD  . ARG A 1 161 ? 3.850   8.988   -16.068 1.00 32.68 ? 160 ARG A CD  1 
ATOM   1251 N  NE  . ARG A 1 161 ? 4.288   9.910   -15.011 1.00 39.39 ? 160 ARG A NE  1 
ATOM   1252 C  CZ  . ARG A 1 161 ? 3.495   10.709  -14.311 1.00 43.55 ? 160 ARG A CZ  1 
ATOM   1253 N  NH1 . ARG A 1 161 ? 2.182   10.773  -14.569 1.00 45.55 ? 160 ARG A NH1 1 
ATOM   1254 N  NH2 . ARG A 1 161 ? 4.032   11.469  -13.367 1.00 43.73 ? 160 ARG A NH2 1 
ATOM   1255 N  N   . GLN A 1 162 ? 4.624   6.672   -11.827 1.00 26.31 ? 161 GLN A N   1 
ATOM   1256 C  CA  . GLN A 1 162 ? 5.792   6.985   -11.000 1.00 26.73 ? 161 GLN A CA  1 
ATOM   1257 C  C   . GLN A 1 162 ? 6.457   5.732   -10.401 1.00 27.24 ? 161 GLN A C   1 
ATOM   1258 O  O   . GLN A 1 162 ? 7.693   5.630   -10.300 1.00 26.75 ? 161 GLN A O   1 
ATOM   1259 C  CB  . GLN A 1 162 ? 5.395   7.979   -9.906  1.00 25.69 ? 161 GLN A CB  1 
ATOM   1260 C  CG  . GLN A 1 162 ? 5.001   9.352   -10.453 1.00 26.93 ? 161 GLN A CG  1 
ATOM   1261 C  CD  . GLN A 1 162 ? 4.555   10.266  -9.361  1.00 27.53 ? 161 GLN A CD  1 
ATOM   1262 O  OE1 . GLN A 1 162 ? 5.319   10.531  -8.436  1.00 28.85 ? 161 GLN A OE1 1 
ATOM   1263 N  NE2 . GLN A 1 162 ? 3.315   10.790  -9.459  1.00 26.08 ? 161 GLN A NE2 1 
ATOM   1264 N  N   . ILE A 1 163 ? 5.635   4.763   -10.031 1.00 26.80 ? 162 ILE A N   1 
ATOM   1265 C  CA  . ILE A 1 163 ? 6.157   3.474   -9.534  1.00 27.89 ? 162 ILE A CA  1 
ATOM   1266 C  C   . ILE A 1 163 ? 6.892   2.730   -10.655 1.00 26.97 ? 162 ILE A C   1 
ATOM   1267 O  O   . ILE A 1 163 ? 7.973   2.158   -10.431 1.00 27.50 ? 162 ILE A O   1 
ATOM   1268 C  CB  . ILE A 1 163 ? 4.994   2.613   -8.970  1.00 27.94 ? 162 ILE A CB  1 
ATOM   1269 C  CG1 . ILE A 1 163 ? 4.397   3.306   -7.722  1.00 29.51 ? 162 ILE A CG1 1 
ATOM   1270 C  CG2 . ILE A 1 163 ? 5.520   1.203   -8.608  1.00 29.49 ? 162 ILE A CG2 1 
ATOM   1271 C  CD1 . ILE A 1 163 ? 2.897   2.847   -7.386  1.00 30.77 ? 162 ILE A CD1 1 
ATOM   1272 N  N   . ILE A 1 164 ? 6.308   2.733   -11.850 1.00 26.94 ? 163 ILE A N   1 
ATOM   1273 C  CA  . ILE A 1 164 ? 6.949   2.059   -13.004 1.00 28.01 ? 163 ILE A CA  1 
ATOM   1274 C  C   . ILE A 1 164 ? 8.310   2.734   -13.308 1.00 29.17 ? 163 ILE A C   1 
ATOM   1275 O  O   . ILE A 1 164 ? 9.323   2.048   -13.492 1.00 30.03 ? 163 ILE A O   1 
ATOM   1276 C  CB  . ILE A 1 164 ? 6.024   2.059   -14.247 1.00 27.76 ? 163 ILE A CB  1 
ATOM   1277 C  CG1 . ILE A 1 164 ? 4.860   1.091   -14.037 1.00 27.61 ? 163 ILE A CG1 1 
ATOM   1278 C  CG2 . ILE A 1 164 ? 6.803   1.651   -15.545 1.00 29.74 ? 163 ILE A CG2 1 
ATOM   1279 C  CD1 . ILE A 1 164 ? 3.586   1.383   -14.916 1.00 26.91 ? 163 ILE A CD1 1 
ATOM   1280 N  N   . GLU A 1 165 ? 8.331   4.059   -13.342 1.00 30.15 ? 164 GLU A N   1 
ATOM   1281 C  CA  . GLU A 1 165 ? 9.598   4.813   -13.592 1.00 33.21 ? 164 GLU A CA  1 
ATOM   1282 C  C   . GLU A 1 165 ? 10.679  4.512   -12.551 1.00 33.20 ? 164 GLU A C   1 
ATOM   1283 O  O   . GLU A 1 165 ? 11.875  4.384   -12.869 1.00 32.14 ? 164 GLU A O   1 
ATOM   1284 C  CB  . GLU A 1 165 ? 9.325   6.326   -13.650 1.00 33.70 ? 164 GLU A CB  1 
ATOM   1285 C  CG  . GLU A 1 165 ? 8.297   6.640   -14.754 1.00 37.98 ? 164 GLU A CG  1 
ATOM   1286 C  CD  . GLU A 1 165 ? 7.754   8.095   -14.796 1.00 40.12 ? 164 GLU A CD  1 
ATOM   1287 O  OE1 . GLU A 1 165 ? 7.595   8.765   -13.729 1.00 48.03 ? 164 GLU A OE1 1 
ATOM   1288 O  OE2 . GLU A 1 165 ? 7.431   8.546   -15.935 1.00 47.18 ? 164 GLU A OE2 1 
ATOM   1289 N  N   . LYS A 1 166 ? 10.268  4.380   -11.293 1.00 30.98 ? 165 LYS A N   1 
ATOM   1290 C  CA  . LYS A 1 166 ? 11.226  4.085   -10.233 1.00 31.56 ? 165 LYS A CA  1 
ATOM   1291 C  C   . LYS A 1 166 ? 11.772  2.638   -10.222 1.00 31.92 ? 165 LYS A C   1 
ATOM   1292 O  O   . LYS A 1 166 ? 12.975  2.440   -10.045 1.00 32.10 ? 165 LYS A O   1 
ATOM   1293 C  CB  . LYS A 1 166 ? 10.613  4.443   -8.866  1.00 31.21 ? 165 LYS A CB  1 
ATOM   1294 C  CG  . LYS A 1 166 ? 11.442  4.043   -7.640  1.00 31.66 ? 165 LYS A CG  1 
ATOM   1295 C  CD  . LYS A 1 166 ? 12.626  4.939   -7.377  1.00 33.20 ? 165 LYS A CD  1 
ATOM   1296 C  CE  . LYS A 1 166 ? 13.407  4.393   -6.188  1.00 35.35 ? 165 LYS A CE  1 
ATOM   1297 N  NZ  . LYS A 1 166 ? 14.581  5.241   -5.865  1.00 40.29 ? 165 LYS A NZ  1 
ATOM   1298 N  N   . TYR A 1 167 ? 10.890  1.648   -10.361 1.00 30.97 ? 166 TYR A N   1 
ATOM   1299 C  CA  . TYR A 1 167 ? 11.199  0.221   -10.099 1.00 31.26 ? 166 TYR A CA  1 
ATOM   1300 C  C   . TYR A 1 167 ? 11.295  -0.679  -11.322 1.00 31.99 ? 166 TYR A C   1 
ATOM   1301 O  O   . TYR A 1 167 ? 11.819  -1.825  -11.245 1.00 32.34 ? 166 TYR A O   1 
ATOM   1302 C  CB  . TYR A 1 167 ? 10.161  -0.387  -9.119  1.00 30.25 ? 166 TYR A CB  1 
ATOM   1303 C  CG  . TYR A 1 167 ? 10.179  0.311   -7.777  1.00 28.83 ? 166 TYR A CG  1 
ATOM   1304 C  CD1 . TYR A 1 167 ? 11.194  0.063   -6.854  1.00 31.61 ? 166 TYR A CD1 1 
ATOM   1305 C  CD2 . TYR A 1 167 ? 9.199   1.242   -7.439  1.00 30.45 ? 166 TYR A CD2 1 
ATOM   1306 C  CE1 . TYR A 1 167 ? 11.247  0.729   -5.589  1.00 28.39 ? 166 TYR A CE1 1 
ATOM   1307 C  CE2 . TYR A 1 167 ? 9.236   1.919   -6.187  1.00 28.79 ? 166 TYR A CE2 1 
ATOM   1308 C  CZ  . TYR A 1 167 ? 10.263  1.646   -5.275  1.00 27.92 ? 166 TYR A CZ  1 
ATOM   1309 O  OH  . TYR A 1 167 ? 10.307  2.297   -4.050  1.00 28.51 ? 166 TYR A OH  1 
ATOM   1310 N  N   . VAL A 1 168 ? 10.750  -0.213  -12.441 1.00 32.08 ? 167 VAL A N   1 
ATOM   1311 C  CA  . VAL A 1 168 ? 10.776  -1.016  -13.660 1.00 33.55 ? 167 VAL A CA  1 
ATOM   1312 C  C   . VAL A 1 168 ? 11.673  -0.314  -14.689 1.00 34.91 ? 167 VAL A C   1 
ATOM   1313 O  O   . VAL A 1 168 ? 12.615  -0.959  -15.167 1.00 38.30 ? 167 VAL A O   1 
ATOM   1314 C  CB  . VAL A 1 168 ? 9.379   -1.212  -14.258 1.00 33.30 ? 167 VAL A CB  1 
ATOM   1315 C  CG1 . VAL A 1 168 ? 9.445   -2.127  -15.510 1.00 35.70 ? 167 VAL A CG1 1 
ATOM   1316 C  CG2 . VAL A 1 168 ? 8.451   -1.811  -13.211 1.00 32.69 ? 167 VAL A CG2 1 
HETATM 1317 O  O   . HOH B 2 .   ? -12.939 -5.164  12.798  1.00 70.47 ? 172 HOH A O   1 
HETATM 1318 O  O   . HOH B 2 .   ? -0.648  -23.813 -11.014 1.00 63.05 ? 173 HOH A O   1 
HETATM 1319 O  O   . HOH B 2 .   ? -7.075  -2.077  12.367  1.00 25.40 ? 174 HOH A O   1 
HETATM 1320 O  O   . HOH B 2 .   ? -12.214 1.650   1.788   1.00 23.92 ? 175 HOH A O   1 
HETATM 1321 O  O   . HOH B 2 .   ? -1.346  -1.527  19.388  1.00 35.09 ? 176 HOH A O   1 
HETATM 1322 O  O   . HOH B 2 .   ? 13.136  -6.015  6.205   1.00 35.14 ? 177 HOH A O   1 
HETATM 1323 O  O   . HOH B 2 .   ? -1.182  6.928   19.585  1.00 35.66 ? 178 HOH A O   1 
HETATM 1324 O  O   . HOH B 2 .   ? -6.177  -1.142  -2.063  1.00 21.17 ? 179 HOH A O   1 
HETATM 1325 O  O   . HOH B 2 .   ? -3.111  -2.963  17.953  1.00 23.51 ? 180 HOH A O   1 
HETATM 1326 O  O   . HOH B 2 .   ? -2.878  0.426   20.965  1.00 36.76 ? 181 HOH A O   1 
HETATM 1327 O  O   . HOH B 2 .   ? -1.992  9.573   19.330  1.00 31.73 ? 182 HOH A O   1 
HETATM 1328 O  O   . HOH B 2 .   ? -10.033 5.048   17.462  1.00 33.45 ? 183 HOH A O   1 
HETATM 1329 O  O   . HOH B 2 .   ? 0.154   12.388  -9.233  1.00 31.27 ? 184 HOH A O   1 
HETATM 1330 O  O   . HOH B 2 .   ? -8.247  -8.005  16.527  1.00 27.37 ? 185 HOH A O   1 
HETATM 1331 O  O   . HOH B 2 .   ? -0.613  12.375  15.657  1.00 31.50 ? 186 HOH A O   1 
HETATM 1332 O  O   . HOH B 2 .   ? 13.932  2.363   -14.572 1.00 52.53 ? 187 HOH A O   1 
HETATM 1333 O  O   . HOH B 2 .   ? 2.017   -8.812  12.206  1.00 27.86 ? 188 HOH A O   1 
HETATM 1334 O  O   . HOH B 2 .   ? -5.187  13.744  -1.432  1.00 29.29 ? 189 HOH A O   1 
HETATM 1335 O  O   . HOH B 2 .   ? -13.982 4.235   -1.589  0.50 27.35 ? 190 HOH A O   1 
HETATM 1336 O  O   . HOH B 2 .   ? -12.517 4.476   5.684   1.00 32.02 ? 191 HOH A O   1 
HETATM 1337 O  O   . HOH B 2 .   ? -5.841  -12.623 19.593  1.00 23.61 ? 192 HOH A O   1 
HETATM 1338 O  O   . HOH B 2 .   ? 0.083   10.940  18.130  1.00 36.89 ? 193 HOH A O   1 
HETATM 1339 O  O   . HOH B 2 .   ? 1.110   12.028  13.460  1.00 28.45 ? 194 HOH A O   1 
HETATM 1340 O  O   . HOH B 2 .   ? -8.881  11.269  -2.936  1.00 43.46 ? 195 HOH A O   1 
HETATM 1341 O  O   . HOH B 2 .   ? -5.647  7.900   -1.829  1.00 23.72 ? 196 HOH A O   1 
HETATM 1342 O  O   . HOH B 2 .   ? -11.484 -1.892  10.537  1.00 25.18 ? 197 HOH A O   1 
HETATM 1343 O  O   . HOH B 2 .   ? -9.170  -1.447  3.920   1.00 22.28 ? 198 HOH A O   1 
HETATM 1344 O  O   . HOH B 2 .   ? 4.429   10.454  15.789  1.00 31.11 ? 199 HOH A O   1 
HETATM 1345 O  O   . HOH B 2 .   ? 2.005   13.923  -2.729  1.00 32.25 ? 200 HOH A O   1 
HETATM 1346 O  O   . HOH B 2 .   ? -7.071  -5.059  -18.520 1.00 39.35 ? 201 HOH A O   1 
HETATM 1347 O  O   . HOH B 2 .   ? 6.152   11.294  13.936  1.00 55.02 ? 202 HOH A O   1 
HETATM 1348 O  O   . HOH B 2 .   ? -17.974 -0.227  -3.175  1.00 36.11 ? 203 HOH A O   1 
HETATM 1349 O  O   . HOH B 2 .   ? 2.911   -14.566 11.539  1.00 37.81 ? 204 HOH A O   1 
HETATM 1350 O  O   . HOH B 2 .   ? -7.500  5.858   -1.930  1.00 23.16 ? 205 HOH A O   1 
HETATM 1351 O  O   . HOH B 2 .   ? 5.241   16.170  -3.822  1.00 39.80 ? 206 HOH A O   1 
HETATM 1352 O  O   . HOH B 2 .   ? -17.946 0.336   1.250   1.00 36.73 ? 207 HOH A O   1 
HETATM 1353 O  O   . HOH B 2 .   ? -9.878  -5.000  9.151   1.00 28.30 ? 208 HOH A O   1 
HETATM 1354 O  O   . HOH B 2 .   ? -18.526 1.537   -1.175  1.00 27.25 ? 209 HOH A O   1 
HETATM 1355 O  O   . HOH B 2 .   ? -13.556 -2.288  8.730   1.00 34.08 ? 210 HOH A O   1 
HETATM 1356 O  O   . HOH B 2 .   ? -13.602 -0.935  6.289   1.00 24.72 ? 211 HOH A O   1 
HETATM 1357 O  O   . HOH B 2 .   ? -9.974  11.438  13.076  1.00 38.93 ? 212 HOH A O   1 
HETATM 1358 O  O   . HOH B 2 .   ? -1.447  11.713  12.159  1.00 26.37 ? 213 HOH A O   1 
HETATM 1359 O  O   . HOH B 2 .   ? -15.704 4.277   -4.184  1.00 53.44 ? 214 HOH A O   1 
HETATM 1360 O  O   . HOH B 2 .   ? 11.726  7.832   -9.947  1.00 49.23 ? 215 HOH A O   1 
HETATM 1361 O  O   . HOH B 2 .   ? -7.746  -6.374  13.649  1.00 29.92 ? 216 HOH A O   1 
HETATM 1362 O  O   . HOH B 2 .   ? -12.821 -4.998  -8.222  1.00 36.19 ? 217 HOH A O   1 
HETATM 1363 O  O   . HOH B 2 .   ? 12.535  8.274   -3.191  1.00 34.34 ? 218 HOH A O   1 
HETATM 1364 O  O   . HOH B 2 .   ? -1.457  -11.114 11.817  1.00 32.54 ? 219 HOH A O   1 
HETATM 1365 O  O   . HOH B 2 .   ? 9.208   7.875   -10.284 1.00 31.82 ? 220 HOH A O   1 
HETATM 1366 O  O   . HOH B 2 .   ? -6.929  -7.287  -11.245 1.00 31.03 ? 221 HOH A O   1 
HETATM 1367 O  O   . HOH B 2 .   ? 12.580  2.121   -2.596  1.00 30.15 ? 222 HOH A O   1 
HETATM 1368 O  O   . HOH B 2 .   ? -8.099  7.746   0.060   1.00 25.29 ? 223 HOH A O   1 
HETATM 1369 O  O   . HOH B 2 .   ? 0.780   -12.383 3.147   1.00 48.42 ? 224 HOH A O   1 
HETATM 1370 O  O   . HOH B 2 .   ? 4.618   12.523  11.642  1.00 34.13 ? 225 HOH A O   1 
HETATM 1371 O  O   . HOH B 2 .   ? 2.840   -11.865 1.150   1.00 35.85 ? 226 HOH A O   1 
HETATM 1372 O  O   . HOH B 2 .   ? 1.240   -9.144  15.157  1.00 33.79 ? 227 HOH A O   1 
HETATM 1373 O  O   . HOH B 2 .   ? -9.693  1.040   18.227  1.00 36.70 ? 228 HOH A O   1 
HETATM 1374 O  O   . HOH B 2 .   ? 8.078   -8.394  -2.699  1.00 33.77 ? 229 HOH A O   1 
HETATM 1375 O  O   . HOH B 2 .   ? 15.587  0.033   6.370   1.00 38.38 ? 230 HOH A O   1 
HETATM 1376 O  O   . HOH B 2 .   ? 1.068   -9.759  -0.620  1.00 57.04 ? 231 HOH A O   1 
HETATM 1377 O  O   . HOH B 2 .   ? 13.086  -3.139  -9.292  1.00 37.06 ? 232 HOH A O   1 
HETATM 1378 O  O   . HOH B 2 .   ? 1.393   -16.525 2.079   1.00 72.86 ? 233 HOH A O   1 
HETATM 1379 O  O   . HOH B 2 .   ? -1.002  -10.990 0.187   1.00 63.00 ? 234 HOH A O   1 
HETATM 1380 O  O   . HOH B 2 .   ? 2.271   9.231   17.555  1.00 38.00 ? 235 HOH A O   1 
HETATM 1381 O  O   . HOH B 2 .   ? -11.076 3.021   -11.009 1.00 37.29 ? 236 HOH A O   1 
HETATM 1382 O  O   . HOH B 2 .   ? -15.056 -7.790  2.076   1.00 42.32 ? 237 HOH A O   1 
HETATM 1383 O  O   . HOH B 2 .   ? 13.795  4.172   8.369   1.00 47.28 ? 238 HOH A O   1 
HETATM 1384 O  O   . HOH B 2 .   ? -2.765  -9.989  20.623  1.00 32.09 ? 239 HOH A O   1 
HETATM 1385 O  O   . HOH B 2 .   ? -4.812  -9.996  5.099   1.00 42.60 ? 240 HOH A O   1 
HETATM 1386 O  O   . HOH B 2 .   ? -15.554 0.258   2.439   1.00 32.89 ? 241 HOH A O   1 
HETATM 1387 O  O   . HOH B 2 .   ? -9.363  6.631   -8.003  1.00 38.12 ? 242 HOH A O   1 
HETATM 1388 O  O   . HOH B 2 .   ? 4.763   17.648  -7.691  1.00 37.17 ? 243 HOH A O   1 
HETATM 1389 O  O   . HOH B 2 .   ? 5.355   -13.697 12.411  1.00 48.74 ? 244 HOH A O   1 
HETATM 1390 O  O   . HOH B 2 .   ? -3.255  -11.023 3.349   1.00 42.73 ? 245 HOH A O   1 
HETATM 1391 O  O   . HOH B 2 .   ? 3.351   -21.255 -13.082 1.00 66.52 ? 246 HOH A O   1 
HETATM 1392 O  O   . HOH B 2 .   ? -7.401  13.482  16.173  1.00 34.93 ? 247 HOH A O   1 
HETATM 1393 O  O   . HOH B 2 .   ? 6.214   -13.251 -10.711 1.00 45.09 ? 248 HOH A O   1 
HETATM 1394 O  O   . HOH B 2 .   ? 13.180  6.104   6.322   1.00 34.62 ? 249 HOH A O   1 
HETATM 1395 O  O   . HOH B 2 .   ? -10.766 -4.010  11.657  1.00 47.40 ? 250 HOH A O   1 
HETATM 1396 O  O   . HOH B 2 .   ? 4.255   15.063  2.863   1.00 35.25 ? 251 HOH A O   1 
HETATM 1397 O  O   . HOH B 2 .   ? 10.915  11.773  1.830   1.00 47.89 ? 252 HOH A O   1 
HETATM 1398 O  O   . HOH B 2 .   ? -9.744  -3.646  15.868  1.00 34.11 ? 253 HOH A O   1 
HETATM 1399 O  O   . HOH B 2 .   ? -7.636  -8.472  3.063   1.00 45.64 ? 254 HOH A O   1 
HETATM 1400 O  O   . HOH B 2 .   ? 3.172   -12.660 4.284   1.00 50.91 ? 255 HOH A O   1 
HETATM 1401 O  O   . HOH B 2 .   ? -0.147  8.325   -16.670 1.00 56.59 ? 256 HOH A O   1 
HETATM 1402 O  O   . HOH B 2 .   ? 9.827   -6.196  18.188  1.00 48.51 ? 257 HOH A O   1 
HETATM 1403 O  O   . HOH B 2 .   ? 14.465  3.616   -12.129 1.00 48.43 ? 258 HOH A O   1 
HETATM 1404 O  O   . HOH B 2 .   ? 12.655  9.194   -0.112  1.00 30.97 ? 259 HOH A O   1 
HETATM 1405 O  O   . HOH B 2 .   ? 15.105  2.817   0.643   1.00 47.62 ? 260 HOH A O   1 
HETATM 1406 O  O   . HOH B 2 .   ? -16.413 1.434   -9.869  1.00 41.81 ? 261 HOH A O   1 
HETATM 1407 O  O   . HOH B 2 .   ? 14.148  -4.542  -5.773  1.00 52.08 ? 262 HOH A O   1 
HETATM 1408 O  O   . HOH B 2 .   ? -10.157 -4.967  1.653   1.00 38.55 ? 263 HOH A O   1 
HETATM 1409 O  O   . HOH B 2 .   ? 9.516   9.501   5.798   1.00 55.58 ? 264 HOH A O   1 
HETATM 1410 O  O   . HOH B 2 .   ? 3.798   -5.945  18.491  1.00 30.68 ? 265 HOH A O   1 
HETATM 1411 O  O   . HOH B 2 .   ? -17.062 -2.828  -0.909  1.00 45.10 ? 266 HOH A O   1 
HETATM 1412 O  O   . HOH B 2 .   ? 10.625  -3.832  18.931  1.00 53.43 ? 267 HOH A O   1 
HETATM 1413 O  O   . HOH B 2 .   ? 11.317  -4.932  -8.354  1.00 33.49 ? 268 HOH A O   1 
HETATM 1414 O  O   . HOH B 2 .   ? 2.841   14.093  12.902  1.00 37.62 ? 269 HOH A O   1 
HETATM 1415 O  O   . HOH B 2 .   ? 6.582   -5.558  17.965  1.00 38.75 ? 270 HOH A O   1 
HETATM 1416 O  O   . HOH B 2 .   ? -15.464 0.422   13.328  1.00 39.26 ? 271 HOH A O   1 
HETATM 1417 O  O   . HOH B 2 .   ? -8.860  -3.964  13.317  1.00 34.56 ? 272 HOH A O   1 
HETATM 1418 O  O   . HOH B 2 .   ? 14.239  -0.016  1.058   1.00 41.23 ? 273 HOH A O   1 
HETATM 1419 O  O   . HOH B 2 .   ? -7.387  9.629   -7.764  1.00 49.77 ? 274 HOH A O   1 
HETATM 1420 O  O   . HOH B 2 .   ? 10.372  14.775  1.305   1.00 43.62 ? 275 HOH A O   1 
HETATM 1421 O  O   . HOH B 2 .   ? 5.514   -9.508  14.315  1.00 35.55 ? 276 HOH A O   1 
HETATM 1422 O  O   . HOH B 2 .   ? -7.110  0.601   -12.391 1.00 38.91 ? 277 HOH A O   1 
HETATM 1423 O  O   . HOH B 2 .   ? 12.825  -2.430  1.134   1.00 34.53 ? 278 HOH A O   1 
HETATM 1424 O  O   . HOH B 2 .   ? 9.404   7.969   7.901   1.00 48.41 ? 279 HOH A O   1 
HETATM 1425 O  O   . HOH B 2 .   ? -13.742 3.720   2.431   1.00 47.43 ? 280 HOH A O   1 
HETATM 1426 O  O   . HOH B 2 .   ? -9.953  -6.710  18.410  1.00 44.24 ? 281 HOH A O   1 
HETATM 1427 O  O   . HOH B 2 .   ? 3.584   -9.854  16.038  1.00 46.07 ? 282 HOH A O   1 
HETATM 1428 O  O   . HOH B 2 .   ? 6.808   12.660  -10.410 1.00 43.59 ? 283 HOH A O   1 
HETATM 1429 O  O   . HOH B 2 .   ? 0.519   17.687  1.140   1.00 52.10 ? 284 HOH A O   1 
HETATM 1430 O  O   . HOH B 2 .   ? 3.821   -10.829 12.834  1.00 49.85 ? 285 HOH A O   1 
HETATM 1431 O  O   . HOH B 2 .   ? 5.987   -14.639 -8.275  1.00 57.80 ? 286 HOH A O   1 
HETATM 1432 O  O   . HOH B 2 .   ? 8.414   9.937   -11.762 1.00 53.44 ? 287 HOH A O   1 
HETATM 1433 O  O   . HOH B 2 .   ? 9.686   -10.010 9.233   1.00 39.59 ? 288 HOH A O   1 
HETATM 1434 O  O   . HOH B 2 .   ? 4.257   14.380  -10.832 1.00 49.93 ? 289 HOH A O   1 
HETATM 1435 O  O   . HOH B 2 .   ? -9.552  -6.621  -11.242 1.00 40.54 ? 290 HOH A O   1 
HETATM 1436 O  O   . HOH B 2 .   ? 1.948   -10.072 -3.042  1.00 59.29 ? 291 HOH A O   1 
HETATM 1437 O  O   . HOH B 2 .   ? 10.345  1.733   -17.288 1.00 54.99 ? 292 HOH A O   1 
HETATM 1438 O  O   . HOH B 2 .   ? -7.217  -8.251  8.284   1.00 40.24 ? 293 HOH A O   1 
HETATM 1439 O  O   . HOH B 2 .   ? -9.437  9.502   -5.887  1.00 59.10 ? 294 HOH A O   1 
HETATM 1440 O  O   . HOH B 2 .   ? -12.237 0.246   17.901  1.00 50.26 ? 295 HOH A O   1 
HETATM 1441 O  O   . HOH B 2 .   ? 4.962   16.399  -1.213  1.00 41.10 ? 296 HOH A O   1 
HETATM 1442 O  O   . HOH B 2 .   ? -12.162 -5.808  0.101   1.00 41.48 ? 297 HOH A O   1 
HETATM 1443 O  O   . HOH B 2 .   ? 15.721  -2.562  7.003   1.00 55.71 ? 298 HOH A O   1 
HETATM 1444 O  O   . HOH B 2 .   ? -11.088 -6.506  -8.872  1.00 48.21 ? 299 HOH A O   1 
HETATM 1445 O  O   . HOH B 2 .   ? 10.826  -13.238 -13.489 1.00 53.71 ? 300 HOH A O   1 
HETATM 1446 O  O   . HOH B 2 .   ? -14.480 -6.576  -3.840  1.00 55.78 ? 301 HOH A O   1 
HETATM 1447 O  O   . HOH B 2 .   ? 14.351  0.563   -3.405  1.00 52.56 ? 302 HOH A O   1 
HETATM 1448 O  O   . HOH B 2 .   ? 0.932   -12.217 17.753  1.00 40.92 ? 303 HOH A O   1 
HETATM 1449 O  O   . HOH B 2 .   ? 4.277   2.378   20.368  1.00 56.56 ? 304 HOH A O   1 
HETATM 1450 O  O   . HOH B 2 .   ? 10.425  0.027   12.887  1.00 38.25 ? 305 HOH A O   1 
HETATM 1451 O  O   . HOH B 2 .   ? 11.251  -5.790  -16.274 1.00 46.79 ? 306 HOH A O   1 
HETATM 1452 O  O   . HOH B 2 .   ? 10.062  7.356   10.294  1.00 58.28 ? 307 HOH A O   1 
HETATM 1453 O  O   . HOH B 2 .   ? 13.996  6.659   -11.063 1.00 57.27 ? 308 HOH A O   1 
HETATM 1454 O  O   . HOH B 2 .   ? 6.220   2.473   18.639  1.00 60.37 ? 309 HOH A O   1 
HETATM 1455 O  O   . HOH B 2 .   ? 7.535   -10.901 5.342   1.00 38.93 ? 310 HOH A O   1 
HETATM 1456 O  O   . HOH B 2 .   ? 1.656   16.361  10.980  1.00 40.48 ? 311 HOH A O   1 
HETATM 1457 O  O   . HOH B 2 .   ? 5.302   -10.819 1.070   1.00 56.70 ? 312 HOH A O   1 
HETATM 1458 O  O   . HOH B 2 .   ? 16.235  2.796   8.045   1.00 57.71 ? 313 HOH A O   1 
HETATM 1459 O  O   . HOH B 2 .   ? -5.380  -11.650 2.152   1.00 44.26 ? 314 HOH A O   1 
HETATM 1460 O  O   . HOH B 2 .   ? 7.943   0.589   18.490  1.00 58.83 ? 315 HOH A O   1 
HETATM 1461 O  O   . HOH B 2 .   ? 15.734  6.600   4.913   1.00 55.64 ? 316 HOH A O   1 
HETATM 1462 O  O   . HOH B 2 .   ? -10.456 -7.570  1.069   1.00 39.73 ? 317 HOH A O   1 
HETATM 1463 O  O   . HOH B 2 .   ? 9.283   -8.451  4.422   1.00 53.60 ? 318 HOH A O   1 
HETATM 1464 O  O   . HOH B 2 .   ? -5.710  15.359  -10.955 1.00 55.96 ? 319 HOH A O   1 
HETATM 1465 O  O   . HOH B 2 .   ? 9.462   -8.611  1.810   1.00 66.99 ? 320 HOH A O   1 
HETATM 1466 O  O   . HOH B 2 .   ? 2.780   7.994   20.562  1.00 53.78 ? 321 HOH A O   1 
HETATM 1467 O  O   . HOH B 2 .   ? 15.988  -0.119  3.294   1.00 55.70 ? 322 HOH A O   1 
HETATM 1468 O  O   . HOH B 2 .   ? 13.491  12.406  -1.426  1.00 56.94 ? 323 HOH A O   1 
HETATM 1469 O  O   . HOH B 2 .   ? 4.432   6.066   21.527  1.00 57.25 ? 324 HOH A O   1 
HETATM 1470 O  O   . HOH B 2 .   ? -16.004 2.688   -6.197  1.00 56.67 ? 325 HOH A O   1 
HETATM 1471 O  O   . HOH B 2 .   ? 12.524  -8.568  7.188   1.00 46.17 ? 326 HOH A O   1 
HETATM 1472 O  O   . HOH B 2 .   ? 11.152  10.543  8.195   1.00 48.51 ? 327 HOH A O   1 
HETATM 1473 O  O   . HOH B 2 .   ? 1.169   12.737  19.734  1.00 49.20 ? 328 HOH A O   1 
HETATM 1474 O  O   . HOH B 2 .   ? 6.169   18.706  -1.204  1.00 50.04 ? 329 HOH A O   1 
HETATM 1475 O  O   . HOH B 2 .   ? -0.056  12.587  -14.887 1.00 51.26 ? 330 HOH A O   1 
HETATM 1476 O  O   . HOH B 2 .   ? 1.916   0.446   20.109  1.00 41.12 ? 331 HOH A O   1 
HETATM 1477 O  O   . HOH B 2 .   ? 14.816  1.162   -8.264  1.00 56.51 ? 332 HOH A O   1 
HETATM 1478 O  O   . HOH B 2 .   ? 13.133  -7.504  17.081  1.00 63.55 ? 333 HOH A O   1 
HETATM 1479 O  O   . HOH B 2 .   ? 3.566   -13.912 6.534   1.00 56.23 ? 334 HOH A O   1 
HETATM 1480 O  O   . HOH B 2 .   ? -1.353  18.584  5.775   1.00 58.50 ? 335 HOH A O   1 
HETATM 1481 O  O   . HOH B 2 .   ? 9.712   -10.536 -2.760  1.00 45.73 ? 336 HOH A O   1 
HETATM 1482 O  O   . HOH B 2 .   ? 7.091   -14.570 -5.374  1.00 67.41 ? 337 HOH A O   1 
HETATM 1483 O  O   . HOH B 2 .   ? 0.888   -0.226  24.794  1.00 51.04 ? 338 HOH A O   1 
HETATM 1484 O  O   . HOH B 2 .   ? -8.923  10.139  15.687  1.00 47.70 ? 339 HOH A O   1 
HETATM 1485 O  O   . HOH B 2 .   ? 14.888  -8.328  -9.931  1.00 63.08 ? 340 HOH A O   1 
HETATM 1486 O  O   . HOH B 2 .   ? -2.659  18.457  9.714   1.00 44.35 ? 341 HOH A O   1 
HETATM 1487 O  O   . HOH B 2 .   ? -2.095  10.719  21.733  1.00 52.76 ? 342 HOH A O   1 
HETATM 1488 O  O   . HOH B 2 .   ? 4.771   18.536  -5.311  1.00 59.00 ? 343 HOH A O   1 
HETATM 1489 O  O   . HOH B 2 .   ? 13.375  2.287   16.937  1.00 59.74 ? 344 HOH A O   1 
HETATM 1490 O  O   . HOH B 2 .   ? 9.479   11.041  10.677  1.00 65.57 ? 345 HOH A O   1 
HETATM 1491 O  O   . HOH B 2 .   ? 4.159   -8.443  18.050  1.00 54.89 ? 346 HOH A O   1 
HETATM 1492 O  O   . HOH B 2 .   ? 1.886   -2.082  20.885  1.00 55.70 ? 347 HOH A O   1 
HETATM 1493 O  O   . HOH B 2 .   ? 3.212   -14.747 2.896   1.00 53.15 ? 348 HOH A O   1 
HETATM 1494 O  O   . HOH B 2 .   ? -13.246 -8.082  -0.012  1.00 66.89 ? 349 HOH A O   1 
HETATM 1495 O  O   . HOH B 2 .   ? -7.137  13.327  -10.150 1.00 59.16 ? 350 HOH A O   1 
HETATM 1496 O  O   . HOH B 2 .   ? 3.343   -11.870 17.788  1.00 56.85 ? 351 HOH A O   1 
HETATM 1497 O  O   . HOH B 2 .   ? 16.634  4.673   1.365   1.00 51.46 ? 352 HOH A O   1 
HETATM 1498 O  O   . HOH B 2 .   ? 8.025   -8.397  18.388  1.00 59.19 ? 353 HOH A O   1 
HETATM 1499 O  O   . HOH B 2 .   ? 15.705  -0.762  -1.629  1.00 56.98 ? 354 HOH A O   1 
HETATM 1500 O  O   . HOH B 2 .   ? 8.362   17.420  -6.578  1.00 58.56 ? 355 HOH A O   1 
HETATM 1501 O  O   . HOH B 2 .   ? 3.374   19.375  -9.075  1.00 57.09 ? 356 HOH A O   1 
HETATM 1502 O  O   . HOH B 2 .   ? 16.121  4.962   -8.073  1.00 53.33 ? 357 HOH A O   1 
HETATM 1503 O  O   . HOH B 2 .   ? 6.640   -12.006 13.970  1.00 66.67 ? 358 HOH A O   1 
HETATM 1504 O  O   . HOH B 2 .   ? 0.907   -21.484 -12.177 1.00 63.53 ? 359 HOH A O   1 
HETATM 1505 O  O   . HOH B 2 .   ? -8.815  -21.006 -17.962 1.00 67.28 ? 360 HOH A O   1 
HETATM 1506 O  O   . HOH B 2 .   ? -1.761  8.746   23.365  1.00 57.40 ? 361 HOH A O   1 
# 
